data_7DLW
#
_entry.id   7DLW
#
_cell.length_a   66.877
_cell.length_b   69.353
_cell.length_c   85.400
_cell.angle_alpha   97.700
_cell.angle_beta   94.970
_cell.angle_gamma   106.500
#
_symmetry.space_group_name_H-M   'P 1'
#
loop_
_entity.id
_entity.type
_entity.pdbx_description
1 polymer '1-aminocyclopropane-1-carboxylate synthase 7'
2 non-polymer '(2E,3E)-4-(2-aminoethoxy)-2-[({3-hydroxy-2-methyl-5-[(phosphonooxy)methyl]pyridin-4-yl}methyl)imino]but-3-enoic acid'
3 non-polymer 'SULFATE ION'
4 water water
#
_entity_poly.entity_id   1
_entity_poly.type   'polypeptide(L)'
_entity_poly.pdbx_seq_one_letter_code
;MGLPLMMERSSNNNNVELSRVAVSDTHGEDSPYFAGWKAYDENPYDESHNPSGVIQMGLAENQVSFDLLETYLEKKNPEG
SMWGSKGAPGFRENALFQDYHGLKTFRQAMASFMEQIRGGKARFDPDRIVLTAGATAANELLTFILADPNDALLVPTPYY
PGFDRDLRWRTGVKIVPIHCDSSNHFQITPEALESAYQTARDANIRVRGVLITNPSNPLGATVQKKVLEDLLDFCVRKNI
HLVSDEIYSGSVFHASEFTSVAEIVENIDDVSVKERVHIVYSLSKDLGLPGFRVGTIYSYNDNVVRTARRMSSFTLVSSQ
TQHMLASMLSDEEFTEKYIRINRERLRRRYDTIVEGLKKAGIECLKGNAGLFCWMNLGFLLEKKTKDGELQLWDVILKEL
NLNISPGSSCHCSEVGWFRVCFANMSENTLEIALKRIHEFMDRRRRF
;
_entity_poly.pdbx_strand_id   A,B,C,D
#
loop_
_chem_comp.id
_chem_comp.type
_chem_comp.name
_chem_comp.formula
PPG non-polymer '(2E,3E)-4-(2-aminoethoxy)-2-[({3-hydroxy-2-methyl-5-[(phosphonooxy)methyl]pyridin-4-yl}methyl)imino]but-3-enoic acid' 'C14 H20 N3 O8 P'
SO4 non-polymer 'SULFATE ION' 'O4 S -2'
#
# COMPACT_ATOMS: atom_id res chain seq x y z
N ASN A 15 6.89 -11.69 -23.35
CA ASN A 15 7.00 -10.51 -22.50
C ASN A 15 6.85 -9.19 -23.25
N VAL A 16 6.27 -8.19 -22.57
CA VAL A 16 5.79 -6.99 -23.24
C VAL A 16 6.95 -6.12 -23.68
N GLU A 17 6.76 -5.44 -24.80
CA GLU A 17 7.69 -4.43 -25.27
C GLU A 17 7.16 -3.05 -24.92
N LEU A 18 8.09 -2.15 -24.63
CA LEU A 18 7.81 -0.73 -24.46
C LEU A 18 8.39 0.05 -25.63
N SER A 19 8.06 1.34 -25.68
CA SER A 19 8.51 2.17 -26.78
C SER A 19 10.02 2.41 -26.69
N ARG A 20 10.61 2.91 -27.78
CA ARG A 20 12.02 3.32 -27.75
C ARG A 20 12.25 4.41 -26.72
N VAL A 21 11.32 5.38 -26.63
CA VAL A 21 11.38 6.42 -25.60
C VAL A 21 11.45 5.79 -24.22
N ALA A 22 10.68 4.73 -23.98
CA ALA A 22 10.63 4.15 -22.63
C ALA A 22 11.92 3.43 -22.27
N VAL A 23 12.56 2.77 -23.24
CA VAL A 23 13.78 2.02 -22.97
C VAL A 23 15.03 2.87 -23.20
N SER A 24 14.86 4.08 -23.72
CA SER A 24 15.95 5.00 -23.95
C SER A 24 16.65 5.38 -22.67
N ASP A 25 17.91 5.77 -22.83
CA ASP A 25 18.73 6.35 -21.77
C ASP A 25 18.48 7.84 -21.58
N THR A 26 17.66 8.45 -22.45
CA THR A 26 17.48 9.90 -22.44
C THR A 26 16.79 10.42 -21.18
N HIS A 27 16.23 9.54 -20.34
CA HIS A 27 15.77 10.00 -19.03
C HIS A 27 16.91 10.59 -18.21
N GLY A 28 18.15 10.23 -18.53
CA GLY A 28 19.31 10.90 -18.01
C GLY A 28 19.65 10.59 -16.58
N GLU A 29 19.09 9.50 -16.05
CA GLU A 29 19.31 9.20 -14.62
C GLU A 29 20.51 8.29 -14.40
N ASP A 30 21.01 7.64 -15.44
CA ASP A 30 22.25 6.87 -15.37
C ASP A 30 23.44 7.82 -15.53
N SER A 31 23.50 8.80 -14.64
CA SER A 31 24.34 9.97 -14.81
C SER A 31 24.73 10.49 -13.44
N PRO A 32 25.88 11.17 -13.32
CA PRO A 32 26.31 11.60 -11.98
C PRO A 32 25.39 12.63 -11.35
N TYR A 33 24.71 13.47 -12.13
CA TYR A 33 23.79 14.45 -11.55
C TYR A 33 22.70 13.75 -10.73
N PHE A 34 22.27 12.55 -11.17
CA PHE A 34 21.27 11.77 -10.45
C PHE A 34 21.84 10.61 -9.65
N ALA A 35 23.09 10.23 -9.89
CA ALA A 35 23.73 9.24 -9.01
C ALA A 35 24.08 9.86 -7.67
N GLY A 36 24.56 11.10 -7.67
CA GLY A 36 24.85 11.78 -6.41
C GLY A 36 23.58 12.19 -5.67
N TRP A 37 22.57 12.64 -6.41
CA TRP A 37 21.30 12.97 -5.79
C TRP A 37 20.67 11.73 -5.18
N LYS A 38 20.81 10.58 -5.86
CA LYS A 38 20.47 9.31 -5.25
C LYS A 38 21.20 9.14 -3.93
N ALA A 39 22.54 9.06 -3.98
CA ALA A 39 23.38 8.82 -2.80
C ALA A 39 23.02 9.71 -1.61
N TYR A 40 22.49 10.91 -1.86
CA TYR A 40 22.08 11.79 -0.77
C TYR A 40 20.91 11.19 0.01
N ASP A 41 19.98 10.53 -0.69
CA ASP A 41 18.81 9.97 -0.01
C ASP A 41 19.18 8.81 0.90
N GLU A 42 20.23 8.04 0.57
CA GLU A 42 20.57 6.89 1.40
C GLU A 42 21.23 7.28 2.71
N ASN A 43 21.85 8.46 2.80
CA ASN A 43 22.40 8.97 4.06
C ASN A 43 22.27 10.49 4.09
N PRO A 44 21.04 11.00 4.16
CA PRO A 44 20.86 12.46 4.11
C PRO A 44 21.28 13.14 5.40
N TYR A 45 21.92 14.29 5.24
CA TYR A 45 22.31 15.12 6.38
C TYR A 45 21.07 15.58 7.15
N ASP A 46 21.23 15.78 8.46
CA ASP A 46 20.20 16.43 9.26
C ASP A 46 20.89 17.01 10.48
N GLU A 47 20.73 18.32 10.70
CA GLU A 47 21.37 19.01 11.82
C GLU A 47 21.08 18.29 13.14
N SER A 48 19.82 17.92 13.37
CA SER A 48 19.41 17.38 14.65
C SER A 48 19.99 15.97 14.88
N HIS A 49 19.86 15.08 13.89
CA HIS A 49 20.09 13.66 14.14
C HIS A 49 21.05 13.02 13.15
N ASN A 50 21.79 13.82 12.35
CA ASN A 50 22.80 13.26 11.46
C ASN A 50 23.70 14.30 10.77
N PRO A 51 24.46 15.12 11.50
CA PRO A 51 25.32 16.12 10.82
C PRO A 51 26.51 15.53 10.09
N SER A 52 26.71 14.22 10.14
CA SER A 52 27.75 13.58 9.33
C SER A 52 27.20 13.13 7.98
N GLY A 53 25.90 13.29 7.76
CA GLY A 53 25.24 12.82 6.54
C GLY A 53 25.61 13.64 5.31
N VAL A 54 25.10 13.17 4.17
CA VAL A 54 25.36 13.81 2.88
C VAL A 54 24.65 15.15 2.81
N ILE A 55 25.41 16.19 2.53
CA ILE A 55 24.87 17.53 2.36
C ILE A 55 24.60 17.76 0.88
N GLN A 56 23.41 18.25 0.55
CA GLN A 56 22.99 18.36 -0.84
C GLN A 56 23.44 19.71 -1.37
N MET A 57 24.37 19.70 -2.33
CA MET A 57 24.83 20.90 -3.02
C MET A 57 24.74 20.72 -4.52
N GLY A 58 23.97 19.72 -4.97
CA GLY A 58 23.76 19.43 -6.37
C GLY A 58 22.41 19.84 -6.88
N LEU A 59 21.62 20.51 -6.04
CA LEU A 59 20.23 20.91 -6.38
C LEU A 59 20.07 22.43 -6.29
N ALA A 60 19.71 23.08 -7.37
CA ALA A 60 19.57 24.52 -7.45
C ALA A 60 18.18 24.89 -6.96
N GLU A 61 18.06 25.01 -5.64
CA GLU A 61 16.85 25.46 -5.00
C GLU A 61 17.19 26.65 -4.12
N ASN A 62 16.19 27.51 -3.89
CA ASN A 62 16.41 28.74 -3.13
C ASN A 62 15.57 28.71 -1.87
N GLN A 63 16.23 28.57 -0.73
CA GLN A 63 15.56 28.72 0.56
C GLN A 63 15.91 30.01 1.28
N VAL A 64 16.90 30.78 0.79
CA VAL A 64 17.44 31.88 1.59
C VAL A 64 16.44 33.02 1.81
N SER A 65 15.36 33.10 1.04
CA SER A 65 14.40 34.19 1.21
C SER A 65 13.02 33.73 1.66
N PHE A 66 12.85 32.44 2.00
CA PHE A 66 11.50 31.92 2.17
C PHE A 66 10.77 32.54 3.36
N ASP A 67 11.49 32.96 4.40
CA ASP A 67 10.81 33.54 5.56
C ASP A 67 9.98 34.77 5.16
N LEU A 68 10.39 35.47 4.10
CA LEU A 68 9.62 36.63 3.66
C LEU A 68 8.24 36.23 3.18
N LEU A 69 8.11 35.01 2.64
CA LEU A 69 6.79 34.55 2.21
C LEU A 69 5.96 34.13 3.41
N GLU A 70 6.58 33.46 4.38
CA GLU A 70 5.85 33.04 5.57
C GLU A 70 5.27 34.23 6.32
N THR A 71 6.07 35.27 6.56
CA THR A 71 5.51 36.48 7.16
C THR A 71 4.39 37.09 6.31
N TYR A 72 4.27 36.71 5.03
CA TYR A 72 3.23 37.27 4.19
C TYR A 72 2.07 36.26 4.05
N PHE A 91 -14.13 28.95 -3.46
CA PHE A 91 -13.51 27.64 -3.60
C PHE A 91 -14.14 26.79 -4.69
N ARG A 92 -15.47 26.83 -4.77
CA ARG A 92 -16.15 26.08 -5.82
C ARG A 92 -15.77 26.60 -7.19
N GLU A 93 -15.68 27.92 -7.32
CA GLU A 93 -15.31 28.56 -8.61
C GLU A 93 -13.86 28.22 -8.99
N ASN A 94 -12.95 28.11 -8.03
CA ASN A 94 -11.57 27.72 -8.34
C ASN A 94 -11.48 26.27 -8.75
N ALA A 95 -12.12 25.38 -8.00
CA ALA A 95 -12.06 23.95 -8.29
C ALA A 95 -12.58 23.63 -9.68
N LEU A 96 -13.53 24.41 -10.19
CA LEU A 96 -14.14 24.19 -11.49
C LEU A 96 -13.36 24.86 -12.63
N PHE A 97 -12.36 25.68 -12.33
CA PHE A 97 -11.66 26.46 -13.34
C PHE A 97 -10.53 25.62 -13.91
N GLN A 98 -10.69 25.18 -15.14
CA GLN A 98 -9.66 24.35 -15.80
C GLN A 98 -9.29 24.92 -17.15
N ASP A 99 -9.61 26.18 -17.39
CA ASP A 99 -9.36 26.81 -18.68
C ASP A 99 -7.86 26.99 -18.93
N TYR A 100 -7.42 26.70 -20.16
CA TYR A 100 -6.00 26.77 -20.42
C TYR A 100 -5.50 28.20 -20.60
N HIS A 101 -6.38 29.20 -20.52
CA HIS A 101 -5.91 30.57 -20.41
C HIS A 101 -5.33 30.86 -19.04
N GLY A 102 -5.67 30.06 -18.03
CA GLY A 102 -5.29 30.39 -16.65
C GLY A 102 -6.15 31.51 -16.08
N LEU A 103 -6.17 31.65 -14.76
CA LEU A 103 -6.84 32.76 -14.09
C LEU A 103 -6.32 34.10 -14.58
N LYS A 104 -7.23 35.01 -14.94
CA LYS A 104 -6.78 36.32 -15.43
C LYS A 104 -6.04 37.10 -14.38
N THR A 105 -6.50 37.02 -13.12
CA THR A 105 -5.75 37.62 -12.03
C THR A 105 -4.35 37.05 -11.96
N PHE A 106 -4.20 35.75 -12.18
CA PHE A 106 -2.85 35.20 -12.02
C PHE A 106 -1.95 35.55 -13.20
N ARG A 107 -2.49 35.59 -14.43
CA ARG A 107 -1.67 36.07 -15.54
C ARG A 107 -1.26 37.54 -15.36
N GLN A 108 -2.12 38.35 -14.76
CA GLN A 108 -1.74 39.74 -14.47
C GLN A 108 -0.64 39.81 -13.44
N ALA A 109 -0.75 39.00 -12.38
CA ALA A 109 0.28 38.98 -11.35
C ALA A 109 1.60 38.49 -11.90
N MET A 110 1.58 37.45 -12.74
CA MET A 110 2.83 36.94 -13.30
C MET A 110 3.52 37.99 -14.17
N ALA A 111 2.74 38.67 -15.01
CA ALA A 111 3.28 39.67 -15.91
C ALA A 111 3.85 40.87 -15.16
N SER A 112 3.13 41.36 -14.15
CA SER A 112 3.66 42.49 -13.40
C SER A 112 4.87 42.07 -12.59
N PHE A 113 4.84 40.86 -12.02
CA PHE A 113 6.00 40.34 -11.30
C PHE A 113 7.21 40.24 -12.22
N MET A 114 7.02 39.79 -13.46
CA MET A 114 8.13 39.71 -14.38
C MET A 114 8.60 41.09 -14.81
N GLU A 115 7.70 42.08 -14.86
CA GLU A 115 8.17 43.44 -15.14
C GLU A 115 8.98 43.98 -13.96
N GLN A 116 8.55 43.72 -12.74
CA GLN A 116 9.29 44.23 -11.59
C GLN A 116 10.69 43.64 -11.52
N ILE A 117 10.84 42.36 -11.89
CA ILE A 117 12.14 41.71 -11.87
C ILE A 117 13.10 42.40 -12.82
N ARG A 118 12.61 42.90 -13.94
CA ARG A 118 13.42 43.57 -14.94
C ARG A 118 13.48 45.08 -14.75
N GLY A 119 12.93 45.60 -13.65
CA GLY A 119 12.96 47.03 -13.35
C GLY A 119 12.28 47.91 -14.37
N GLY A 120 11.11 47.49 -14.84
CA GLY A 120 10.34 48.27 -15.79
C GLY A 120 10.97 48.42 -17.15
N LYS A 121 12.11 47.79 -17.39
CA LYS A 121 12.81 47.80 -18.67
C LYS A 121 12.10 46.96 -19.72
N ALA A 122 10.99 46.32 -19.37
CA ALA A 122 10.22 45.55 -20.32
C ALA A 122 8.80 45.44 -19.81
N ARG A 123 7.89 45.17 -20.74
CA ARG A 123 6.47 45.13 -20.43
C ARG A 123 5.91 43.81 -20.93
N PHE A 124 5.05 43.20 -20.12
CA PHE A 124 4.49 41.90 -20.43
C PHE A 124 2.97 42.02 -20.50
N ASP A 125 2.42 41.67 -21.65
CA ASP A 125 0.97 41.72 -21.83
C ASP A 125 0.38 40.47 -21.18
N PRO A 126 -0.46 40.62 -20.16
CA PRO A 126 -0.99 39.42 -19.47
C PRO A 126 -1.74 38.49 -20.39
N ASP A 127 -2.27 38.97 -21.51
CA ASP A 127 -2.98 38.06 -22.40
C ASP A 127 -2.06 37.08 -23.13
N ARG A 128 -0.75 37.32 -23.17
CA ARG A 128 0.17 36.41 -23.83
C ARG A 128 0.78 35.39 -22.90
N ILE A 129 0.52 35.51 -21.59
CA ILE A 129 1.10 34.59 -20.61
C ILE A 129 0.48 33.21 -20.79
N VAL A 130 1.33 32.20 -20.97
CA VAL A 130 0.91 30.79 -21.00
C VAL A 130 1.57 30.08 -19.82
N LEU A 131 0.75 29.44 -18.99
CA LEU A 131 1.22 28.75 -17.80
C LEU A 131 1.49 27.28 -18.08
N THR A 132 2.55 26.75 -17.49
CA THR A 132 2.90 25.33 -17.56
C THR A 132 3.30 24.86 -16.16
N ALA A 133 3.36 23.53 -15.97
CA ALA A 133 3.77 22.99 -14.67
C ALA A 133 5.30 23.07 -14.55
N GLY A 134 5.79 24.25 -14.20
CA GLY A 134 7.21 24.49 -14.07
C GLY A 134 7.86 24.81 -15.42
N ALA A 135 9.11 25.27 -15.35
CA ALA A 135 9.88 25.52 -16.57
C ALA A 135 10.33 24.23 -17.23
N THR A 136 10.43 23.14 -16.47
CA THR A 136 10.65 21.82 -17.06
C THR A 136 9.65 21.55 -18.16
N ALA A 137 8.37 21.74 -17.87
CA ALA A 137 7.32 21.56 -18.88
C ALA A 137 7.43 22.60 -19.98
N ALA A 138 7.74 23.85 -19.62
CA ALA A 138 7.74 24.93 -20.60
C ALA A 138 8.79 24.72 -21.69
N ASN A 139 10.00 24.31 -21.31
CA ASN A 139 11.03 24.13 -22.34
C ASN A 139 10.72 22.95 -23.25
N GLU A 140 10.18 21.86 -22.67
CA GLU A 140 9.81 20.71 -23.49
C GLU A 140 8.69 21.08 -24.45
N LEU A 141 7.66 21.74 -23.93
CA LEU A 141 6.54 22.16 -24.75
C LEU A 141 7.01 23.05 -25.89
N LEU A 142 7.81 24.08 -25.59
CA LEU A 142 8.38 24.93 -26.64
C LEU A 142 9.18 24.09 -27.63
N THR A 143 9.94 23.09 -27.16
CA THR A 143 10.68 22.26 -28.11
C THR A 143 9.73 21.53 -29.06
N PHE A 144 8.60 21.01 -28.55
CA PHE A 144 7.60 20.42 -29.44
C PHE A 144 7.13 21.41 -30.50
N ILE A 145 7.09 22.70 -30.16
CA ILE A 145 6.51 23.70 -31.03
C ILE A 145 7.52 24.21 -32.05
N LEU A 146 8.79 24.27 -31.67
CA LEU A 146 9.76 24.96 -32.50
C LEU A 146 10.60 24.04 -33.37
N ALA A 147 10.62 22.73 -33.12
CA ALA A 147 11.53 21.83 -33.82
C ALA A 147 10.89 20.46 -34.04
N ASP A 148 11.09 19.88 -35.24
CA ASP A 148 10.62 18.52 -35.49
C ASP A 148 11.53 17.46 -34.87
N PRO A 149 11.04 16.23 -34.75
CA PRO A 149 11.94 15.14 -34.37
C PRO A 149 13.12 15.06 -35.33
N ASN A 150 14.31 14.87 -34.77
CA ASN A 150 15.60 14.77 -35.44
C ASN A 150 16.15 16.12 -35.92
N ASP A 151 15.43 17.23 -35.73
CA ASP A 151 16.08 18.54 -35.81
C ASP A 151 16.91 18.77 -34.54
N ALA A 152 17.52 19.95 -34.44
CA ALA A 152 18.38 20.24 -33.31
C ALA A 152 18.16 21.65 -32.78
N LEU A 153 18.46 21.82 -31.49
CA LEU A 153 18.61 23.12 -30.87
C LEU A 153 20.08 23.30 -30.46
N LEU A 154 20.59 24.52 -30.65
CA LEU A 154 21.92 24.86 -30.18
C LEU A 154 21.82 25.26 -28.72
N VAL A 155 22.72 24.74 -27.89
CA VAL A 155 22.70 25.02 -26.46
C VAL A 155 24.12 25.36 -26.03
N PRO A 156 24.35 26.51 -25.42
CA PRO A 156 25.72 26.85 -24.98
C PRO A 156 26.15 25.95 -23.83
N THR A 157 27.38 25.45 -23.93
CA THR A 157 27.99 24.68 -22.84
C THR A 157 28.80 25.60 -21.95
N PRO A 158 28.90 25.29 -20.65
CA PRO A 158 28.24 24.18 -19.98
C PRO A 158 26.75 24.49 -19.84
N TYR A 159 25.89 23.50 -19.64
CA TYR A 159 24.46 23.80 -19.52
C TYR A 159 23.79 22.89 -18.49
N TYR A 160 22.57 23.27 -18.12
CA TYR A 160 21.81 22.54 -17.14
C TYR A 160 21.68 21.07 -17.57
N PRO A 161 22.18 20.13 -16.79
CA PRO A 161 22.08 18.71 -17.17
C PRO A 161 20.66 18.23 -17.48
N GLY A 162 19.64 18.81 -16.84
CA GLY A 162 18.27 18.40 -17.14
C GLY A 162 17.83 18.63 -18.58
N PHE A 163 18.48 19.55 -19.31
CA PHE A 163 18.13 19.76 -20.74
C PHE A 163 18.32 18.51 -21.57
N ASP A 164 19.29 17.65 -21.21
CA ASP A 164 19.51 16.43 -21.98
C ASP A 164 18.27 15.54 -21.97
N ARG A 165 17.46 15.62 -20.92
CA ARG A 165 16.17 14.95 -20.92
C ARG A 165 15.07 15.85 -21.49
N ASP A 166 14.91 17.06 -20.93
CA ASP A 166 13.74 17.87 -21.22
C ASP A 166 13.59 18.21 -22.69
N LEU A 167 14.69 18.54 -23.38
CA LEU A 167 14.59 18.98 -24.75
C LEU A 167 14.56 17.82 -25.74
N ARG A 168 14.94 16.61 -25.30
CA ARG A 168 15.19 15.49 -26.19
C ARG A 168 14.34 14.26 -25.94
N TRP A 169 13.98 13.97 -24.70
CA TRP A 169 13.49 12.64 -24.35
C TRP A 169 12.23 12.29 -25.14
N ARG A 170 11.24 13.17 -25.10
CA ARG A 170 9.98 12.88 -25.77
C ARG A 170 9.86 13.57 -27.11
N THR A 171 10.76 14.50 -27.44
CA THR A 171 10.61 15.33 -28.63
C THR A 171 11.29 14.76 -29.86
N GLY A 172 12.25 13.84 -29.69
CA GLY A 172 13.09 13.42 -30.78
C GLY A 172 14.05 14.49 -31.28
N VAL A 173 14.16 15.61 -30.57
CA VAL A 173 15.02 16.72 -30.97
C VAL A 173 16.40 16.53 -30.35
N LYS A 174 17.41 17.02 -31.05
CA LYS A 174 18.79 16.82 -30.64
C LYS A 174 19.35 18.12 -30.08
N ILE A 175 20.38 17.99 -29.26
CA ILE A 175 21.12 19.12 -28.74
C ILE A 175 22.48 19.13 -29.43
N VAL A 176 22.80 20.24 -30.07
CA VAL A 176 24.13 20.48 -30.62
C VAL A 176 24.80 21.53 -29.75
N PRO A 177 25.93 21.23 -29.14
CA PRO A 177 26.52 22.18 -28.19
C PRO A 177 27.13 23.38 -28.90
N ILE A 178 27.02 24.54 -28.26
CA ILE A 178 27.80 25.72 -28.62
C ILE A 178 28.98 25.77 -27.66
N HIS A 179 30.18 25.48 -28.13
CA HIS A 179 31.29 25.31 -27.21
C HIS A 179 31.71 26.65 -26.64
N CYS A 180 32.01 26.65 -25.34
CA CYS A 180 32.53 27.80 -24.63
C CYS A 180 33.67 27.31 -23.75
N ASP A 181 34.66 28.17 -23.50
CA ASP A 181 35.75 27.79 -22.60
C ASP A 181 36.00 28.92 -21.61
N SER A 182 36.94 28.68 -20.69
CA SER A 182 37.19 29.61 -19.60
C SER A 182 37.85 30.92 -20.04
N SER A 183 38.43 30.98 -21.24
CA SER A 183 39.17 32.18 -21.63
C SER A 183 38.31 33.43 -21.58
N ASN A 184 37.01 33.33 -21.85
CA ASN A 184 36.10 34.47 -21.76
C ASN A 184 34.99 34.23 -20.73
N HIS A 185 35.29 33.43 -19.70
CA HIS A 185 34.35 33.07 -18.63
C HIS A 185 33.17 32.29 -19.19
N PHE A 186 33.44 31.45 -20.19
CA PHE A 186 32.47 30.53 -20.77
C PHE A 186 31.29 31.26 -21.38
N GLN A 187 31.55 32.35 -22.12
CA GLN A 187 30.49 33.09 -22.77
C GLN A 187 30.44 32.80 -24.26
N ILE A 188 29.27 33.02 -24.84
CA ILE A 188 29.04 32.84 -26.26
C ILE A 188 29.82 33.87 -27.06
N THR A 189 30.39 33.43 -28.18
CA THR A 189 31.02 34.26 -29.19
C THR A 189 30.28 34.08 -30.51
N PRO A 190 30.24 35.10 -31.37
CA PRO A 190 29.61 34.92 -32.69
C PRO A 190 30.21 33.77 -33.46
N GLU A 191 31.50 33.49 -33.26
CA GLU A 191 32.18 32.41 -33.95
C GLU A 191 31.73 31.05 -33.45
N ALA A 192 31.59 30.88 -32.13
CA ALA A 192 31.12 29.60 -31.60
C ALA A 192 29.71 29.27 -32.08
N LEU A 193 28.85 30.28 -32.23
CA LEU A 193 27.52 30.04 -32.77
C LEU A 193 27.60 29.51 -34.18
N GLU A 194 28.46 30.13 -34.99
CA GLU A 194 28.57 29.74 -36.39
C GLU A 194 29.23 28.36 -36.55
N SER A 195 30.32 28.04 -35.82
CA SER A 195 30.85 26.68 -36.04
C SER A 195 29.88 25.64 -35.50
N ALA A 196 29.16 25.95 -34.43
CA ALA A 196 28.17 24.98 -33.93
C ALA A 196 27.12 24.71 -34.98
N TYR A 197 26.66 25.75 -35.66
CA TYR A 197 25.69 25.57 -36.74
C TYR A 197 26.27 24.69 -37.86
N GLN A 198 27.52 24.96 -38.26
CA GLN A 198 28.16 24.16 -39.30
C GLN A 198 28.23 22.69 -38.91
N THR A 199 28.50 22.41 -37.63
CA THR A 199 28.58 21.03 -37.18
C THR A 199 27.28 20.28 -37.46
N ALA A 200 26.13 20.93 -37.22
CA ALA A 200 24.84 20.30 -37.50
C ALA A 200 24.63 20.10 -39.00
N ARG A 201 25.05 21.07 -39.82
CA ARG A 201 24.95 20.91 -41.27
C ARG A 201 25.74 19.70 -41.75
N ASP A 202 26.95 19.48 -41.23
CA ASP A 202 27.74 18.32 -41.61
C ASP A 202 27.06 17.01 -41.25
N ALA A 203 26.28 16.99 -40.17
CA ALA A 203 25.57 15.80 -39.75
C ALA A 203 24.20 15.69 -40.39
N ASN A 204 23.90 16.53 -41.38
CA ASN A 204 22.57 16.58 -41.99
C ASN A 204 21.49 16.73 -40.93
N ILE A 205 21.74 17.60 -39.96
CA ILE A 205 20.77 17.96 -38.92
C ILE A 205 20.41 19.43 -39.09
N ARG A 206 19.11 19.69 -39.19
CA ARG A 206 18.61 21.06 -39.40
C ARG A 206 18.47 21.77 -38.06
N VAL A 207 19.09 22.94 -37.95
CA VAL A 207 19.04 23.72 -36.71
C VAL A 207 17.75 24.56 -36.71
N ARG A 208 17.04 24.54 -35.60
CA ARG A 208 15.76 25.26 -35.47
C ARG A 208 15.79 26.38 -34.45
N GLY A 209 16.83 26.47 -33.63
CA GLY A 209 16.87 27.53 -32.66
C GLY A 209 18.04 27.36 -31.73
N VAL A 210 18.21 28.37 -30.89
CA VAL A 210 19.21 28.38 -29.84
C VAL A 210 18.46 28.52 -28.54
N LEU A 211 18.75 27.67 -27.58
CA LEU A 211 18.17 27.81 -26.26
C LEU A 211 19.29 28.22 -25.32
N ILE A 212 19.12 29.36 -24.67
CA ILE A 212 20.13 29.86 -23.75
C ILE A 212 19.51 29.97 -22.38
N THR A 213 20.37 30.06 -21.38
CA THR A 213 19.95 30.28 -20.00
C THR A 213 20.49 31.63 -19.54
N ASN A 214 19.59 32.53 -19.19
CA ASN A 214 19.97 33.92 -18.99
C ASN A 214 19.27 34.49 -17.77
N PRO A 215 19.98 34.52 -16.62
CA PRO A 215 21.40 34.17 -16.45
C PRO A 215 21.75 32.68 -16.49
N SER A 216 23.04 32.38 -16.60
CA SER A 216 23.45 31.02 -16.92
C SER A 216 23.33 30.08 -15.71
N ASN A 217 22.88 28.86 -15.99
CA ASN A 217 23.08 27.67 -15.14
C ASN A 217 23.95 26.72 -15.96
N PRO A 218 25.13 26.33 -15.44
CA PRO A 218 25.69 26.44 -14.08
C PRO A 218 26.62 27.61 -13.77
N LEU A 219 26.84 28.53 -14.71
CA LEU A 219 27.88 29.56 -14.51
C LEU A 219 27.51 30.54 -13.41
N GLY A 220 26.22 30.80 -13.21
CA GLY A 220 25.80 31.86 -12.31
C GLY A 220 26.16 33.25 -12.80
N ALA A 221 26.00 33.50 -14.10
CA ALA A 221 26.51 34.72 -14.72
C ALA A 221 25.48 35.29 -15.69
N THR A 222 25.22 36.58 -15.59
CA THR A 222 24.42 37.25 -16.61
C THR A 222 25.09 37.13 -17.99
N VAL A 223 24.30 37.38 -19.03
CA VAL A 223 24.84 37.44 -20.37
C VAL A 223 24.90 38.91 -20.75
N GLN A 224 26.00 39.32 -21.36
CA GLN A 224 26.17 40.73 -21.69
C GLN A 224 25.17 41.14 -22.75
N LYS A 225 24.72 42.38 -22.67
CA LYS A 225 23.70 42.82 -23.62
C LYS A 225 24.22 42.72 -25.04
N LYS A 226 25.50 43.04 -25.25
CA LYS A 226 26.11 42.90 -26.56
C LYS A 226 26.04 41.45 -27.05
N VAL A 227 26.27 40.50 -26.15
CA VAL A 227 26.25 39.09 -26.55
C VAL A 227 24.84 38.66 -26.96
N LEU A 228 23.83 39.12 -26.23
CA LEU A 228 22.47 38.73 -26.59
C LEU A 228 22.03 39.33 -27.91
N GLU A 229 22.46 40.58 -28.20
CA GLU A 229 22.14 41.17 -29.49
C GLU A 229 22.84 40.44 -30.63
N ASP A 230 24.12 40.09 -30.45
CA ASP A 230 24.79 39.30 -31.47
C ASP A 230 24.14 37.94 -31.63
N LEU A 231 23.69 37.34 -30.54
CA LEU A 231 22.97 36.07 -30.64
C LEU A 231 21.68 36.25 -31.44
N LEU A 232 20.94 37.32 -31.15
CA LEU A 232 19.68 37.56 -31.87
C LEU A 232 19.93 37.79 -33.36
N ASP A 233 20.96 38.57 -33.71
CA ASP A 233 21.28 38.75 -35.12
C ASP A 233 21.58 37.43 -35.80
N PHE A 234 22.37 36.58 -35.15
CA PHE A 234 22.60 35.23 -35.67
C PHE A 234 21.29 34.47 -35.87
N CYS A 235 20.35 34.58 -34.93
CA CYS A 235 19.08 33.86 -35.11
C CYS A 235 18.29 34.45 -36.27
N VAL A 236 18.33 35.77 -36.45
CA VAL A 236 17.69 36.40 -37.61
C VAL A 236 18.35 35.93 -38.90
N ARG A 237 19.69 35.93 -38.96
CA ARG A 237 20.32 35.61 -40.24
C ARG A 237 20.07 34.16 -40.60
N LYS A 238 20.09 33.25 -39.64
CA LYS A 238 19.78 31.85 -39.95
C LYS A 238 18.28 31.57 -39.93
N ASN A 239 17.47 32.55 -39.52
CA ASN A 239 16.02 32.41 -39.42
C ASN A 239 15.64 31.21 -38.54
N ILE A 240 16.10 31.28 -37.29
CA ILE A 240 15.82 30.29 -36.28
C ILE A 240 15.31 31.01 -35.04
N HIS A 241 14.86 30.20 -34.07
CA HIS A 241 14.27 30.70 -32.85
C HIS A 241 15.34 30.94 -31.79
N LEU A 242 14.99 31.77 -30.82
CA LEU A 242 15.83 32.02 -29.66
C LEU A 242 14.95 31.85 -28.44
N VAL A 243 15.25 30.86 -27.61
CA VAL A 243 14.53 30.63 -26.37
C VAL A 243 15.44 31.12 -25.25
N SER A 244 14.95 32.01 -24.41
CA SER A 244 15.75 32.45 -23.27
C SER A 244 15.04 31.98 -22.01
N ASP A 245 15.65 31.01 -21.35
CA ASP A 245 15.19 30.49 -20.07
C ASP A 245 15.73 31.42 -19.00
N GLU A 246 14.87 32.26 -18.46
CA GLU A 246 15.28 33.33 -17.53
C GLU A 246 14.75 33.03 -16.13
N ILE A 247 14.73 31.74 -15.78
CA ILE A 247 14.24 31.30 -14.49
C ILE A 247 15.07 31.86 -13.33
N TYR A 248 16.31 32.26 -13.57
CA TYR A 248 17.12 32.87 -12.52
C TYR A 248 17.16 34.41 -12.62
N SER A 249 16.27 35.02 -13.41
CA SER A 249 16.33 36.48 -13.61
C SER A 249 16.17 37.22 -12.29
N GLY A 250 15.29 36.75 -11.41
CA GLY A 250 15.14 37.39 -10.11
C GLY A 250 16.28 37.15 -9.14
N SER A 251 17.32 36.40 -9.52
CA SER A 251 18.44 36.07 -8.63
C SER A 251 19.74 36.73 -9.08
N VAL A 252 19.67 37.71 -9.98
CA VAL A 252 20.82 38.53 -10.34
C VAL A 252 21.16 39.43 -9.15
N PHE A 253 22.44 39.43 -8.77
CA PHE A 253 22.85 40.14 -7.55
C PHE A 253 22.67 41.64 -7.70
N HIS A 254 23.04 42.21 -8.85
CA HIS A 254 22.90 43.63 -9.09
C HIS A 254 21.98 43.79 -10.30
N ALA A 255 20.77 44.30 -10.06
CA ALA A 255 19.70 44.26 -11.06
C ALA A 255 20.12 44.82 -12.42
N SER A 256 20.95 45.86 -12.45
CA SER A 256 21.27 46.50 -13.72
C SER A 256 22.25 45.67 -14.55
N GLU A 257 22.88 44.65 -13.97
CA GLU A 257 23.77 43.82 -14.76
C GLU A 257 23.03 42.78 -15.59
N PHE A 258 21.71 42.64 -15.38
CA PHE A 258 20.89 41.68 -16.10
C PHE A 258 20.27 42.34 -17.32
N THR A 259 20.36 41.67 -18.47
CA THR A 259 19.68 42.07 -19.70
C THR A 259 18.75 40.93 -20.12
N SER A 260 17.46 41.11 -19.90
CA SER A 260 16.50 40.14 -20.41
C SER A 260 16.40 40.28 -21.92
N VAL A 261 16.16 39.17 -22.61
CA VAL A 261 15.88 39.35 -24.03
C VAL A 261 14.62 40.16 -24.21
N ALA A 262 13.75 40.25 -23.18
CA ALA A 262 12.57 41.11 -23.25
C ALA A 262 12.94 42.58 -23.38
N GLU A 263 14.03 43.00 -22.73
CA GLU A 263 14.46 44.39 -22.89
C GLU A 263 14.96 44.63 -24.31
N ILE A 264 15.69 43.67 -24.87
CA ILE A 264 16.19 43.83 -26.23
C ILE A 264 15.05 43.87 -27.23
N VAL A 265 13.95 43.16 -26.96
CA VAL A 265 12.84 43.14 -27.90
C VAL A 265 12.01 44.41 -27.75
N GLU A 266 11.88 44.90 -26.52
CA GLU A 266 11.19 46.15 -26.24
C GLU A 266 11.70 47.33 -27.07
N ASN A 267 12.93 47.25 -27.59
CA ASN A 267 13.52 48.36 -28.31
C ASN A 267 13.95 48.01 -29.73
N ILE A 268 13.51 46.85 -30.23
CA ILE A 268 13.63 46.45 -31.62
C ILE A 268 12.34 46.93 -32.29
N ASP A 269 12.42 47.41 -33.51
CA ASP A 269 11.23 47.79 -34.24
C ASP A 269 10.85 46.83 -35.37
N ASP A 270 11.69 45.86 -35.72
CA ASP A 270 11.38 44.88 -36.78
C ASP A 270 10.65 43.68 -36.19
N VAL A 271 9.44 43.40 -36.71
CA VAL A 271 8.67 42.26 -36.25
C VAL A 271 9.32 40.94 -36.67
N SER A 272 10.10 40.95 -37.76
CA SER A 272 10.81 39.72 -38.14
C SER A 272 11.83 39.30 -37.10
N VAL A 273 12.38 40.25 -36.34
CA VAL A 273 13.29 39.91 -35.26
C VAL A 273 12.51 39.45 -34.03
N LYS A 274 11.46 40.20 -33.67
CA LYS A 274 10.68 39.89 -32.47
C LYS A 274 10.06 38.49 -32.52
N GLU A 275 9.60 38.06 -33.71
CA GLU A 275 8.74 36.88 -33.85
C GLU A 275 9.44 35.59 -33.47
N ARG A 276 10.75 35.61 -33.29
CA ARG A 276 11.51 34.40 -33.01
C ARG A 276 11.95 34.30 -31.57
N VAL A 277 11.50 35.21 -30.70
CA VAL A 277 11.99 35.28 -29.33
C VAL A 277 10.91 34.77 -28.38
N HIS A 278 11.30 33.85 -27.49
CA HIS A 278 10.38 33.26 -26.53
C HIS A 278 11.08 33.20 -25.20
N ILE A 279 10.37 33.58 -24.15
CA ILE A 279 10.91 33.61 -22.81
C ILE A 279 10.25 32.51 -22.00
N VAL A 280 11.08 31.79 -21.24
CA VAL A 280 10.59 30.81 -20.28
C VAL A 280 10.90 31.33 -18.89
N TYR A 281 9.94 31.26 -18.00
CA TYR A 281 10.16 31.66 -16.62
C TYR A 281 9.42 30.67 -15.73
N SER A 282 9.73 30.73 -14.44
CA SER A 282 9.18 29.84 -13.43
C SER A 282 9.31 30.52 -12.08
N LEU A 283 8.44 30.13 -11.14
CA LEU A 283 8.56 30.64 -9.77
C LEU A 283 9.37 29.70 -8.89
N SER A 284 10.00 28.70 -9.47
CA SER A 284 10.68 27.69 -8.65
C SER A 284 11.91 28.27 -7.95
N LYS A 285 12.67 29.10 -8.66
CA LYS A 285 13.99 29.53 -8.15
C LYS A 285 13.93 30.89 -7.46
N ASP A 286 13.36 31.88 -8.13
CA ASP A 286 13.35 33.22 -7.55
C ASP A 286 12.44 33.31 -6.33
N LEU A 287 11.28 32.67 -6.37
CA LEU A 287 10.36 32.65 -5.23
C LEU A 287 10.54 31.44 -4.32
N GLY A 288 11.35 30.46 -4.69
CA GLY A 288 11.51 29.28 -3.85
C GLY A 288 10.27 28.42 -3.73
N LEU A 289 9.46 28.33 -4.77
CA LEU A 289 8.25 27.50 -4.75
C LEU A 289 8.31 26.40 -5.80
N PRO A 290 9.37 25.57 -5.81
CA PRO A 290 9.44 24.57 -6.88
C PRO A 290 8.30 23.57 -6.84
N GLY A 291 7.80 23.24 -5.64
CA GLY A 291 6.74 22.27 -5.52
C GLY A 291 5.40 22.69 -6.11
N PHE A 292 5.17 24.00 -6.30
CA PHE A 292 3.87 24.41 -6.83
C PHE A 292 3.78 24.32 -8.35
N ARG A 293 4.91 24.18 -9.04
CA ARG A 293 4.95 23.91 -10.48
C ARG A 293 4.25 25.03 -11.27
N VAL A 294 4.80 26.22 -11.15
CA VAL A 294 4.32 27.38 -11.88
C VAL A 294 5.38 27.75 -12.91
N GLY A 295 5.12 27.43 -14.17
CA GLY A 295 6.00 27.88 -15.23
C GLY A 295 5.25 28.78 -16.16
N THR A 296 5.96 29.53 -16.99
CA THR A 296 5.28 30.34 -17.99
C THR A 296 6.13 30.39 -19.24
N ILE A 297 5.45 30.51 -20.37
CA ILE A 297 6.04 30.89 -21.64
C ILE A 297 5.52 32.28 -21.99
N TYR A 298 6.43 33.20 -22.30
CA TYR A 298 6.05 34.50 -22.86
C TYR A 298 6.68 34.57 -24.24
N SER A 299 5.85 34.40 -25.26
CA SER A 299 6.33 34.37 -26.63
C SER A 299 5.85 35.63 -27.35
N TYR A 300 6.74 36.20 -28.17
CA TYR A 300 6.40 37.33 -29.05
C TYR A 300 5.81 36.89 -30.37
N ASN A 301 5.55 35.59 -30.54
CA ASN A 301 5.02 35.00 -31.75
C ASN A 301 3.57 34.54 -31.48
N ASP A 302 2.60 35.12 -32.19
CA ASP A 302 1.22 34.87 -31.81
C ASP A 302 0.83 33.41 -32.03
N ASN A 303 1.40 32.73 -33.02
CA ASN A 303 1.00 31.34 -33.20
C ASN A 303 1.65 30.41 -32.20
N VAL A 304 2.84 30.76 -31.71
CA VAL A 304 3.41 30.04 -30.58
C VAL A 304 2.57 30.25 -29.34
N VAL A 305 2.10 31.48 -29.09
CA VAL A 305 1.22 31.71 -27.95
C VAL A 305 0.01 30.80 -28.02
N ARG A 306 -0.67 30.82 -29.16
CA ARG A 306 -1.88 30.02 -29.28
C ARG A 306 -1.56 28.53 -29.20
N THR A 307 -0.48 28.08 -29.85
CA THR A 307 -0.15 26.66 -29.80
C THR A 307 0.31 26.25 -28.41
N ALA A 308 1.13 27.09 -27.76
CA ALA A 308 1.56 26.74 -26.41
C ALA A 308 0.36 26.63 -25.47
N ARG A 309 -0.63 27.49 -25.65
CA ARG A 309 -1.78 27.46 -24.76
C ARG A 309 -2.59 26.18 -24.96
N ARG A 310 -2.85 25.80 -26.21
CA ARG A 310 -3.51 24.51 -26.47
C ARG A 310 -2.70 23.36 -25.90
N MET A 311 -1.39 23.41 -26.09
CA MET A 311 -0.53 22.34 -25.61
C MET A 311 -0.40 22.38 -24.09
N SER A 312 -0.63 23.53 -23.46
CA SER A 312 -0.55 23.54 -22.00
C SER A 312 -1.66 22.71 -21.34
N SER A 313 -2.66 22.24 -22.09
CA SER A 313 -3.65 21.31 -21.52
C SER A 313 -2.99 20.09 -20.89
N PHE A 314 -1.82 19.70 -21.38
CA PHE A 314 -1.12 18.53 -20.87
C PHE A 314 -0.35 18.81 -19.59
N THR A 315 -0.34 20.06 -19.12
CA THR A 315 0.58 20.43 -18.04
C THR A 315 0.09 21.72 -17.41
N LEU A 316 -1.20 21.76 -17.03
CA LEU A 316 -1.79 22.98 -16.49
C LEU A 316 -1.38 23.20 -15.04
N VAL A 317 -1.40 24.45 -14.61
CA VAL A 317 -1.16 24.80 -13.22
C VAL A 317 -2.46 24.64 -12.43
N SER A 318 -2.36 24.06 -11.23
CA SER A 318 -3.51 23.94 -10.36
C SER A 318 -4.16 25.30 -10.16
N SER A 319 -5.49 25.35 -10.35
CA SER A 319 -6.18 26.62 -10.18
C SER A 319 -6.15 27.10 -8.74
N GLN A 320 -6.11 26.17 -7.78
CA GLN A 320 -5.91 26.59 -6.40
C GLN A 320 -4.62 27.39 -6.27
N THR A 321 -3.56 26.88 -6.87
CA THR A 321 -2.25 27.52 -6.77
C THR A 321 -2.23 28.87 -7.50
N GLN A 322 -2.81 28.94 -8.70
CA GLN A 322 -2.93 30.22 -9.40
C GLN A 322 -3.63 31.25 -8.53
N HIS A 323 -4.73 30.86 -7.88
CA HIS A 323 -5.50 31.79 -7.09
C HIS A 323 -4.72 32.28 -5.88
N MET A 324 -4.12 31.36 -5.14
CA MET A 324 -3.37 31.76 -3.95
C MET A 324 -2.24 32.72 -4.31
N LEU A 325 -1.54 32.43 -5.41
CA LEU A 325 -0.37 33.23 -5.76
C LEU A 325 -0.75 34.54 -6.44
N ALA A 326 -1.96 34.64 -7.00
CA ALA A 326 -2.35 35.84 -7.75
C ALA A 326 -2.35 37.06 -6.83
N SER A 327 -2.95 36.90 -5.65
CA SER A 327 -3.00 38.01 -4.69
C SER A 327 -1.59 38.39 -4.23
N MET A 328 -0.78 37.39 -3.89
CA MET A 328 0.57 37.68 -3.40
C MET A 328 1.46 38.29 -4.49
N LEU A 329 1.37 37.76 -5.71
CA LEU A 329 2.23 38.23 -6.79
C LEU A 329 1.75 39.54 -7.39
N SER A 330 0.52 39.97 -7.11
CA SER A 330 0.04 41.28 -7.52
C SER A 330 0.29 42.36 -6.47
N ASP A 331 0.68 41.98 -5.25
CA ASP A 331 1.01 42.95 -4.21
C ASP A 331 2.38 43.51 -4.51
N GLU A 332 2.41 44.57 -5.34
CA GLU A 332 3.67 45.13 -5.81
C GLU A 332 4.54 45.62 -4.67
N GLU A 333 3.95 46.21 -3.64
CA GLU A 333 4.67 46.51 -2.40
C GLU A 333 5.49 45.32 -1.93
N PHE A 334 4.84 44.18 -1.64
CA PHE A 334 5.56 43.00 -1.17
C PHE A 334 6.53 42.49 -2.23
N THR A 335 6.12 42.44 -3.49
CA THR A 335 7.00 41.86 -4.49
C THR A 335 8.22 42.73 -4.75
N GLU A 336 8.05 44.06 -4.81
CA GLU A 336 9.23 44.91 -5.04
C GLU A 336 10.29 44.71 -3.96
N LYS A 337 9.85 44.62 -2.70
CA LYS A 337 10.74 44.38 -1.58
C LYS A 337 11.26 42.94 -1.56
N TYR A 338 10.41 41.95 -1.87
CA TYR A 338 10.91 40.57 -1.90
C TYR A 338 12.06 40.46 -2.89
N ILE A 339 11.88 41.00 -4.10
CA ILE A 339 12.90 40.87 -5.13
C ILE A 339 14.20 41.52 -4.69
N ARG A 340 14.10 42.74 -4.15
CA ARG A 340 15.29 43.46 -3.68
C ARG A 340 16.05 42.63 -2.65
N ILE A 341 15.33 42.12 -1.65
CA ILE A 341 15.98 41.45 -0.53
C ILE A 341 16.55 40.09 -0.96
N ASN A 342 15.84 39.39 -1.86
CA ASN A 342 16.36 38.11 -2.35
C ASN A 342 17.68 38.29 -3.10
N ARG A 343 17.80 39.37 -3.89
CA ARG A 343 19.06 39.66 -4.54
C ARG A 343 20.18 39.85 -3.51
N GLU A 344 19.90 40.52 -2.40
CA GLU A 344 20.98 40.83 -1.47
C GLU A 344 21.44 39.58 -0.73
N ARG A 345 20.49 38.71 -0.34
CA ARG A 345 20.88 37.51 0.41
C ARG A 345 21.59 36.51 -0.47
N LEU A 346 21.16 36.36 -1.72
CA LEU A 346 21.87 35.47 -2.62
C LEU A 346 23.28 35.97 -2.90
N ARG A 347 23.43 37.29 -2.96
CA ARG A 347 24.79 37.85 -3.15
C ARG A 347 25.64 37.52 -1.93
N ARG A 348 25.11 37.78 -0.74
CA ARG A 348 25.89 37.49 0.46
C ARG A 348 26.15 36.00 0.63
N ARG A 349 25.14 35.16 0.35
CA ARG A 349 25.39 33.72 0.34
C ARG A 349 26.45 33.35 -0.69
N TYR A 350 26.39 33.99 -1.87
CA TYR A 350 27.45 33.83 -2.85
C TYR A 350 28.81 34.22 -2.25
N ASP A 351 28.85 35.35 -1.53
CA ASP A 351 30.10 35.79 -0.93
C ASP A 351 30.59 34.81 0.13
N THR A 352 29.67 34.28 0.94
CA THR A 352 30.04 33.34 1.99
C THR A 352 30.73 32.10 1.44
N ILE A 353 30.19 31.50 0.39
CA ILE A 353 30.74 30.24 -0.11
C ILE A 353 32.02 30.48 -0.93
N VAL A 354 32.03 31.52 -1.77
CA VAL A 354 33.21 31.75 -2.60
C VAL A 354 34.41 32.13 -1.74
N GLU A 355 34.16 32.89 -0.67
CA GLU A 355 35.27 33.24 0.21
C GLU A 355 35.63 32.05 1.10
N GLY A 356 34.64 31.18 1.37
CA GLY A 356 34.96 29.93 2.05
C GLY A 356 35.82 29.02 1.20
N LEU A 357 35.52 28.94 -0.10
CA LEU A 357 36.31 28.06 -0.97
C LEU A 357 37.71 28.62 -1.22
N LYS A 358 37.86 29.95 -1.21
CA LYS A 358 39.19 30.56 -1.43
C LYS A 358 40.07 30.26 -0.20
N LYS A 359 39.54 30.38 1.02
CA LYS A 359 40.27 30.01 2.22
C LYS A 359 40.86 28.61 2.14
N ALA A 360 40.17 27.69 1.48
CA ALA A 360 40.63 26.33 1.27
C ALA A 360 41.49 26.18 0.02
N GLY A 361 41.80 27.29 -0.65
CA GLY A 361 42.67 27.24 -1.82
C GLY A 361 42.00 26.86 -3.12
N ILE A 362 40.72 27.20 -3.28
CA ILE A 362 39.96 26.82 -4.47
C ILE A 362 39.36 28.09 -5.07
N GLU A 363 39.50 28.23 -6.36
CA GLU A 363 38.97 29.35 -7.09
C GLU A 363 37.62 29.04 -7.74
N CYS A 364 36.73 30.02 -7.70
CA CYS A 364 35.47 29.94 -8.41
C CYS A 364 35.49 30.97 -9.54
N LEU A 365 34.86 30.62 -10.65
CA LEU A 365 34.67 31.61 -11.69
C LEU A 365 33.85 32.78 -11.15
N LYS A 366 34.12 33.96 -11.71
CA LYS A 366 33.44 35.18 -11.30
C LYS A 366 31.98 35.11 -11.74
N GLY A 367 31.07 34.92 -10.79
CA GLY A 367 29.64 34.88 -11.06
C GLY A 367 28.88 36.05 -10.46
N ASN A 368 27.68 36.34 -10.98
CA ASN A 368 26.93 37.49 -10.49
C ASN A 368 25.43 37.21 -10.44
N ALA A 369 25.03 35.96 -10.30
CA ALA A 369 23.61 35.61 -10.30
C ALA A 369 23.48 34.15 -9.92
N GLY A 370 22.26 33.76 -9.60
CA GLY A 370 21.95 32.35 -9.51
C GLY A 370 22.03 31.81 -8.10
N LEU A 371 22.01 30.48 -8.04
CA LEU A 371 21.94 29.74 -6.79
C LEU A 371 23.12 28.79 -6.60
N PHE A 372 24.19 28.98 -7.37
CA PHE A 372 25.29 28.04 -7.47
C PHE A 372 26.53 28.82 -7.88
N CYS A 373 27.69 28.27 -7.54
CA CYS A 373 28.95 28.78 -8.07
C CYS A 373 29.59 27.71 -8.94
N TRP A 374 30.52 28.15 -9.77
CA TRP A 374 31.22 27.32 -10.74
C TRP A 374 32.68 27.21 -10.27
N MET A 375 33.05 26.00 -9.84
CA MET A 375 34.26 25.76 -9.07
C MET A 375 35.26 24.96 -9.90
N ASN A 376 36.50 25.43 -9.97
CA ASN A 376 37.55 24.75 -10.70
C ASN A 376 38.37 23.90 -9.73
N LEU A 377 38.26 22.59 -9.86
CA LEU A 377 39.11 21.67 -9.13
C LEU A 377 40.09 20.98 -10.05
N GLY A 378 40.28 21.55 -11.25
CA GLY A 378 41.10 20.94 -12.28
C GLY A 378 42.52 20.62 -11.83
N PHE A 379 43.00 21.31 -10.80
CA PHE A 379 44.35 21.06 -10.31
C PHE A 379 44.47 19.80 -9.44
N LEU A 380 43.37 19.22 -8.97
CA LEU A 380 43.48 17.96 -8.18
C LEU A 380 43.28 16.77 -9.12
N LEU A 381 43.35 16.98 -10.42
CA LEU A 381 42.98 15.91 -11.36
C LEU A 381 44.09 14.90 -11.61
N GLU A 382 43.67 13.65 -11.79
CA GLU A 382 44.59 12.53 -12.08
C GLU A 382 45.05 12.64 -13.53
N LYS A 383 44.17 12.81 -14.52
CA LYS A 383 44.72 12.78 -15.89
C LYS A 383 44.11 13.83 -16.85
N LYS A 384 43.54 14.91 -16.34
CA LYS A 384 42.94 15.96 -17.21
C LYS A 384 41.98 15.30 -18.20
N THR A 385 41.15 14.41 -17.69
CA THR A 385 40.16 13.67 -18.49
C THR A 385 38.80 13.63 -17.80
N LYS A 386 37.82 13.04 -18.52
CA LYS A 386 36.47 12.88 -17.99
C LYS A 386 36.43 11.75 -16.94
N ASP A 387 36.99 10.57 -17.28
CA ASP A 387 37.32 9.57 -16.24
C ASP A 387 37.98 10.11 -14.99
N GLY A 388 38.92 11.05 -15.12
CA GLY A 388 39.53 11.59 -13.93
C GLY A 388 38.60 12.47 -13.14
N GLU A 389 37.79 13.27 -13.82
CA GLU A 389 36.87 14.17 -13.14
C GLU A 389 35.85 13.41 -12.32
N LEU A 390 35.30 12.32 -12.88
CA LEU A 390 34.29 11.56 -12.15
C LEU A 390 34.90 10.79 -10.98
N GLN A 391 36.10 10.23 -11.17
CA GLN A 391 36.84 9.64 -10.05
C GLN A 391 36.97 10.63 -8.90
N LEU A 392 37.40 11.86 -9.20
CA LEU A 392 37.46 12.88 -8.16
C LEU A 392 36.09 13.20 -7.61
N TRP A 393 35.08 13.31 -8.49
CA TRP A 393 33.71 13.52 -8.04
C TRP A 393 33.27 12.44 -7.08
N ASP A 394 33.72 11.20 -7.31
CA ASP A 394 33.40 10.10 -6.41
C ASP A 394 33.95 10.33 -5.01
N VAL A 395 35.13 10.93 -4.91
CA VAL A 395 35.74 11.17 -3.60
C VAL A 395 34.92 12.18 -2.78
N ILE A 396 34.46 13.26 -3.41
CA ILE A 396 33.72 14.26 -2.66
C ILE A 396 32.36 13.69 -2.23
N LEU A 397 31.83 12.74 -2.99
CA LEU A 397 30.56 12.15 -2.58
C LEU A 397 30.75 11.11 -1.47
N LYS A 398 31.78 10.26 -1.57
CA LYS A 398 32.00 9.25 -0.55
C LYS A 398 32.62 9.85 0.72
N GLU A 399 33.84 10.36 0.62
CA GLU A 399 34.59 10.78 1.80
C GLU A 399 34.04 12.07 2.39
N LEU A 400 33.79 13.07 1.56
CA LEU A 400 33.30 14.34 2.08
C LEU A 400 31.80 14.33 2.31
N ASN A 401 31.09 13.31 1.82
CA ASN A 401 29.64 13.25 1.88
C ASN A 401 29.04 14.55 1.35
N LEU A 402 29.50 14.95 0.16
CA LEU A 402 28.99 16.12 -0.54
C LEU A 402 28.60 15.75 -1.96
N ASN A 403 27.35 16.03 -2.31
CA ASN A 403 26.90 15.88 -3.68
C ASN A 403 27.05 17.23 -4.37
N ILE A 404 27.95 17.28 -5.35
CA ILE A 404 28.08 18.44 -6.22
C ILE A 404 28.10 17.92 -7.64
N SER A 405 27.87 18.81 -8.58
CA SER A 405 27.71 18.29 -9.93
C SER A 405 29.02 18.37 -10.68
N PRO A 406 29.47 17.28 -11.31
CA PRO A 406 30.68 17.36 -12.14
C PRO A 406 30.38 18.09 -13.45
N GLY A 407 31.32 18.94 -13.86
CA GLY A 407 31.13 19.77 -15.03
C GLY A 407 30.94 19.00 -16.32
N SER A 408 31.46 17.77 -16.39
CA SER A 408 31.23 16.97 -17.59
C SER A 408 29.76 16.54 -17.71
N SER A 409 29.02 16.51 -16.61
CA SER A 409 27.58 16.31 -16.72
C SER A 409 26.88 17.56 -17.23
N CYS A 410 27.56 18.71 -17.26
CA CYS A 410 27.07 19.91 -17.91
C CYS A 410 27.64 20.11 -19.30
N HIS A 411 28.38 19.11 -19.80
CA HIS A 411 29.04 19.14 -21.11
C HIS A 411 30.06 20.27 -21.22
N CYS A 412 30.67 20.65 -20.10
CA CYS A 412 31.73 21.61 -20.16
C CYS A 412 32.86 21.06 -21.03
N SER A 413 33.48 21.94 -21.81
CA SER A 413 34.55 21.52 -22.70
C SER A 413 35.88 21.38 -21.99
N GLU A 414 36.01 21.89 -20.77
CA GLU A 414 37.19 21.74 -19.93
C GLU A 414 36.86 20.88 -18.71
N VAL A 415 37.76 19.95 -18.39
CA VAL A 415 37.56 19.01 -17.29
C VAL A 415 37.97 19.66 -15.96
N GLY A 416 37.41 19.13 -14.88
CA GLY A 416 37.77 19.55 -13.53
C GLY A 416 36.85 20.58 -12.91
N TRP A 417 35.90 21.15 -13.65
CA TRP A 417 34.97 22.12 -13.11
C TRP A 417 33.77 21.44 -12.46
N PHE A 418 33.22 22.09 -11.44
CA PHE A 418 32.11 21.56 -10.66
C PHE A 418 31.11 22.67 -10.34
N ARG A 419 29.81 22.36 -10.44
CA ARG A 419 28.78 23.27 -9.97
C ARG A 419 28.46 22.94 -8.51
N VAL A 420 28.44 23.96 -7.66
CA VAL A 420 28.18 23.79 -6.23
C VAL A 420 27.05 24.71 -5.85
N CYS A 421 25.93 24.14 -5.39
CA CYS A 421 24.77 24.94 -5.04
C CYS A 421 24.86 25.43 -3.61
N PHE A 422 24.43 26.68 -3.37
CA PHE A 422 24.61 27.31 -2.07
C PHE A 422 23.34 27.88 -1.44
N ALA A 423 22.19 27.78 -2.08
CA ALA A 423 20.98 28.41 -1.58
C ALA A 423 19.96 27.40 -1.04
N ASN A 424 20.28 26.12 -1.03
CA ASN A 424 19.37 25.04 -0.63
C ASN A 424 19.80 24.44 0.70
N MET A 425 20.15 25.30 1.65
CA MET A 425 20.81 24.89 2.89
C MET A 425 20.79 26.06 3.86
N SER A 426 21.00 25.76 5.14
CA SER A 426 21.07 26.79 6.15
C SER A 426 22.44 27.46 6.16
N GLU A 427 22.53 28.54 6.94
CA GLU A 427 23.83 29.10 7.28
C GLU A 427 24.73 28.04 7.88
N ASN A 428 24.22 27.31 8.87
CA ASN A 428 25.02 26.35 9.60
C ASN A 428 25.52 25.24 8.69
N THR A 429 24.61 24.69 7.87
CA THR A 429 24.97 23.59 6.99
C THR A 429 26.05 23.97 5.99
N LEU A 430 26.00 25.20 5.49
CA LEU A 430 27.03 25.62 4.53
C LEU A 430 28.41 25.67 5.18
N GLU A 431 28.48 26.18 6.42
CA GLU A 431 29.75 26.24 7.11
C GLU A 431 30.34 24.85 7.31
N ILE A 432 29.50 23.91 7.77
CA ILE A 432 29.93 22.53 7.97
C ILE A 432 30.45 21.93 6.65
N ALA A 433 29.72 22.18 5.55
CA ALA A 433 30.15 21.65 4.26
C ALA A 433 31.50 22.23 3.84
N LEU A 434 31.72 23.53 4.10
CA LEU A 434 33.00 24.17 3.76
C LEU A 434 34.13 23.56 4.56
N LYS A 435 33.90 23.34 5.87
CA LYS A 435 34.90 22.72 6.73
C LYS A 435 35.35 21.37 6.18
N ARG A 436 34.41 20.57 5.67
CA ARG A 436 34.79 19.27 5.10
C ARG A 436 35.71 19.43 3.89
N ILE A 437 35.42 20.43 3.04
CA ILE A 437 36.28 20.67 1.88
C ILE A 437 37.63 21.23 2.34
N HIS A 438 37.61 22.10 3.36
CA HIS A 438 38.86 22.71 3.83
C HIS A 438 39.84 21.65 4.36
N GLU A 439 39.35 20.69 5.14
CA GLU A 439 40.16 19.60 5.66
C GLU A 439 40.67 18.71 4.55
N PHE A 440 39.87 18.50 3.49
CA PHE A 440 40.33 17.63 2.43
C PHE A 440 41.56 18.22 1.75
N MET A 441 41.63 19.56 1.65
CA MET A 441 42.80 20.14 1.03
C MET A 441 44.02 20.11 1.95
N ASP A 442 43.92 19.45 3.10
CA ASP A 442 45.05 19.32 4.00
C ASP A 442 45.66 17.92 3.92
N ASN B 13 13.35 35.55 -47.52
CA ASN B 13 13.21 34.99 -46.17
C ASN B 13 11.69 34.84 -45.90
N ASN B 14 11.31 33.91 -45.02
CA ASN B 14 9.93 33.65 -44.63
C ASN B 14 9.81 33.79 -43.11
N ASN B 15 8.57 33.74 -42.61
CA ASN B 15 8.41 33.85 -41.17
C ASN B 15 9.03 32.62 -40.50
N VAL B 16 9.71 32.84 -39.38
CA VAL B 16 10.41 31.75 -38.72
C VAL B 16 9.42 30.60 -38.54
N GLU B 17 9.90 29.40 -38.86
CA GLU B 17 9.06 28.23 -39.04
C GLU B 17 8.75 27.54 -37.71
N LEU B 18 7.54 27.00 -37.61
CA LEU B 18 7.16 26.16 -36.49
C LEU B 18 7.14 24.71 -36.93
N SER B 19 7.06 23.81 -35.95
CA SER B 19 7.14 22.38 -36.19
C SER B 19 5.89 21.85 -36.89
N ARG B 20 5.98 20.59 -37.34
CA ARG B 20 4.81 19.94 -37.92
C ARG B 20 3.70 19.81 -36.89
N VAL B 21 4.06 19.43 -35.67
CA VAL B 21 3.09 19.34 -34.59
C VAL B 21 2.42 20.68 -34.36
N ALA B 22 3.18 21.78 -34.47
CA ALA B 22 2.64 23.09 -34.13
C ALA B 22 1.61 23.59 -35.15
N VAL B 23 1.73 23.20 -36.43
CA VAL B 23 0.78 23.65 -37.44
C VAL B 23 -0.31 22.62 -37.73
N SER B 24 -0.20 21.43 -37.14
CA SER B 24 -1.21 20.39 -37.25
C SER B 24 -2.52 20.82 -36.58
N ASP B 25 -3.64 20.33 -37.11
CA ASP B 25 -4.93 20.58 -36.50
C ASP B 25 -5.29 19.57 -35.42
N THR B 26 -4.36 18.66 -35.10
CA THR B 26 -4.63 17.57 -34.15
C THR B 26 -4.94 18.09 -32.76
N HIS B 27 -4.73 19.38 -32.49
CA HIS B 27 -5.25 19.96 -31.26
C HIS B 27 -6.78 19.83 -31.14
N GLY B 28 -7.48 19.52 -32.24
CA GLY B 28 -8.88 19.15 -32.21
C GLY B 28 -9.85 20.30 -32.04
N GLU B 29 -9.44 21.54 -32.27
CA GLU B 29 -10.31 22.67 -32.03
C GLU B 29 -11.13 23.09 -33.25
N ASP B 30 -10.87 22.52 -34.42
CA ASP B 30 -11.84 22.57 -35.53
C ASP B 30 -12.73 21.34 -35.40
N SER B 31 -13.82 21.47 -34.64
CA SER B 31 -14.63 20.30 -34.29
C SER B 31 -15.95 20.69 -33.61
N PRO B 32 -16.99 19.87 -33.75
CA PRO B 32 -18.28 20.25 -33.14
C PRO B 32 -18.20 20.30 -31.63
N TYR B 33 -17.34 19.46 -31.03
CA TYR B 33 -17.20 19.46 -29.57
C TYR B 33 -16.76 20.82 -29.05
N PHE B 34 -15.88 21.50 -29.78
CA PHE B 34 -15.35 22.81 -29.41
C PHE B 34 -16.23 23.97 -29.86
N ALA B 35 -16.86 23.86 -31.03
CA ALA B 35 -17.71 24.95 -31.51
C ALA B 35 -18.96 25.11 -30.65
N GLY B 36 -19.56 24.01 -30.20
CA GLY B 36 -20.75 24.14 -29.38
C GLY B 36 -20.43 24.75 -28.03
N TRP B 37 -19.28 24.40 -27.46
CA TRP B 37 -18.82 25.05 -26.23
C TRP B 37 -18.59 26.53 -26.49
N LYS B 38 -18.07 26.87 -27.67
CA LYS B 38 -17.84 28.27 -28.01
C LYS B 38 -19.16 29.03 -28.13
N ALA B 39 -20.14 28.42 -28.81
CA ALA B 39 -21.48 29.02 -28.88
C ALA B 39 -22.09 29.24 -27.50
N TYR B 40 -21.74 28.37 -26.54
CA TYR B 40 -22.21 28.56 -25.16
C TYR B 40 -21.58 29.79 -24.53
N ASP B 41 -20.29 30.04 -24.80
CA ASP B 41 -19.62 31.18 -24.18
C ASP B 41 -20.16 32.51 -24.70
N GLU B 42 -20.66 32.55 -25.93
CA GLU B 42 -21.19 33.80 -26.49
C GLU B 42 -22.55 34.19 -25.96
N ASN B 43 -23.33 33.24 -25.38
CA ASN B 43 -24.66 33.54 -24.86
C ASN B 43 -25.01 32.54 -23.76
N PRO B 44 -24.33 32.58 -22.63
CA PRO B 44 -24.57 31.58 -21.58
C PRO B 44 -25.91 31.81 -20.89
N TYR B 45 -26.58 30.69 -20.61
CA TYR B 45 -27.82 30.73 -19.85
C TYR B 45 -27.59 31.29 -18.46
N ASP B 46 -28.63 31.92 -17.92
CA ASP B 46 -28.62 32.26 -16.51
C ASP B 46 -30.08 32.37 -16.08
N GLU B 47 -30.41 31.66 -14.99
CA GLU B 47 -31.77 31.65 -14.46
C GLU B 47 -32.33 33.06 -14.33
N SER B 48 -31.56 33.96 -13.72
CA SER B 48 -32.06 35.31 -13.38
C SER B 48 -32.17 36.21 -14.60
N HIS B 49 -31.11 36.30 -15.43
CA HIS B 49 -31.01 37.40 -16.40
C HIS B 49 -30.71 36.92 -17.82
N ASN B 50 -30.94 35.64 -18.11
CA ASN B 50 -30.85 35.10 -19.46
C ASN B 50 -31.45 33.71 -19.52
N PRO B 51 -32.74 33.53 -19.20
CA PRO B 51 -33.33 32.18 -19.22
C PRO B 51 -33.51 31.63 -20.61
N SER B 52 -33.25 32.45 -21.64
CA SER B 52 -33.25 32.01 -23.02
C SER B 52 -31.87 31.57 -23.49
N GLY B 53 -30.86 31.75 -22.65
CA GLY B 53 -29.49 31.49 -23.04
C GLY B 53 -29.19 30.02 -23.23
N VAL B 54 -27.99 29.76 -23.74
CA VAL B 54 -27.54 28.42 -24.04
C VAL B 54 -27.26 27.69 -22.73
N ILE B 55 -27.89 26.53 -22.56
CA ILE B 55 -27.64 25.69 -21.40
C ILE B 55 -26.50 24.75 -21.75
N GLN B 56 -25.53 24.63 -20.85
CA GLN B 56 -24.32 23.87 -21.15
C GLN B 56 -24.59 22.41 -20.80
N MET B 57 -24.66 21.58 -21.81
CA MET B 57 -24.83 20.16 -21.59
C MET B 57 -23.80 19.37 -22.38
N GLY B 58 -22.77 20.05 -22.88
CA GLY B 58 -21.73 19.40 -23.64
C GLY B 58 -20.43 19.19 -22.92
N LEU B 59 -20.38 19.51 -21.62
CA LEU B 59 -19.17 19.40 -20.83
C LEU B 59 -19.41 18.44 -19.68
N ALA B 60 -18.57 17.42 -19.57
CA ALA B 60 -18.72 16.37 -18.56
C ALA B 60 -18.05 16.85 -17.28
N GLU B 61 -18.77 17.67 -16.51
CA GLU B 61 -18.29 18.12 -15.21
C GLU B 61 -19.32 17.74 -14.15
N ASN B 62 -18.85 17.51 -12.93
CA ASN B 62 -19.68 17.02 -11.84
C ASN B 62 -19.76 18.08 -10.75
N GLN B 63 -20.91 18.73 -10.65
CA GLN B 63 -21.21 19.64 -9.55
C GLN B 63 -22.26 19.12 -8.57
N VAL B 64 -22.89 17.96 -8.84
CA VAL B 64 -24.05 17.53 -8.08
C VAL B 64 -23.71 17.19 -6.64
N SER B 65 -22.44 16.94 -6.32
CA SER B 65 -22.03 16.54 -4.99
C SER B 65 -21.09 17.54 -4.34
N PHE B 66 -20.91 18.71 -4.95
CA PHE B 66 -19.82 19.59 -4.51
C PHE B 66 -20.09 20.16 -3.13
N ASP B 67 -21.36 20.32 -2.74
CA ASP B 67 -21.66 20.85 -1.41
C ASP B 67 -21.09 19.96 -0.30
N LEU B 68 -20.88 18.66 -0.57
CA LEU B 68 -20.28 17.83 0.48
C LEU B 68 -18.85 18.24 0.78
N LEU B 69 -18.15 18.78 -0.22
CA LEU B 69 -16.77 19.20 0.02
C LEU B 69 -16.76 20.55 0.72
N GLU B 70 -17.66 21.44 0.31
CA GLU B 70 -17.81 22.74 0.95
C GLU B 70 -18.17 22.58 2.43
N THR B 71 -19.17 21.75 2.72
CA THR B 71 -19.50 21.46 4.12
C THR B 71 -18.34 20.82 4.86
N TYR B 72 -17.57 19.98 4.19
CA TYR B 72 -16.47 19.31 4.87
C TYR B 72 -15.30 20.25 5.17
N LEU B 73 -14.94 21.14 4.24
CA LEU B 73 -13.75 21.95 4.50
C LEU B 73 -14.03 23.05 5.52
N GLU B 74 -15.28 23.51 5.62
CA GLU B 74 -15.67 24.43 6.69
C GLU B 74 -15.34 23.84 8.07
N LYS B 75 -15.78 22.59 8.31
CA LYS B 75 -15.71 22.01 9.64
C LYS B 75 -14.29 21.85 10.16
N LYS B 76 -13.28 21.87 9.29
CA LYS B 76 -11.89 21.83 9.72
C LYS B 76 -11.19 23.16 9.43
N PHE B 91 3.76 24.74 5.19
CA PHE B 91 3.76 25.50 3.95
C PHE B 91 5.16 25.52 3.33
N ARG B 92 6.17 25.68 4.17
CA ARG B 92 7.52 25.60 3.64
C ARG B 92 7.83 24.19 3.16
N GLU B 93 7.31 23.17 3.88
CA GLU B 93 7.58 21.78 3.51
C GLU B 93 7.04 21.45 2.12
N ASN B 94 5.81 21.89 1.81
CA ASN B 94 5.24 21.55 0.50
C ASN B 94 5.83 22.42 -0.61
N ALA B 95 6.08 23.71 -0.33
CA ALA B 95 6.64 24.60 -1.35
C ALA B 95 7.99 24.10 -1.88
N LEU B 96 8.79 23.43 -1.04
CA LEU B 96 10.09 22.90 -1.45
C LEU B 96 10.00 21.48 -2.02
N PHE B 97 8.85 20.82 -1.90
CA PHE B 97 8.70 19.42 -2.31
C PHE B 97 8.33 19.36 -3.79
N GLN B 98 9.28 18.95 -4.60
CA GLN B 98 8.96 18.89 -6.04
C GLN B 98 9.30 17.49 -6.53
N ASP B 99 9.63 16.59 -5.60
CA ASP B 99 9.98 15.19 -5.93
C ASP B 99 8.92 14.64 -6.88
N TYR B 100 9.37 13.97 -7.95
CA TYR B 100 8.48 13.38 -8.98
C TYR B 100 7.68 12.18 -8.45
N HIS B 101 8.01 11.62 -7.29
CA HIS B 101 7.15 10.57 -6.73
C HIS B 101 5.82 11.19 -6.27
N GLY B 102 5.78 12.48 -5.90
CA GLY B 102 4.64 13.10 -5.25
C GLY B 102 4.66 12.86 -3.75
N LEU B 103 3.90 13.65 -3.01
CA LEU B 103 3.86 13.48 -1.56
C LEU B 103 3.47 12.04 -1.21
N LYS B 104 4.25 11.41 -0.35
CA LYS B 104 3.92 10.02 0.08
C LYS B 104 2.54 10.05 0.73
N THR B 105 2.29 11.06 1.56
CA THR B 105 0.98 11.22 2.19
C THR B 105 -0.14 11.31 1.16
N PHE B 106 0.08 12.04 0.06
CA PHE B 106 -1.03 12.16 -0.87
C PHE B 106 -1.20 10.89 -1.69
N ARG B 107 -0.13 10.19 -2.05
CA ARG B 107 -0.35 8.95 -2.79
C ARG B 107 -0.99 7.87 -1.93
N GLN B 108 -0.78 7.89 -0.61
CA GLN B 108 -1.58 7.03 0.26
C GLN B 108 -3.05 7.44 0.23
N ALA B 109 -3.33 8.75 0.26
CA ALA B 109 -4.71 9.19 0.15
C ALA B 109 -5.31 8.79 -1.18
N MET B 110 -4.55 8.92 -2.26
CA MET B 110 -5.06 8.52 -3.57
C MET B 110 -5.27 7.01 -3.66
N ALA B 111 -4.33 6.21 -3.16
CA ALA B 111 -4.48 4.76 -3.22
C ALA B 111 -5.66 4.29 -2.39
N SER B 112 -5.88 4.88 -1.22
CA SER B 112 -7.01 4.49 -0.38
C SER B 112 -8.34 4.94 -0.99
N PHE B 113 -8.38 6.14 -1.57
CA PHE B 113 -9.59 6.61 -2.25
C PHE B 113 -9.96 5.70 -3.41
N MET B 114 -8.96 5.21 -4.15
CA MET B 114 -9.24 4.30 -5.26
C MET B 114 -9.70 2.92 -4.77
N GLU B 115 -9.22 2.48 -3.60
CA GLU B 115 -9.74 1.24 -3.02
C GLU B 115 -11.19 1.40 -2.60
N GLN B 116 -11.52 2.54 -1.99
CA GLN B 116 -12.90 2.77 -1.61
C GLN B 116 -13.83 2.80 -2.82
N ILE B 117 -13.38 3.36 -3.94
CA ILE B 117 -14.23 3.38 -5.13
C ILE B 117 -14.54 1.97 -5.60
N ARG B 118 -13.57 1.06 -5.48
CA ARG B 118 -13.74 -0.31 -5.95
C ARG B 118 -14.26 -1.24 -4.87
N GLY B 119 -14.58 -0.73 -3.68
CA GLY B 119 -15.18 -1.56 -2.64
C GLY B 119 -14.34 -2.73 -2.20
N GLY B 120 -13.04 -2.51 -2.01
CA GLY B 120 -12.12 -3.54 -1.56
C GLY B 120 -11.88 -4.69 -2.50
N LYS B 121 -12.49 -4.72 -3.67
CA LYS B 121 -12.20 -5.77 -4.65
C LYS B 121 -10.83 -5.55 -5.31
N ALA B 122 -10.09 -4.52 -4.88
CA ALA B 122 -8.74 -4.27 -5.37
C ALA B 122 -7.98 -3.47 -4.32
N ARG B 123 -6.66 -3.59 -4.37
CA ARG B 123 -5.77 -2.94 -3.42
C ARG B 123 -4.66 -2.26 -4.21
N PHE B 124 -4.23 -1.06 -3.76
CA PHE B 124 -3.29 -0.24 -4.51
C PHE B 124 -2.10 0.14 -3.65
N ASP B 125 -0.91 -0.22 -4.12
CA ASP B 125 0.33 0.13 -3.45
C ASP B 125 0.68 1.59 -3.75
N PRO B 126 0.74 2.46 -2.74
CA PRO B 126 1.02 3.89 -3.02
C PRO B 126 2.35 4.13 -3.71
N ASP B 127 3.30 3.22 -3.59
CA ASP B 127 4.59 3.40 -4.24
C ASP B 127 4.51 3.27 -5.76
N ARG B 128 3.43 2.69 -6.27
CA ARG B 128 3.21 2.56 -7.69
C ARG B 128 2.37 3.70 -8.27
N ILE B 129 1.86 4.60 -7.43
CA ILE B 129 1.07 5.75 -7.89
C ILE B 129 2.00 6.78 -8.53
N VAL B 130 1.68 7.16 -9.77
CA VAL B 130 2.37 8.25 -10.46
C VAL B 130 1.34 9.34 -10.73
N LEU B 131 1.62 10.55 -10.23
CA LEU B 131 0.72 11.67 -10.39
C LEU B 131 1.05 12.44 -11.66
N THR B 132 0.00 12.94 -12.33
CA THR B 132 0.12 13.77 -13.52
C THR B 132 -0.89 14.90 -13.40
N ALA B 133 -0.72 15.94 -14.22
CA ALA B 133 -1.68 17.03 -14.21
C ALA B 133 -2.94 16.58 -14.97
N GLY B 134 -3.76 15.80 -14.28
CA GLY B 134 -5.00 15.31 -14.85
C GLY B 134 -4.78 14.08 -15.72
N ALA B 135 -5.89 13.44 -16.07
CA ALA B 135 -5.82 12.26 -16.93
C ALA B 135 -5.48 12.63 -18.37
N THR B 136 -5.77 13.88 -18.78
CA THR B 136 -5.27 14.37 -20.05
C THR B 136 -3.76 14.11 -20.16
N ALA B 137 -3.01 14.50 -19.14
CA ALA B 137 -1.57 14.22 -19.10
C ALA B 137 -1.29 12.72 -19.01
N ALA B 138 -2.08 11.98 -18.23
CA ALA B 138 -1.74 10.57 -17.98
C ALA B 138 -1.83 9.73 -19.25
N ASN B 139 -2.87 9.94 -20.05
CA ASN B 139 -3.02 9.12 -21.25
C ASN B 139 -1.95 9.43 -22.28
N GLU B 140 -1.59 10.72 -22.45
CA GLU B 140 -0.50 11.06 -23.36
C GLU B 140 0.81 10.46 -22.87
N LEU B 141 1.07 10.60 -21.57
CA LEU B 141 2.29 10.04 -20.97
C LEU B 141 2.37 8.52 -21.20
N LEU B 142 1.28 7.79 -20.89
CA LEU B 142 1.28 6.35 -21.12
C LEU B 142 1.49 6.02 -22.59
N THR B 143 0.87 6.79 -23.48
CA THR B 143 1.06 6.57 -24.91
C THR B 143 2.53 6.75 -25.30
N PHE B 144 3.21 7.74 -24.72
CA PHE B 144 4.65 7.86 -24.97
C PHE B 144 5.38 6.58 -24.58
N ILE B 145 4.91 5.89 -23.54
CA ILE B 145 5.68 4.80 -22.98
C ILE B 145 5.43 3.50 -23.72
N LEU B 146 4.22 3.31 -24.27
CA LEU B 146 3.79 2.03 -24.79
C LEU B 146 3.85 1.94 -26.30
N ALA B 147 3.94 3.06 -27.00
CA ALA B 147 3.83 3.05 -28.46
C ALA B 147 4.81 4.06 -29.08
N ASP B 148 5.54 3.61 -30.10
CA ASP B 148 6.42 4.46 -30.89
C ASP B 148 5.59 5.29 -31.85
N PRO B 149 6.17 6.37 -32.38
CA PRO B 149 5.49 7.11 -33.46
C PRO B 149 5.12 6.16 -34.59
N ASN B 150 3.93 6.38 -35.16
CA ASN B 150 3.38 5.59 -36.28
C ASN B 150 2.89 4.21 -35.86
N ASP B 151 3.12 3.80 -34.61
CA ASP B 151 2.36 2.68 -34.08
C ASP B 151 0.92 3.12 -33.81
N ALA B 152 0.11 2.21 -33.26
CA ALA B 152 -1.31 2.48 -33.07
C ALA B 152 -1.82 1.92 -31.75
N LEU B 153 -2.86 2.55 -31.23
CA LEU B 153 -3.64 2.00 -30.12
C LEU B 153 -5.06 1.73 -30.59
N LEU B 154 -5.63 0.61 -30.13
CA LEU B 154 -7.01 0.26 -30.37
C LEU B 154 -7.89 0.94 -29.33
N VAL B 155 -8.95 1.62 -29.76
CA VAL B 155 -9.87 2.31 -28.87
C VAL B 155 -11.27 1.98 -29.31
N PRO B 156 -12.12 1.43 -28.42
CA PRO B 156 -13.50 1.14 -28.81
C PRO B 156 -14.24 2.43 -29.12
N THR B 157 -15.03 2.40 -30.19
CA THR B 157 -15.93 3.51 -30.49
C THR B 157 -17.26 3.22 -29.84
N PRO B 158 -18.00 4.27 -29.47
CA PRO B 158 -17.57 5.67 -29.48
C PRO B 158 -16.63 5.99 -28.31
N TYR B 159 -15.86 7.07 -28.43
CA TYR B 159 -14.91 7.38 -27.37
C TYR B 159 -14.79 8.90 -27.20
N TYR B 160 -14.15 9.30 -26.09
CA TYR B 160 -13.97 10.69 -25.71
C TYR B 160 -13.21 11.43 -26.81
N PRO B 161 -13.81 12.45 -27.44
CA PRO B 161 -13.13 13.13 -28.55
C PRO B 161 -11.74 13.63 -28.20
N GLY B 162 -11.49 13.97 -26.94
CA GLY B 162 -10.18 14.46 -26.54
C GLY B 162 -9.07 13.46 -26.76
N PHE B 163 -9.38 12.15 -26.83
CA PHE B 163 -8.32 11.19 -27.13
C PHE B 163 -7.67 11.49 -28.48
N ASP B 164 -8.42 12.04 -29.44
CA ASP B 164 -7.86 12.31 -30.76
C ASP B 164 -6.71 13.30 -30.69
N ARG B 165 -6.74 14.20 -29.70
CA ARG B 165 -5.63 15.08 -29.36
C ARG B 165 -4.65 14.40 -28.40
N ASP B 166 -5.15 13.90 -27.27
CA ASP B 166 -4.29 13.45 -26.18
C ASP B 166 -3.36 12.33 -26.63
N LEU B 167 -3.87 11.41 -27.43
CA LEU B 167 -3.12 10.23 -27.80
C LEU B 167 -2.26 10.43 -29.03
N ARG B 168 -2.53 11.47 -29.81
CA ARG B 168 -1.96 11.58 -31.14
C ARG B 168 -1.12 12.84 -31.37
N TRP B 169 -1.45 13.95 -30.71
CA TRP B 169 -0.93 15.24 -31.16
C TRP B 169 0.59 15.27 -31.10
N ARG B 170 1.17 14.90 -29.96
CA ARG B 170 2.59 15.01 -29.76
C ARG B 170 3.33 13.68 -29.83
N THR B 171 2.63 12.56 -29.91
CA THR B 171 3.21 11.23 -29.80
C THR B 171 3.56 10.59 -31.14
N GLY B 172 2.99 11.07 -32.24
CA GLY B 172 3.06 10.38 -33.51
C GLY B 172 2.30 9.07 -33.55
N VAL B 173 1.50 8.75 -32.50
CA VAL B 173 0.74 7.51 -32.38
C VAL B 173 -0.63 7.71 -33.00
N LYS B 174 -1.17 6.62 -33.56
CA LYS B 174 -2.41 6.62 -34.29
C LYS B 174 -3.47 5.86 -33.51
N ILE B 175 -4.73 6.17 -33.78
CA ILE B 175 -5.85 5.48 -33.16
C ILE B 175 -6.47 4.57 -34.20
N VAL B 176 -6.59 3.29 -33.89
CA VAL B 176 -7.36 2.36 -34.72
C VAL B 176 -8.65 2.05 -33.97
N PRO B 177 -9.82 2.32 -34.56
CA PRO B 177 -11.07 2.09 -33.84
C PRO B 177 -11.41 0.61 -33.75
N ILE B 178 -11.95 0.22 -32.60
CA ILE B 178 -12.66 -1.04 -32.43
C ILE B 178 -14.14 -0.74 -32.60
N HIS B 179 -14.74 -1.23 -33.69
CA HIS B 179 -16.10 -0.86 -33.99
C HIS B 179 -17.08 -1.52 -33.05
N CYS B 180 -18.04 -0.73 -32.60
CA CYS B 180 -19.10 -1.20 -31.74
C CYS B 180 -20.39 -0.61 -32.28
N ASP B 181 -21.48 -1.36 -32.16
CA ASP B 181 -22.76 -0.87 -32.63
C ASP B 181 -23.81 -1.18 -31.58
N SER B 182 -25.04 -0.77 -31.86
CA SER B 182 -26.13 -0.88 -30.90
C SER B 182 -26.59 -2.32 -30.61
N SER B 183 -26.17 -3.34 -31.39
CA SER B 183 -26.68 -4.69 -31.18
C SER B 183 -26.41 -5.16 -29.76
N ASN B 184 -25.22 -4.81 -29.24
CA ASN B 184 -24.80 -5.21 -27.92
C ASN B 184 -24.54 -4.01 -27.04
N HIS B 185 -25.23 -2.91 -27.36
CA HIS B 185 -25.14 -1.67 -26.59
C HIS B 185 -23.72 -1.10 -26.64
N PHE B 186 -23.10 -1.19 -27.83
CA PHE B 186 -21.80 -0.56 -28.11
C PHE B 186 -20.72 -1.13 -27.20
N GLN B 187 -20.72 -2.45 -27.01
CA GLN B 187 -19.70 -3.11 -26.22
C GLN B 187 -18.78 -3.88 -27.14
N ILE B 188 -17.55 -4.08 -26.66
CA ILE B 188 -16.53 -4.81 -27.41
C ILE B 188 -16.96 -6.26 -27.60
N THR B 189 -16.77 -6.77 -28.82
CA THR B 189 -16.95 -8.18 -29.15
C THR B 189 -15.59 -8.74 -29.59
N PRO B 190 -15.32 -10.04 -29.32
CA PRO B 190 -14.06 -10.62 -29.78
C PRO B 190 -13.85 -10.48 -31.28
N GLU B 191 -14.92 -10.61 -32.06
CA GLU B 191 -14.77 -10.45 -33.51
C GLU B 191 -14.38 -9.01 -33.90
N ALA B 192 -14.82 -8.00 -33.13
CA ALA B 192 -14.38 -6.63 -33.41
C ALA B 192 -12.94 -6.39 -32.95
N LEU B 193 -12.52 -6.98 -31.83
CA LEU B 193 -11.11 -6.89 -31.45
C LEU B 193 -10.21 -7.56 -32.47
N GLU B 194 -10.59 -8.77 -32.91
CA GLU B 194 -9.76 -9.45 -33.90
C GLU B 194 -9.76 -8.72 -35.22
N SER B 195 -10.91 -8.21 -35.62
CA SER B 195 -10.97 -7.51 -36.89
C SER B 195 -10.16 -6.22 -36.86
N ALA B 196 -10.24 -5.43 -35.78
CA ALA B 196 -9.46 -4.18 -35.73
C ALA B 196 -7.97 -4.47 -35.71
N TYR B 197 -7.54 -5.42 -34.89
CA TYR B 197 -6.14 -5.82 -34.85
C TYR B 197 -5.66 -6.35 -36.20
N GLN B 198 -6.35 -7.36 -36.76
CA GLN B 198 -5.84 -8.00 -37.96
C GLN B 198 -5.86 -7.05 -39.15
N THR B 199 -6.84 -6.14 -39.19
CA THR B 199 -6.96 -5.27 -40.36
C THR B 199 -5.77 -4.34 -40.38
N ALA B 200 -5.42 -3.84 -39.20
CA ALA B 200 -4.24 -2.99 -39.03
C ALA B 200 -2.96 -3.78 -39.30
N ARG B 201 -2.87 -5.00 -38.77
CA ARG B 201 -1.65 -5.79 -38.97
C ARG B 201 -1.46 -6.13 -40.45
N ASP B 202 -2.54 -6.56 -41.12
CA ASP B 202 -2.48 -6.76 -42.58
C ASP B 202 -2.10 -5.47 -43.31
N ALA B 203 -2.42 -4.30 -42.74
CA ALA B 203 -2.10 -2.99 -43.32
C ALA B 203 -0.72 -2.47 -42.91
N ASN B 204 0.14 -3.32 -42.35
CA ASN B 204 1.47 -2.96 -41.85
C ASN B 204 1.41 -1.83 -40.82
N ILE B 205 0.42 -1.86 -39.93
CA ILE B 205 0.30 -0.92 -38.82
C ILE B 205 0.58 -1.71 -37.56
N ARG B 206 1.52 -1.27 -36.76
CA ARG B 206 1.88 -2.05 -35.59
C ARG B 206 1.05 -1.64 -34.37
N VAL B 207 0.27 -2.59 -33.86
CA VAL B 207 -0.60 -2.37 -32.70
C VAL B 207 0.15 -2.64 -31.41
N ARG B 208 0.02 -1.73 -30.44
CA ARG B 208 0.73 -1.79 -29.18
C ARG B 208 -0.16 -2.01 -27.97
N GLY B 209 -1.46 -1.84 -28.12
CA GLY B 209 -2.35 -2.02 -26.99
C GLY B 209 -3.75 -1.56 -27.30
N VAL B 210 -4.60 -1.74 -26.30
CA VAL B 210 -5.99 -1.30 -26.32
C VAL B 210 -6.17 -0.31 -25.20
N LEU B 211 -6.79 0.83 -25.48
CA LEU B 211 -7.13 1.78 -24.44
C LEU B 211 -8.65 1.84 -24.35
N ILE B 212 -9.20 1.50 -23.20
CA ILE B 212 -10.64 1.50 -22.96
C ILE B 212 -10.94 2.55 -21.91
N THR B 213 -12.21 2.97 -21.90
CA THR B 213 -12.77 3.85 -20.89
C THR B 213 -13.80 3.04 -20.09
N ASN B 214 -13.56 2.89 -18.81
CA ASN B 214 -14.26 1.91 -18.00
C ASN B 214 -14.62 2.55 -16.67
N PRO B 215 -15.86 3.04 -16.52
CA PRO B 215 -16.99 2.99 -17.44
C PRO B 215 -16.84 3.94 -18.60
N SER B 216 -17.68 3.77 -19.61
CA SER B 216 -17.46 4.42 -20.89
C SER B 216 -17.84 5.90 -20.86
N ASN B 217 -17.01 6.72 -21.51
CA ASN B 217 -17.40 8.05 -22.00
C ASN B 217 -17.39 7.86 -23.48
N PRO B 218 -18.52 8.15 -24.18
CA PRO B 218 -19.76 8.82 -23.80
C PRO B 218 -20.95 7.92 -23.42
N LEU B 219 -20.78 6.61 -23.35
CA LEU B 219 -21.92 5.71 -23.17
C LEU B 219 -22.51 5.81 -21.77
N GLY B 220 -21.70 6.16 -20.77
CA GLY B 220 -22.13 6.11 -19.40
C GLY B 220 -22.41 4.69 -18.96
N ALA B 221 -21.55 3.74 -19.33
CA ALA B 221 -21.85 2.31 -19.14
C ALA B 221 -20.61 1.58 -18.66
N THR B 222 -20.78 0.76 -17.63
CA THR B 222 -19.73 -0.14 -17.20
C THR B 222 -19.41 -1.17 -18.29
N VAL B 223 -18.26 -1.80 -18.14
CA VAL B 223 -17.87 -2.88 -19.04
C VAL B 223 -18.08 -4.18 -18.28
N GLN B 224 -18.69 -5.15 -18.94
CA GLN B 224 -19.02 -6.39 -18.26
C GLN B 224 -17.72 -7.13 -17.91
N LYS B 225 -17.76 -7.86 -16.81
CA LYS B 225 -16.54 -8.51 -16.32
C LYS B 225 -15.97 -9.48 -17.35
N LYS B 226 -16.82 -10.29 -17.98
CA LYS B 226 -16.30 -11.27 -18.93
C LYS B 226 -15.70 -10.62 -20.16
N VAL B 227 -16.20 -9.44 -20.55
CA VAL B 227 -15.63 -8.72 -21.69
C VAL B 227 -14.22 -8.24 -21.36
N LEU B 228 -14.01 -7.78 -20.13
CA LEU B 228 -12.69 -7.35 -19.72
C LEU B 228 -11.74 -8.53 -19.61
N GLU B 229 -12.25 -9.67 -19.16
CA GLU B 229 -11.43 -10.88 -19.09
C GLU B 229 -11.04 -11.37 -20.47
N ASP B 230 -11.97 -11.39 -21.42
CA ASP B 230 -11.59 -11.76 -22.78
C ASP B 230 -10.62 -10.75 -23.37
N LEU B 231 -10.84 -9.46 -23.08
CA LEU B 231 -9.95 -8.42 -23.61
C LEU B 231 -8.53 -8.62 -23.08
N LEU B 232 -8.41 -8.88 -21.77
CA LEU B 232 -7.10 -9.14 -21.20
C LEU B 232 -6.46 -10.39 -21.83
N ASP B 233 -7.25 -11.47 -22.02
CA ASP B 233 -6.74 -12.65 -22.72
C ASP B 233 -6.25 -12.30 -24.12
N PHE B 234 -7.06 -11.52 -24.85
CA PHE B 234 -6.66 -11.07 -26.18
C PHE B 234 -5.34 -10.31 -26.13
N CYS B 235 -5.18 -9.44 -25.11
CA CYS B 235 -3.94 -8.66 -25.05
C CYS B 235 -2.72 -9.54 -24.77
N VAL B 236 -2.91 -10.60 -23.97
CA VAL B 236 -1.87 -11.61 -23.75
C VAL B 236 -1.53 -12.33 -25.05
N ARG B 237 -2.55 -12.71 -25.83
CA ARG B 237 -2.29 -13.52 -27.02
C ARG B 237 -1.58 -12.71 -28.09
N LYS B 238 -1.93 -11.45 -28.24
CA LYS B 238 -1.27 -10.60 -29.22
C LYS B 238 -0.03 -9.94 -28.64
N ASN B 239 0.22 -10.12 -27.34
CA ASN B 239 1.33 -9.49 -26.64
C ASN B 239 1.29 -7.97 -26.79
N ILE B 240 0.17 -7.38 -26.34
CA ILE B 240 -0.03 -5.94 -26.37
C ILE B 240 -0.48 -5.48 -24.98
N HIS B 241 -0.60 -4.16 -24.82
CA HIS B 241 -0.96 -3.56 -23.55
C HIS B 241 -2.46 -3.33 -23.41
N LEU B 242 -2.89 -3.15 -22.16
CA LEU B 242 -4.26 -2.80 -21.84
C LEU B 242 -4.22 -1.60 -20.92
N VAL B 243 -4.69 -0.46 -21.43
CA VAL B 243 -4.83 0.77 -20.65
C VAL B 243 -6.31 0.93 -20.34
N SER B 244 -6.64 1.07 -19.07
CA SER B 244 -8.03 1.28 -18.65
C SER B 244 -8.14 2.65 -18.00
N ASP B 245 -8.79 3.57 -18.71
CA ASP B 245 -9.07 4.91 -18.19
C ASP B 245 -10.32 4.83 -17.33
N GLU B 246 -10.15 4.89 -16.02
CA GLU B 246 -11.23 4.68 -15.08
C GLU B 246 -11.61 5.94 -14.32
N ILE B 247 -11.55 7.08 -15.03
CA ILE B 247 -11.81 8.39 -14.45
C ILE B 247 -13.26 8.53 -13.97
N TYR B 248 -14.18 7.73 -14.49
CA TYR B 248 -15.57 7.75 -14.02
C TYR B 248 -15.88 6.59 -13.09
N SER B 249 -14.86 5.90 -12.58
CA SER B 249 -15.09 4.74 -11.73
C SER B 249 -15.86 5.10 -10.47
N GLY B 250 -15.56 6.23 -9.85
CA GLY B 250 -16.32 6.66 -8.67
C GLY B 250 -17.72 7.16 -8.96
N SER B 251 -18.14 7.16 -10.22
CA SER B 251 -19.44 7.63 -10.62
C SER B 251 -20.30 6.49 -11.16
N VAL B 252 -19.90 5.25 -10.94
CA VAL B 252 -20.76 4.11 -11.23
C VAL B 252 -21.92 4.11 -10.25
N PHE B 253 -23.14 3.99 -10.78
CA PHE B 253 -24.32 4.18 -9.94
C PHE B 253 -24.35 3.16 -8.80
N HIS B 254 -23.98 1.90 -9.08
CA HIS B 254 -23.92 0.84 -8.05
C HIS B 254 -22.55 0.18 -8.01
N ALA B 255 -21.90 0.23 -6.84
CA ALA B 255 -20.53 -0.27 -6.72
C ALA B 255 -20.35 -1.68 -7.26
N SER B 256 -21.34 -2.55 -7.11
CA SER B 256 -21.19 -3.94 -7.51
C SER B 256 -21.25 -4.15 -9.02
N GLU B 257 -21.78 -3.19 -9.77
CA GLU B 257 -21.83 -3.33 -11.23
C GLU B 257 -20.55 -2.91 -11.93
N PHE B 258 -19.59 -2.33 -11.21
CA PHE B 258 -18.34 -1.92 -11.83
C PHE B 258 -17.30 -3.02 -11.66
N THR B 259 -16.58 -3.31 -12.74
CA THR B 259 -15.43 -4.19 -12.68
C THR B 259 -14.23 -3.38 -13.17
N SER B 260 -13.35 -3.01 -12.25
CA SER B 260 -12.08 -2.41 -12.63
C SER B 260 -11.14 -3.50 -13.12
N VAL B 261 -10.28 -3.17 -14.07
CA VAL B 261 -9.26 -4.12 -14.48
C VAL B 261 -8.33 -4.48 -13.32
N ALA B 262 -8.30 -3.66 -12.26
CA ALA B 262 -7.55 -4.04 -11.08
C ALA B 262 -8.10 -5.32 -10.45
N GLU B 263 -9.42 -5.48 -10.47
CA GLU B 263 -10.01 -6.70 -9.92
C GLU B 263 -9.64 -7.91 -10.75
N ILE B 264 -9.60 -7.75 -12.06
CA ILE B 264 -9.26 -8.89 -12.95
C ILE B 264 -7.79 -9.26 -12.76
N VAL B 265 -6.97 -8.29 -12.43
CA VAL B 265 -5.52 -8.54 -12.30
C VAL B 265 -5.17 -9.04 -10.90
N GLU B 266 -5.90 -8.61 -9.87
CA GLU B 266 -5.60 -9.00 -8.46
C GLU B 266 -5.74 -10.52 -8.27
N ASN B 267 -6.67 -11.13 -9.03
CA ASN B 267 -7.02 -12.56 -9.17
C ASN B 267 -5.98 -13.35 -9.98
N ILE B 268 -4.82 -12.77 -10.29
CA ILE B 268 -3.68 -13.32 -11.09
C ILE B 268 -2.35 -13.03 -10.39
N ASP B 269 -1.61 -14.03 -9.96
CA ASP B 269 -0.25 -13.80 -9.42
C ASP B 269 0.73 -13.94 -10.58
N ASP B 270 0.21 -14.19 -11.78
CA ASP B 270 1.19 -14.25 -12.87
C ASP B 270 1.61 -12.84 -13.24
N VAL B 271 2.73 -12.38 -12.68
CA VAL B 271 3.25 -11.05 -12.96
C VAL B 271 3.57 -10.88 -14.44
N SER B 272 3.77 -11.99 -15.16
CA SER B 272 3.89 -11.88 -16.60
C SER B 272 2.62 -11.33 -17.23
N VAL B 273 1.46 -11.62 -16.64
CA VAL B 273 0.18 -11.09 -17.11
C VAL B 273 -0.03 -9.66 -16.62
N LYS B 274 0.27 -9.40 -15.34
CA LYS B 274 0.05 -8.09 -14.75
C LYS B 274 0.79 -6.98 -15.50
N GLU B 275 1.96 -7.30 -16.05
CA GLU B 275 2.86 -6.33 -16.61
C GLU B 275 2.29 -5.55 -17.80
N ARG B 276 1.12 -5.92 -18.32
CA ARG B 276 0.58 -5.23 -19.48
C ARG B 276 -0.67 -4.40 -19.16
N VAL B 277 -1.04 -4.28 -17.89
CA VAL B 277 -2.28 -3.61 -17.48
C VAL B 277 -1.95 -2.30 -16.79
N HIS B 278 -2.57 -1.19 -17.23
CA HIS B 278 -2.31 0.11 -16.64
C HIS B 278 -3.59 0.90 -16.46
N ILE B 279 -3.73 1.55 -15.32
CA ILE B 279 -4.94 2.27 -15.01
C ILE B 279 -4.65 3.76 -15.01
N VAL B 280 -5.56 4.52 -15.61
CA VAL B 280 -5.53 5.97 -15.58
C VAL B 280 -6.70 6.42 -14.72
N TYR B 281 -6.44 7.36 -13.83
CA TYR B 281 -7.49 7.90 -13.00
C TYR B 281 -7.22 9.39 -12.79
N SER B 282 -8.24 10.09 -12.29
CA SER B 282 -8.16 11.53 -12.07
C SER B 282 -9.23 11.91 -11.06
N LEU B 283 -9.00 13.02 -10.36
CA LEU B 283 -10.04 13.49 -9.47
C LEU B 283 -10.96 14.49 -10.13
N SER B 284 -10.87 14.67 -11.45
CA SER B 284 -11.65 15.74 -12.09
C SER B 284 -13.14 15.43 -12.08
N LYS B 285 -13.52 14.17 -12.28
CA LYS B 285 -14.94 13.85 -12.48
C LYS B 285 -15.60 13.37 -11.19
N ASP B 286 -15.00 12.40 -10.49
CA ASP B 286 -15.63 11.84 -9.30
C ASP B 286 -15.71 12.88 -8.18
N LEU B 287 -14.66 13.67 -7.99
CA LEU B 287 -14.65 14.70 -6.95
C LEU B 287 -15.04 16.08 -7.46
N GLY B 288 -15.19 16.25 -8.78
CA GLY B 288 -15.54 17.57 -9.27
C GLY B 288 -14.47 18.61 -9.04
N LEU B 289 -13.19 18.20 -9.11
CA LEU B 289 -12.08 19.13 -8.96
C LEU B 289 -11.24 19.22 -10.23
N PRO B 290 -11.82 19.50 -11.40
CA PRO B 290 -11.00 19.51 -12.61
C PRO B 290 -9.90 20.56 -12.59
N GLY B 291 -10.14 21.70 -11.95
CA GLY B 291 -9.18 22.79 -11.96
C GLY B 291 -7.87 22.49 -11.26
N PHE B 292 -7.88 21.52 -10.34
CA PHE B 292 -6.70 21.17 -9.55
C PHE B 292 -5.74 20.24 -10.28
N ARG B 293 -6.16 19.59 -11.36
CA ARG B 293 -5.31 18.79 -12.24
C ARG B 293 -4.62 17.65 -11.49
N VAL B 294 -5.41 16.79 -10.88
CA VAL B 294 -4.87 15.65 -10.16
C VAL B 294 -5.17 14.42 -10.99
N GLY B 295 -4.15 13.91 -11.68
CA GLY B 295 -4.32 12.67 -12.40
C GLY B 295 -3.39 11.63 -11.82
N THR B 296 -3.63 10.35 -12.10
CA THR B 296 -2.66 9.34 -11.70
C THR B 296 -2.62 8.24 -12.73
N ILE B 297 -1.45 7.60 -12.81
CA ILE B 297 -1.24 6.33 -13.49
C ILE B 297 -0.96 5.30 -12.41
N TYR B 298 -1.67 4.17 -12.46
CA TYR B 298 -1.34 3.02 -11.62
C TYR B 298 -1.01 1.86 -12.54
N SER B 299 0.27 1.50 -12.62
CA SER B 299 0.70 0.47 -13.54
C SER B 299 1.20 -0.76 -12.76
N TYR B 300 0.84 -1.94 -13.25
CA TYR B 300 1.34 -3.19 -12.69
C TYR B 300 2.67 -3.60 -13.29
N ASN B 301 3.24 -2.76 -14.13
CA ASN B 301 4.52 -2.99 -14.79
C ASN B 301 5.55 -2.10 -14.14
N ASP B 302 6.55 -2.72 -13.51
CA ASP B 302 7.50 -1.98 -12.68
C ASP B 302 8.34 -1.02 -13.54
N ASN B 303 8.55 -1.37 -14.81
CA ASN B 303 9.33 -0.51 -15.68
C ASN B 303 8.51 0.68 -16.17
N VAL B 304 7.22 0.48 -16.34
CA VAL B 304 6.31 1.59 -16.66
C VAL B 304 6.21 2.53 -15.48
N VAL B 305 6.16 2.00 -14.27
CA VAL B 305 6.12 2.85 -13.08
C VAL B 305 7.36 3.74 -13.04
N ARG B 306 8.55 3.15 -13.15
CA ARG B 306 9.77 3.92 -13.03
C ARG B 306 9.87 4.92 -14.18
N THR B 307 9.50 4.50 -15.38
CA THR B 307 9.53 5.38 -16.54
C THR B 307 8.45 6.46 -16.46
N ALA B 308 7.21 6.09 -16.08
CA ALA B 308 6.15 7.10 -16.00
C ALA B 308 6.49 8.18 -14.99
N ARG B 309 7.12 7.79 -13.88
CA ARG B 309 7.43 8.76 -12.85
C ARG B 309 8.49 9.76 -13.30
N ARG B 310 9.56 9.29 -13.95
CA ARG B 310 10.54 10.22 -14.53
C ARG B 310 9.85 11.16 -15.50
N MET B 311 8.96 10.61 -16.32
CA MET B 311 8.25 11.40 -17.31
C MET B 311 7.24 12.34 -16.68
N SER B 312 6.77 12.06 -15.46
CA SER B 312 5.81 12.97 -14.84
C SER B 312 6.44 14.30 -14.44
N SER B 313 7.78 14.42 -14.51
CA SER B 313 8.44 15.70 -14.29
C SER B 313 7.87 16.79 -15.18
N PHE B 314 7.39 16.42 -16.36
CA PHE B 314 6.85 17.37 -17.29
C PHE B 314 5.44 17.82 -16.94
N THR B 315 4.82 17.25 -15.92
CA THR B 315 3.39 17.49 -15.71
C THR B 315 3.04 17.17 -14.26
N LEU B 316 3.82 17.71 -13.33
CA LEU B 316 3.60 17.39 -11.92
C LEU B 316 2.40 18.14 -11.36
N VAL B 317 1.82 17.55 -10.32
CA VAL B 317 0.71 18.10 -9.55
C VAL B 317 1.26 19.05 -8.50
N SER B 318 0.57 20.18 -8.33
CA SER B 318 0.97 21.15 -7.31
C SER B 318 1.06 20.50 -5.94
N SER B 319 2.18 20.71 -5.26
CA SER B 319 2.35 20.13 -3.94
C SER B 319 1.38 20.76 -2.95
N GLN B 320 0.97 22.01 -3.19
CA GLN B 320 -0.06 22.63 -2.36
C GLN B 320 -1.37 21.83 -2.40
N THR B 321 -1.86 21.49 -3.60
CA THR B 321 -3.12 20.77 -3.67
C THR B 321 -2.97 19.34 -3.20
N GLN B 322 -1.84 18.69 -3.47
CA GLN B 322 -1.59 17.36 -2.91
C GLN B 322 -1.71 17.41 -1.39
N HIS B 323 -1.11 18.43 -0.78
CA HIS B 323 -1.15 18.54 0.67
C HIS B 323 -2.57 18.81 1.16
N MET B 324 -3.27 19.72 0.50
CA MET B 324 -4.66 20.01 0.88
C MET B 324 -5.53 18.78 0.74
N LEU B 325 -5.40 18.05 -0.37
CA LEU B 325 -6.33 16.96 -0.60
C LEU B 325 -5.98 15.70 0.18
N ALA B 326 -4.73 15.59 0.66
CA ALA B 326 -4.29 14.33 1.27
C ALA B 326 -5.13 13.99 2.48
N SER B 327 -5.31 14.95 3.40
CA SER B 327 -6.09 14.70 4.61
C SER B 327 -7.54 14.37 4.28
N MET B 328 -8.15 15.14 3.37
CA MET B 328 -9.55 14.90 3.02
C MET B 328 -9.74 13.52 2.39
N LEU B 329 -8.81 13.10 1.50
CA LEU B 329 -8.97 11.85 0.78
C LEU B 329 -8.57 10.64 1.62
N SER B 330 -7.87 10.85 2.74
CA SER B 330 -7.59 9.81 3.72
C SER B 330 -8.65 9.74 4.82
N ASP B 331 -9.57 10.71 4.87
CA ASP B 331 -10.67 10.69 5.84
C ASP B 331 -11.62 9.60 5.40
N GLU B 332 -11.39 8.38 5.92
CA GLU B 332 -12.14 7.20 5.52
C GLU B 332 -13.63 7.38 5.79
N GLU B 333 -13.98 8.02 6.90
CA GLU B 333 -15.37 8.36 7.18
C GLU B 333 -15.94 9.22 6.06
N PHE B 334 -15.24 10.29 5.69
CA PHE B 334 -15.76 11.22 4.69
C PHE B 334 -15.78 10.62 3.29
N THR B 335 -14.72 9.90 2.89
CA THR B 335 -14.70 9.33 1.55
C THR B 335 -15.78 8.27 1.37
N GLU B 336 -16.01 7.44 2.40
CA GLU B 336 -17.12 6.49 2.33
C GLU B 336 -18.43 7.20 2.07
N LYS B 337 -18.67 8.31 2.77
CA LYS B 337 -19.93 9.03 2.63
C LYS B 337 -20.00 9.74 1.29
N TYR B 338 -18.92 10.40 0.89
CA TYR B 338 -18.92 11.14 -0.37
C TYR B 338 -19.20 10.19 -1.54
N ILE B 339 -18.49 9.07 -1.59
CA ILE B 339 -18.63 8.16 -2.73
C ILE B 339 -20.03 7.57 -2.79
N ARG B 340 -20.53 7.08 -1.66
CA ARG B 340 -21.91 6.59 -1.61
C ARG B 340 -22.90 7.66 -2.08
N ILE B 341 -22.79 8.88 -1.54
CA ILE B 341 -23.78 9.89 -1.90
C ILE B 341 -23.60 10.34 -3.35
N ASN B 342 -22.36 10.40 -3.85
CA ASN B 342 -22.17 10.84 -5.23
C ASN B 342 -22.80 9.86 -6.21
N ARG B 343 -22.69 8.56 -5.93
CA ARG B 343 -23.32 7.56 -6.79
C ARG B 343 -24.83 7.77 -6.85
N GLU B 344 -25.46 8.12 -5.72
CA GLU B 344 -26.92 8.22 -5.68
C GLU B 344 -27.42 9.44 -6.40
N ARG B 345 -26.71 10.57 -6.25
CA ARG B 345 -27.17 11.80 -6.90
C ARG B 345 -27.00 11.74 -8.41
N LEU B 346 -25.91 11.13 -8.88
CA LEU B 346 -25.72 10.96 -10.31
C LEU B 346 -26.77 9.99 -10.87
N ARG B 347 -26.97 8.86 -10.20
CA ARG B 347 -28.04 7.96 -10.63
C ARG B 347 -29.37 8.70 -10.64
N ARG B 348 -29.58 9.59 -9.67
CA ARG B 348 -30.83 10.31 -9.59
C ARG B 348 -30.99 11.29 -10.74
N ARG B 349 -29.88 11.93 -11.17
CA ARG B 349 -29.95 12.81 -12.33
C ARG B 349 -30.13 12.02 -13.60
N TYR B 350 -29.46 10.88 -13.70
CA TYR B 350 -29.67 10.00 -14.85
C TYR B 350 -31.13 9.62 -15.00
N ASP B 351 -31.77 9.21 -13.89
CA ASP B 351 -33.20 8.87 -13.97
C ASP B 351 -34.04 10.09 -14.30
N THR B 352 -33.70 11.25 -13.73
CA THR B 352 -34.46 12.45 -14.05
C THR B 352 -34.43 12.73 -15.54
N ILE B 353 -33.25 12.69 -16.15
CA ILE B 353 -33.14 13.09 -17.55
C ILE B 353 -33.65 11.98 -18.46
N VAL B 354 -33.39 10.71 -18.12
CA VAL B 354 -33.87 9.63 -18.98
C VAL B 354 -35.40 9.55 -18.96
N GLU B 355 -36.00 9.80 -17.78
CA GLU B 355 -37.45 9.78 -17.71
C GLU B 355 -38.07 11.06 -18.29
N GLY B 356 -37.32 12.17 -18.27
CA GLY B 356 -37.79 13.35 -18.97
C GLY B 356 -37.81 13.14 -20.46
N LEU B 357 -36.77 12.50 -21.00
CA LEU B 357 -36.73 12.25 -22.42
C LEU B 357 -37.76 11.22 -22.84
N LYS B 358 -38.09 10.27 -21.96
CA LYS B 358 -39.09 9.29 -22.36
C LYS B 358 -40.46 9.96 -22.47
N LYS B 359 -40.77 10.93 -21.61
CA LYS B 359 -41.99 11.72 -21.79
C LYS B 359 -42.04 12.40 -23.16
N ALA B 360 -40.89 12.80 -23.69
CA ALA B 360 -40.83 13.44 -24.99
C ALA B 360 -40.70 12.44 -26.14
N GLY B 361 -40.72 11.15 -25.84
CA GLY B 361 -40.64 10.15 -26.87
C GLY B 361 -39.22 9.89 -27.33
N ILE B 362 -38.24 10.04 -26.44
CA ILE B 362 -36.83 9.90 -26.81
C ILE B 362 -36.20 8.85 -25.92
N GLU B 363 -35.56 7.88 -26.56
CA GLU B 363 -34.90 6.80 -25.88
C GLU B 363 -33.44 7.10 -25.58
N CYS B 364 -32.95 6.59 -24.48
CA CYS B 364 -31.53 6.61 -24.18
C CYS B 364 -31.01 5.19 -24.05
N LEU B 365 -29.73 5.01 -24.34
CA LEU B 365 -29.07 3.78 -23.95
C LEU B 365 -29.22 3.61 -22.45
N LYS B 366 -29.34 2.37 -22.00
CA LYS B 366 -29.37 2.16 -20.56
C LYS B 366 -27.95 2.33 -20.00
N GLY B 367 -27.75 3.41 -19.24
CA GLY B 367 -26.44 3.68 -18.67
C GLY B 367 -26.43 3.40 -17.18
N ASN B 368 -25.25 3.21 -16.60
CA ASN B 368 -25.22 2.92 -15.17
C ASN B 368 -24.02 3.60 -14.51
N ALA B 369 -23.57 4.70 -15.08
CA ALA B 369 -22.36 5.37 -14.60
C ALA B 369 -22.22 6.69 -15.33
N GLY B 370 -21.39 7.57 -14.78
CA GLY B 370 -20.94 8.73 -15.53
C GLY B 370 -21.77 9.97 -15.27
N LEU B 371 -21.51 10.99 -16.10
CA LEU B 371 -22.08 12.32 -15.94
C LEU B 371 -22.93 12.71 -17.14
N PHE B 372 -23.32 11.72 -17.92
CA PHE B 372 -23.93 11.98 -19.21
C PHE B 372 -24.78 10.77 -19.55
N CYS B 373 -25.80 11.00 -20.36
CA CYS B 373 -26.53 9.89 -20.93
C CYS B 373 -26.26 9.91 -22.43
N TRP B 374 -26.52 8.77 -23.05
CA TRP B 374 -26.29 8.56 -24.47
C TRP B 374 -27.68 8.50 -25.12
N MET B 375 -28.01 9.53 -25.89
CA MET B 375 -29.37 9.80 -26.30
C MET B 375 -29.51 9.51 -27.80
N ASN B 376 -30.51 8.71 -28.16
CA ASN B 376 -30.75 8.27 -29.53
C ASN B 376 -31.78 9.16 -30.21
N LEU B 377 -31.32 10.02 -31.12
CA LEU B 377 -32.18 10.86 -31.94
C LEU B 377 -32.13 10.49 -33.41
N GLY B 378 -31.64 9.29 -33.74
CA GLY B 378 -31.53 8.90 -35.13
C GLY B 378 -32.85 8.87 -35.88
N PHE B 379 -33.97 8.72 -35.15
CA PHE B 379 -35.29 8.66 -35.77
C PHE B 379 -35.77 10.02 -36.27
N LEU B 380 -35.11 11.12 -35.90
CA LEU B 380 -35.44 12.46 -36.40
C LEU B 380 -34.59 12.90 -37.60
N LEU B 381 -33.87 12.01 -38.25
CA LEU B 381 -32.87 12.43 -39.23
C LEU B 381 -33.40 12.36 -40.67
N GLU B 382 -32.71 13.03 -41.60
CA GLU B 382 -33.09 12.93 -43.02
C GLU B 382 -33.04 11.46 -43.45
N LYS B 383 -31.85 10.87 -43.32
CA LYS B 383 -31.45 9.47 -43.56
C LYS B 383 -30.20 9.25 -42.69
N LYS B 384 -29.78 8.01 -42.43
CA LYS B 384 -28.61 7.85 -41.54
C LYS B 384 -27.32 8.34 -42.19
N THR B 385 -27.06 9.65 -42.17
CA THR B 385 -25.83 10.23 -42.73
C THR B 385 -25.23 11.20 -41.72
N LYS B 386 -23.93 11.44 -41.85
CA LYS B 386 -23.22 12.32 -40.92
C LYS B 386 -23.73 13.76 -41.00
N ASP B 387 -23.96 14.27 -42.21
CA ASP B 387 -24.36 15.66 -42.30
C ASP B 387 -25.80 15.86 -41.82
N GLY B 388 -26.60 14.81 -41.82
CA GLY B 388 -27.91 14.90 -41.20
C GLY B 388 -27.80 15.07 -39.69
N GLU B 389 -26.85 14.36 -39.06
CA GLU B 389 -26.65 14.50 -37.63
C GLU B 389 -26.19 15.91 -37.26
N LEU B 390 -25.28 16.48 -38.06
CA LEU B 390 -24.80 17.84 -37.76
C LEU B 390 -25.87 18.89 -37.97
N GLN B 391 -26.69 18.76 -39.03
CA GLN B 391 -27.85 19.63 -39.19
C GLN B 391 -28.73 19.61 -37.94
N LEU B 392 -29.07 18.41 -37.45
CA LEU B 392 -29.91 18.32 -36.26
C LEU B 392 -29.21 18.97 -35.06
N TRP B 393 -27.91 18.71 -34.90
CA TRP B 393 -27.14 19.32 -33.83
C TRP B 393 -27.19 20.84 -33.91
N ASP B 394 -27.16 21.37 -35.13
CA ASP B 394 -27.25 22.81 -35.31
C ASP B 394 -28.58 23.35 -34.82
N VAL B 395 -29.66 22.62 -35.08
CA VAL B 395 -30.99 23.05 -34.63
C VAL B 395 -31.05 23.02 -33.10
N ILE B 396 -30.51 21.98 -32.48
CA ILE B 396 -30.55 21.92 -31.02
C ILE B 396 -29.67 23.02 -30.44
N LEU B 397 -28.58 23.40 -31.13
CA LEU B 397 -27.69 24.43 -30.64
C LEU B 397 -28.21 25.84 -30.90
N LYS B 398 -29.11 26.02 -31.87
CA LYS B 398 -29.52 27.37 -32.25
C LYS B 398 -31.00 27.68 -32.00
N GLU B 399 -31.91 26.73 -32.24
CA GLU B 399 -33.29 26.93 -31.82
C GLU B 399 -33.51 26.56 -30.36
N LEU B 400 -33.01 25.41 -29.93
CA LEU B 400 -33.23 25.01 -28.55
C LEU B 400 -32.21 25.61 -27.59
N ASN B 401 -31.14 26.22 -28.10
CA ASN B 401 -30.05 26.75 -27.29
C ASN B 401 -29.56 25.75 -26.24
N LEU B 402 -29.25 24.54 -26.69
CA LEU B 402 -28.67 23.52 -25.83
C LEU B 402 -27.40 23.03 -26.51
N ASN B 403 -26.29 23.08 -25.79
CA ASN B 403 -25.04 22.51 -26.29
C ASN B 403 -24.92 21.08 -25.81
N ILE B 404 -25.04 20.13 -26.75
CA ILE B 404 -24.80 18.72 -26.51
C ILE B 404 -23.86 18.25 -27.61
N SER B 405 -23.24 17.04 -27.39
CA SER B 405 -22.16 16.61 -28.30
C SER B 405 -22.68 15.66 -29.36
N PRO B 406 -22.42 15.91 -30.64
CA PRO B 406 -22.88 14.97 -31.67
C PRO B 406 -22.07 13.68 -31.63
N GLY B 407 -22.78 12.56 -31.75
CA GLY B 407 -22.14 11.26 -31.58
C GLY B 407 -21.05 10.97 -32.58
N SER B 408 -21.14 11.59 -33.77
CA SER B 408 -20.09 11.41 -34.78
C SER B 408 -18.78 12.07 -34.39
N SER B 409 -18.80 13.09 -33.53
CA SER B 409 -17.54 13.58 -32.98
C SER B 409 -16.96 12.64 -31.93
N CYS B 410 -17.73 11.63 -31.50
CA CYS B 410 -17.21 10.53 -30.69
C CYS B 410 -16.93 9.29 -31.52
N HIS B 411 -16.98 9.41 -32.84
CA HIS B 411 -16.70 8.32 -33.78
C HIS B 411 -17.66 7.17 -33.60
N CYS B 412 -18.90 7.48 -33.24
CA CYS B 412 -19.94 6.46 -33.19
C CYS B 412 -20.14 5.89 -34.58
N SER B 413 -20.42 4.59 -34.65
CA SER B 413 -20.66 3.98 -35.96
C SER B 413 -22.08 4.20 -36.47
N GLU B 414 -23.00 4.68 -35.63
CA GLU B 414 -24.36 5.02 -36.03
C GLU B 414 -24.58 6.51 -35.85
N VAL B 415 -25.24 7.15 -36.81
CA VAL B 415 -25.49 8.58 -36.70
C VAL B 415 -26.74 8.85 -35.88
N GLY B 416 -26.85 10.08 -35.36
CA GLY B 416 -28.05 10.49 -34.66
C GLY B 416 -27.99 10.36 -33.15
N TRP B 417 -26.92 9.77 -32.61
CA TRP B 417 -26.75 9.66 -31.17
C TRP B 417 -26.10 10.94 -30.64
N PHE B 418 -26.42 11.28 -29.41
CA PHE B 418 -25.92 12.50 -28.80
C PHE B 418 -25.57 12.20 -27.36
N ARG B 419 -24.45 12.75 -26.90
CA ARG B 419 -24.09 12.69 -25.49
C ARG B 419 -24.66 13.91 -24.81
N VAL B 420 -25.36 13.71 -23.70
CA VAL B 420 -25.99 14.81 -22.99
C VAL B 420 -25.54 14.77 -21.54
N CYS B 421 -24.82 15.81 -21.13
CA CYS B 421 -24.30 15.87 -19.77
C CYS B 421 -25.36 16.44 -18.84
N PHE B 422 -25.47 15.83 -17.64
CA PHE B 422 -26.52 16.13 -16.69
C PHE B 422 -26.01 16.49 -15.30
N ALA B 423 -24.69 16.57 -15.08
CA ALA B 423 -24.17 16.68 -13.73
C ALA B 423 -23.61 18.06 -13.37
N ASN B 424 -23.66 19.02 -14.29
CA ASN B 424 -23.03 20.33 -14.13
C ASN B 424 -24.03 21.47 -13.99
N MET B 425 -25.14 21.26 -13.31
CA MET B 425 -26.24 22.19 -13.43
C MET B 425 -27.20 21.92 -12.29
N SER B 426 -28.07 22.91 -12.04
CA SER B 426 -29.08 22.81 -11.00
C SER B 426 -30.28 21.98 -11.47
N GLU B 427 -31.06 21.51 -10.50
CA GLU B 427 -32.27 20.76 -10.82
C GLU B 427 -33.16 21.56 -11.76
N ASN B 428 -33.36 22.84 -11.46
CA ASN B 428 -34.25 23.64 -12.29
C ASN B 428 -33.70 23.81 -13.69
N THR B 429 -32.39 24.04 -13.83
CA THR B 429 -31.80 24.19 -15.17
C THR B 429 -31.98 22.92 -16.01
N LEU B 430 -31.90 21.76 -15.37
CA LEU B 430 -32.18 20.51 -16.08
C LEU B 430 -33.65 20.44 -16.48
N GLU B 431 -34.54 20.84 -15.57
CA GLU B 431 -35.97 20.81 -15.87
C GLU B 431 -36.30 21.72 -17.05
N ILE B 432 -35.76 22.95 -17.05
CA ILE B 432 -35.99 23.86 -18.19
C ILE B 432 -35.42 23.26 -19.48
N ALA B 433 -34.23 22.65 -19.40
CA ALA B 433 -33.70 22.03 -20.62
C ALA B 433 -34.63 20.95 -21.11
N LEU B 434 -35.18 20.17 -20.17
CA LEU B 434 -36.16 19.15 -20.56
C LEU B 434 -37.41 19.78 -21.16
N LYS B 435 -37.87 20.91 -20.62
CA LYS B 435 -39.03 21.58 -21.21
C LYS B 435 -38.78 21.91 -22.68
N ARG B 436 -37.61 22.49 -22.99
CA ARG B 436 -37.32 22.90 -24.36
C ARG B 436 -37.37 21.70 -25.31
N ILE B 437 -36.82 20.56 -24.89
CA ILE B 437 -36.81 19.38 -25.75
C ILE B 437 -38.21 18.79 -25.89
N HIS B 438 -38.94 18.70 -24.78
CA HIS B 438 -40.30 18.17 -24.85
C HIS B 438 -41.14 19.09 -25.73
N GLU B 439 -40.94 20.40 -25.58
CA GLU B 439 -41.65 21.41 -26.36
C GLU B 439 -41.26 21.30 -27.84
N PHE B 440 -40.01 20.95 -28.14
CA PHE B 440 -39.54 20.71 -29.52
C PHE B 440 -40.09 19.44 -30.15
N MET B 441 -40.33 18.37 -29.37
CA MET B 441 -40.88 17.15 -29.94
C MET B 441 -42.35 17.30 -30.30
N ASP B 442 -43.11 18.06 -29.49
CA ASP B 442 -44.50 18.34 -29.83
C ASP B 442 -44.64 19.01 -31.20
N ARG B 443 -43.70 19.89 -31.55
CA ARG B 443 -43.77 20.57 -32.84
C ARG B 443 -43.42 19.65 -34.01
N ARG B 444 -42.52 18.69 -33.79
CA ARG B 444 -42.04 17.85 -34.88
C ARG B 444 -42.98 16.68 -35.21
N ARG B 445 -43.86 16.31 -34.29
CA ARG B 445 -44.78 15.18 -34.51
C ARG B 445 -45.72 15.41 -35.69
N ASN C 14 -2.89 -52.55 19.48
CA ASN C 14 -3.82 -51.60 18.83
C ASN C 14 -3.71 -50.19 19.42
N ASN C 15 -2.52 -49.63 19.39
CA ASN C 15 -2.26 -48.32 19.98
C ASN C 15 -2.32 -47.26 18.89
N VAL C 16 -3.15 -46.25 19.11
CA VAL C 16 -3.33 -45.20 18.14
C VAL C 16 -2.04 -44.40 17.98
N GLU C 17 -1.83 -43.85 16.79
CA GLU C 17 -0.56 -43.23 16.43
C GLU C 17 -0.74 -41.73 16.21
N LEU C 18 0.30 -40.98 16.55
CA LEU C 18 0.39 -39.54 16.32
C LEU C 18 1.26 -39.24 15.11
N SER C 19 1.24 -37.98 14.67
CA SER C 19 1.95 -37.57 13.46
C SER C 19 3.47 -37.49 13.70
N ARG C 20 4.22 -37.24 12.62
CA ARG C 20 5.67 -37.11 12.76
C ARG C 20 6.03 -35.85 13.53
N VAL C 21 5.32 -34.75 13.29
CA VAL C 21 5.57 -33.54 14.04
C VAL C 21 5.44 -33.80 15.54
N ALA C 22 4.44 -34.60 15.93
CA ALA C 22 4.11 -34.80 17.35
C ALA C 22 5.14 -35.63 18.08
N VAL C 23 5.75 -36.62 17.40
CA VAL C 23 6.71 -37.49 18.09
C VAL C 23 8.13 -36.98 17.97
N SER C 24 8.36 -35.93 17.17
CA SER C 24 9.65 -35.29 16.96
C SER C 24 10.16 -34.55 18.19
N ASP C 25 11.49 -34.39 18.26
CA ASP C 25 12.13 -33.60 19.31
C ASP C 25 12.25 -32.11 18.95
N THR C 26 11.77 -31.70 17.78
CA THR C 26 11.99 -30.33 17.33
C THR C 26 11.35 -29.29 18.24
N HIS C 27 10.50 -29.69 19.18
CA HIS C 27 10.07 -28.73 20.20
C HIS C 27 11.25 -28.17 20.99
N GLY C 28 12.40 -28.85 20.98
CA GLY C 28 13.63 -28.30 21.50
C GLY C 28 13.78 -28.28 23.00
N GLU C 29 12.99 -29.07 23.74
CA GLU C 29 12.99 -28.96 25.22
C GLU C 29 14.17 -29.64 25.90
N ASP C 30 15.10 -30.18 25.14
CA ASP C 30 16.27 -30.82 25.71
C ASP C 30 17.49 -29.90 25.70
N SER C 31 17.43 -28.81 24.94
CA SER C 31 18.48 -27.81 24.93
C SER C 31 18.71 -27.26 26.33
N PRO C 32 19.94 -26.78 26.60
CA PRO C 32 20.22 -26.21 27.93
C PRO C 32 19.44 -24.95 28.21
N TYR C 33 19.06 -24.19 27.18
CA TYR C 33 18.21 -23.02 27.37
C TYR C 33 16.90 -23.39 28.07
N PHE C 34 16.33 -24.55 27.76
CA PHE C 34 15.15 -24.97 28.50
C PHE C 34 15.51 -25.73 29.77
N ALA C 35 16.51 -26.60 29.73
CA ALA C 35 16.89 -27.37 30.92
C ALA C 35 17.32 -26.48 32.07
N GLY C 36 18.09 -25.43 31.77
CA GLY C 36 18.50 -24.51 32.83
C GLY C 36 17.33 -23.73 33.39
N TRP C 37 16.36 -23.42 32.54
CA TRP C 37 15.13 -22.75 32.96
C TRP C 37 14.36 -23.60 33.98
N LYS C 38 14.07 -24.86 33.65
CA LYS C 38 13.31 -25.72 34.55
C LYS C 38 14.05 -26.01 35.84
N ALA C 39 15.39 -25.92 35.83
CA ALA C 39 16.14 -26.02 37.07
C ALA C 39 15.88 -24.84 37.98
N TYR C 40 15.58 -23.67 37.41
CA TYR C 40 15.20 -22.50 38.20
C TYR C 40 13.83 -22.68 38.86
N ASP C 41 12.88 -23.31 38.17
CA ASP C 41 11.54 -23.45 38.72
C ASP C 41 11.52 -24.37 39.94
N GLU C 42 12.48 -25.29 40.06
CA GLU C 42 12.50 -26.17 41.23
C GLU C 42 12.87 -25.41 42.48
N ASN C 43 14.01 -24.71 42.47
CA ASN C 43 14.50 -23.93 43.62
C ASN C 43 14.70 -22.47 43.20
N PRO C 44 13.60 -21.75 42.94
CA PRO C 44 13.76 -20.35 42.51
C PRO C 44 14.23 -19.48 43.66
N TYR C 45 15.13 -18.55 43.35
CA TYR C 45 15.65 -17.65 44.37
C TYR C 45 14.52 -16.81 44.96
N ASP C 46 14.68 -16.45 46.22
CA ASP C 46 13.76 -15.53 46.87
C ASP C 46 14.50 -14.91 48.04
N GLU C 47 14.47 -13.57 48.12
CA GLU C 47 15.15 -12.84 49.18
C GLU C 47 14.84 -13.40 50.57
N SER C 48 13.56 -13.71 50.84
CA SER C 48 13.12 -14.03 52.20
C SER C 48 13.62 -15.39 52.67
N HIS C 49 13.32 -16.44 51.91
CA HIS C 49 13.34 -17.79 52.42
C HIS C 49 14.18 -18.70 51.54
N ASN C 50 15.09 -18.13 50.76
CA ASN C 50 15.98 -18.93 49.94
C ASN C 50 17.10 -18.02 49.44
N PRO C 51 17.92 -17.43 50.32
CA PRO C 51 18.96 -16.53 49.82
C PRO C 51 20.07 -17.29 49.10
N SER C 52 20.02 -18.62 49.12
CA SER C 52 20.88 -19.52 48.36
C SER C 52 20.26 -19.96 47.03
N GLY C 53 19.01 -19.58 46.75
CA GLY C 53 18.32 -20.12 45.60
C GLY C 53 18.89 -19.67 44.26
N VAL C 54 18.40 -20.34 43.22
CA VAL C 54 18.89 -20.12 41.85
C VAL C 54 18.34 -18.79 41.33
N ILE C 55 19.22 -17.91 40.86
CA ILE C 55 18.80 -16.64 40.30
C ILE C 55 18.60 -16.79 38.80
N GLN C 56 17.47 -16.30 38.29
CA GLN C 56 17.08 -16.50 36.89
C GLN C 56 17.71 -15.42 36.02
N MET C 57 18.66 -15.82 35.18
CA MET C 57 19.32 -14.93 34.24
C MET C 57 19.37 -15.51 32.83
N GLY C 58 18.59 -16.55 32.54
CA GLY C 58 18.52 -17.17 31.22
C GLY C 58 17.29 -16.76 30.44
N LEU C 59 16.52 -15.83 30.96
CA LEU C 59 15.30 -15.36 30.26
C LEU C 59 15.38 -13.87 29.99
N ALA C 60 15.07 -13.48 28.76
CA ALA C 60 15.07 -12.11 28.25
C ALA C 60 13.70 -11.51 28.51
N GLU C 61 13.54 -10.99 29.72
CA GLU C 61 12.34 -10.27 30.06
C GLU C 61 12.72 -8.90 30.57
N ASN C 62 11.84 -7.94 30.38
CA ASN C 62 12.11 -6.56 30.72
C ASN C 62 11.13 -6.12 31.79
N GLN C 63 11.62 -5.99 33.03
CA GLN C 63 10.84 -5.38 34.11
C GLN C 63 11.35 -4.00 34.51
N VAL C 64 12.47 -3.52 33.97
CA VAL C 64 13.08 -2.31 34.50
C VAL C 64 12.23 -1.06 34.27
N SER C 65 11.27 -1.12 33.34
CA SER C 65 10.45 0.04 33.02
C SER C 65 8.96 -0.22 33.27
N PHE C 66 8.60 -1.33 33.92
CA PHE C 66 7.19 -1.68 34.02
C PHE C 66 6.43 -0.71 34.92
N ASP C 67 7.11 -0.08 35.87
CA ASP C 67 6.45 0.85 36.78
C ASP C 67 5.79 2.00 36.05
N LEU C 68 6.31 2.41 34.89
CA LEU C 68 5.69 3.49 34.15
C LEU C 68 4.34 3.09 33.57
N LEU C 69 4.13 1.79 33.45
CA LEU C 69 2.86 1.34 32.84
C LEU C 69 1.77 1.35 33.90
N GLU C 70 2.07 0.85 35.08
CA GLU C 70 1.05 0.87 36.15
C GLU C 70 0.68 2.31 36.50
N THR C 71 1.72 3.13 36.62
CA THR C 71 1.64 4.56 36.94
C THR C 71 1.29 5.21 35.62
N TYR C 72 0.31 4.70 34.88
CA TYR C 72 0.02 5.40 33.62
C TYR C 72 -1.47 5.28 33.37
N PHE C 91 -17.23 -2.83 26.24
CA PHE C 91 -16.91 -4.22 26.52
C PHE C 91 -17.72 -5.10 25.60
N ARG C 92 -18.98 -4.70 25.33
CA ARG C 92 -19.79 -5.41 24.35
C ARG C 92 -19.21 -5.29 22.95
N GLU C 93 -18.77 -4.09 22.57
CA GLU C 93 -18.14 -3.90 21.27
C GLU C 93 -16.85 -4.72 21.15
N ASN C 94 -16.06 -4.77 22.22
CA ASN C 94 -14.77 -5.43 22.17
C ASN C 94 -14.91 -6.93 22.06
N ALA C 95 -15.81 -7.50 22.87
CA ALA C 95 -16.03 -8.94 22.85
C ALA C 95 -16.49 -9.45 21.48
N LEU C 96 -17.25 -8.64 20.74
CA LEU C 96 -17.82 -9.05 19.45
C LEU C 96 -16.89 -8.82 18.26
N PHE C 97 -15.79 -8.11 18.45
CA PHE C 97 -14.88 -7.76 17.35
C PHE C 97 -13.84 -8.87 17.20
N GLN C 98 -13.92 -9.62 16.11
CA GLN C 98 -12.99 -10.77 15.98
C GLN C 98 -12.37 -10.83 14.58
N ASP C 99 -12.56 -9.80 13.74
CA ASP C 99 -12.01 -9.88 12.40
C ASP C 99 -10.48 -9.84 12.43
N TYR C 100 -9.89 -10.50 11.44
CA TYR C 100 -8.43 -10.70 11.41
C TYR C 100 -7.68 -9.40 11.13
N HIS C 101 -8.37 -8.34 10.71
CA HIS C 101 -7.70 -7.06 10.54
C HIS C 101 -7.20 -6.49 11.86
N GLY C 102 -7.71 -6.96 13.00
CA GLY C 102 -7.41 -6.35 14.29
C GLY C 102 -8.15 -5.03 14.43
N LEU C 103 -8.31 -4.52 15.66
CA LEU C 103 -8.94 -3.21 15.85
C LEU C 103 -8.19 -2.17 15.02
N LYS C 104 -8.87 -1.37 14.21
CA LYS C 104 -8.07 -0.43 13.41
C LYS C 104 -7.37 0.55 14.32
N THR C 105 -8.06 0.95 15.39
CA THR C 105 -7.48 1.85 16.36
C THR C 105 -6.17 1.27 16.90
N PHE C 106 -6.12 -0.03 17.16
CA PHE C 106 -4.91 -0.58 17.76
C PHE C 106 -3.78 -0.72 16.75
N ARG C 107 -4.09 -1.06 15.49
CA ARG C 107 -3.01 -1.09 14.52
C ARG C 107 -2.45 0.31 14.29
N GLN C 108 -3.28 1.35 14.42
CA GLN C 108 -2.75 2.70 14.38
C GLN C 108 -1.80 2.93 15.56
N ALA C 109 -2.17 2.46 16.75
CA ALA C 109 -1.28 2.58 17.90
C ALA C 109 0.01 1.80 17.66
N MET C 110 -0.10 0.58 17.10
CA MET C 110 1.11 -0.17 16.82
C MET C 110 1.97 0.56 15.81
N ALA C 111 1.36 1.09 14.76
CA ALA C 111 2.12 1.85 13.78
C ALA C 111 2.73 3.09 14.42
N SER C 112 1.99 3.75 15.30
CA SER C 112 2.54 4.95 15.92
C SER C 112 3.69 4.59 16.85
N PHE C 113 3.52 3.53 17.64
CA PHE C 113 4.59 3.11 18.54
C PHE C 113 5.85 2.72 17.77
N MET C 114 5.71 2.03 16.63
CA MET C 114 6.88 1.62 15.86
C MET C 114 7.57 2.80 15.16
N GLU C 115 6.81 3.81 14.75
CA GLU C 115 7.45 5.01 14.25
C GLU C 115 8.20 5.74 15.36
N GLN C 116 7.61 5.82 16.56
CA GLN C 116 8.26 6.51 17.66
C GLN C 116 9.58 5.83 18.03
N ILE C 117 9.60 4.50 18.04
CA ILE C 117 10.84 3.79 18.34
C ILE C 117 11.90 4.13 17.29
N ARG C 118 11.48 4.28 16.05
CA ARG C 118 12.43 4.60 15.00
C ARG C 118 12.57 6.10 14.77
N GLY C 119 11.86 6.93 15.56
CA GLY C 119 12.04 8.37 15.53
C GLY C 119 11.82 9.04 14.18
N GLY C 120 10.74 8.72 13.50
CA GLY C 120 10.55 9.32 12.19
C GLY C 120 11.47 8.81 11.10
N LYS C 121 12.25 7.74 11.36
CA LYS C 121 13.10 7.18 10.31
C LYS C 121 12.32 6.40 9.24
N ALA C 122 11.04 6.11 9.44
CA ALA C 122 10.21 5.43 8.46
C ALA C 122 8.75 5.61 8.88
N ARG C 123 7.81 5.26 7.97
CA ARG C 123 6.38 5.31 8.25
C ARG C 123 5.78 3.91 8.08
N PHE C 124 4.67 3.65 8.79
CA PHE C 124 4.02 2.34 8.73
C PHE C 124 2.53 2.53 8.49
N ASP C 125 2.02 1.93 7.43
CA ASP C 125 0.59 2.02 7.12
C ASP C 125 -0.16 1.05 8.03
N PRO C 126 -1.07 1.53 8.90
CA PRO C 126 -1.77 0.60 9.80
C PRO C 126 -2.54 -0.45 9.05
N ASP C 127 -2.85 -0.22 7.77
CA ASP C 127 -3.55 -1.21 6.97
C ASP C 127 -2.64 -2.38 6.61
N ARG C 128 -1.35 -2.23 6.85
CA ARG C 128 -0.41 -3.32 6.58
C ARG C 128 -0.07 -4.03 7.90
N ILE C 129 -0.53 -3.53 9.05
CA ILE C 129 -0.19 -4.18 10.28
C ILE C 129 -0.99 -5.49 10.36
N VAL C 130 -0.28 -6.58 10.58
CA VAL C 130 -0.90 -7.88 10.82
C VAL C 130 -0.53 -8.29 12.23
N LEU C 131 -1.54 -8.58 13.04
CA LEU C 131 -1.36 -8.96 14.43
C LEU C 131 -1.29 -10.47 14.59
N THR C 132 -0.41 -10.91 15.49
CA THR C 132 -0.25 -12.31 15.83
C THR C 132 -0.07 -12.40 17.34
N ALA C 133 -0.22 -13.61 17.89
CA ALA C 133 0.02 -13.84 19.31
C ALA C 133 1.52 -13.91 19.57
N GLY C 134 2.15 -12.75 19.62
CA GLY C 134 3.58 -12.67 19.87
C GLY C 134 4.40 -12.90 18.61
N ALA C 135 5.70 -12.58 18.71
CA ALA C 135 6.60 -12.81 17.58
C ALA C 135 6.89 -14.29 17.36
N THR C 136 6.71 -15.13 18.38
CA THR C 136 6.79 -16.57 18.20
C THR C 136 5.89 -17.01 17.05
N ALA C 137 4.62 -16.62 17.11
CA ALA C 137 3.69 -16.88 16.01
C ALA C 137 4.08 -16.13 14.74
N ALA C 138 4.53 -14.87 14.87
CA ALA C 138 4.81 -14.09 13.67
C ALA C 138 5.93 -14.72 12.86
N ASN C 139 6.98 -15.21 13.53
CA ASN C 139 8.11 -15.80 12.82
C ASN C 139 7.72 -17.12 12.17
N GLU C 140 6.91 -17.92 12.86
CA GLU C 140 6.41 -19.15 12.27
C GLU C 140 5.50 -18.87 11.10
N LEU C 141 4.59 -17.93 11.27
CA LEU C 141 3.65 -17.61 10.20
C LEU C 141 4.38 -17.18 8.94
N LEU C 142 5.32 -16.23 9.06
CA LEU C 142 6.09 -15.80 7.90
C LEU C 142 6.82 -16.97 7.25
N THR C 143 7.38 -17.87 8.06
CA THR C 143 8.06 -19.04 7.52
C THR C 143 7.13 -19.90 6.68
N PHE C 144 5.90 -20.12 7.15
CA PHE C 144 4.93 -20.84 6.32
C PHE C 144 4.74 -20.16 4.96
N ILE C 145 4.81 -18.82 4.94
CA ILE C 145 4.52 -18.06 3.74
C ILE C 145 5.74 -17.97 2.82
N LEU C 146 6.94 -17.97 3.37
CA LEU C 146 8.13 -17.67 2.57
C LEU C 146 8.91 -18.90 2.12
N ALA C 147 8.72 -20.04 2.77
CA ALA C 147 9.53 -21.22 2.49
C ALA C 147 8.66 -22.47 2.57
N ASP C 148 8.86 -23.38 1.61
CA ASP C 148 8.21 -24.69 1.60
C ASP C 148 8.89 -25.62 2.59
N PRO C 149 8.22 -26.70 2.97
CA PRO C 149 8.89 -27.75 3.74
C PRO C 149 10.13 -28.21 3.02
N ASN C 150 11.21 -28.42 3.77
CA ASN C 150 12.53 -28.89 3.33
C ASN C 150 13.33 -27.78 2.63
N ASP C 151 12.79 -26.59 2.44
CA ASP C 151 13.60 -25.42 2.12
C ASP C 151 14.34 -24.95 3.37
N ALA C 152 15.08 -23.86 3.24
CA ALA C 152 15.89 -23.37 4.35
C ALA C 152 15.80 -21.86 4.44
N LEU C 153 16.01 -21.35 5.65
CA LEU C 153 16.24 -19.96 5.93
C LEU C 153 17.66 -19.84 6.47
N LEU C 154 18.37 -18.81 6.05
CA LEU C 154 19.69 -18.51 6.58
C LEU C 154 19.53 -17.69 7.85
N VAL C 155 20.23 -18.08 8.90
CA VAL C 155 20.08 -17.43 10.20
C VAL C 155 21.48 -17.17 10.76
N PRO C 156 21.84 -15.93 11.07
CA PRO C 156 23.17 -15.68 11.63
C PRO C 156 23.32 -16.24 13.03
N THR C 157 24.48 -16.82 13.31
CA THR C 157 24.80 -17.29 14.64
C THR C 157 25.51 -16.18 15.40
N PRO C 158 25.40 -16.14 16.74
CA PRO C 158 24.52 -16.96 17.56
C PRO C 158 23.09 -16.42 17.44
N TYR C 159 22.08 -17.23 17.74
CA TYR C 159 20.72 -16.76 17.58
C TYR C 159 19.81 -17.32 18.67
N TYR C 160 18.61 -16.75 18.75
CA TYR C 160 17.63 -17.13 19.76
C TYR C 160 17.31 -18.62 19.67
N PRO C 161 17.58 -19.41 20.72
CA PRO C 161 17.32 -20.86 20.66
C PRO C 161 15.89 -21.23 20.27
N GLY C 162 14.88 -20.40 20.61
CA GLY C 162 13.52 -20.73 20.25
C GLY C 162 13.25 -20.84 18.75
N PHE C 163 14.08 -20.20 17.93
CA PHE C 163 13.96 -20.33 16.49
C PHE C 163 14.07 -21.78 16.03
N ASP C 164 14.85 -22.60 16.74
CA ASP C 164 15.01 -23.99 16.35
C ASP C 164 13.66 -24.71 16.39
N ARG C 165 12.76 -24.25 17.27
CA ARG C 165 11.38 -24.72 17.27
C ARG C 165 10.50 -23.92 16.30
N ASP C 166 10.50 -22.59 16.45
CA ASP C 166 9.53 -21.72 15.77
C ASP C 166 9.63 -21.80 14.25
N LEU C 167 10.86 -21.90 13.72
CA LEU C 167 11.05 -21.86 12.28
C LEU C 167 10.92 -23.23 11.61
N ARG C 168 10.98 -24.32 12.37
CA ARG C 168 11.14 -25.67 11.84
C ARG C 168 10.03 -26.64 12.21
N TRP C 169 9.49 -26.54 13.43
CA TRP C 169 8.74 -27.66 14.00
C TRP C 169 7.52 -28.02 13.15
N ARG C 170 6.67 -27.04 12.83
CA ARG C 170 5.46 -27.32 12.06
C ARG C 170 5.60 -26.96 10.58
N THR C 171 6.70 -26.31 10.19
CA THR C 171 6.89 -25.83 8.82
C THR C 171 7.62 -26.82 7.94
N GLY C 172 8.39 -27.74 8.51
CA GLY C 172 9.33 -28.54 7.75
C GLY C 172 10.52 -27.77 7.20
N VAL C 173 10.72 -26.51 7.61
CA VAL C 173 11.79 -25.67 7.07
C VAL C 173 13.05 -25.88 7.89
N LYS C 174 14.20 -25.76 7.25
CA LYS C 174 15.47 -25.98 7.90
C LYS C 174 16.18 -24.66 8.17
N ILE C 175 17.06 -24.68 9.17
CA ILE C 175 17.89 -23.54 9.51
C ILE C 175 19.31 -23.85 9.06
N VAL C 176 19.84 -23.02 8.18
CA VAL C 176 21.25 -23.08 7.78
C VAL C 176 21.95 -21.88 8.42
N PRO C 177 22.96 -22.10 9.24
CA PRO C 177 23.58 -20.99 10.00
C PRO C 177 24.45 -20.13 9.11
N ILE C 178 24.44 -18.83 9.38
CA ILE C 178 25.42 -17.89 8.85
C ILE C 178 26.46 -17.71 9.94
N HIS C 179 27.67 -18.20 9.72
CA HIS C 179 28.67 -18.19 10.78
C HIS C 179 29.19 -16.79 11.03
N CYS C 180 29.34 -16.47 12.31
CA CYS C 180 29.92 -15.22 12.77
C CYS C 180 30.82 -15.55 13.95
N ASP C 181 31.93 -14.83 14.09
CA ASP C 181 32.79 -15.08 15.24
C ASP C 181 33.22 -13.75 15.87
N SER C 182 33.97 -13.85 16.95
CA SER C 182 34.30 -12.69 17.77
C SER C 182 35.23 -11.71 17.07
N SER C 183 35.89 -12.11 15.96
CA SER C 183 36.86 -11.24 15.30
C SER C 183 36.24 -9.90 14.88
N ASN C 184 34.97 -9.92 14.48
CA ASN C 184 34.24 -8.71 14.12
C ASN C 184 33.03 -8.52 15.03
N HIS C 185 33.13 -9.06 16.25
CA HIS C 185 32.08 -8.97 17.25
C HIS C 185 30.80 -9.65 16.78
N PHE C 186 30.95 -10.79 16.08
CA PHE C 186 29.85 -11.68 15.71
C PHE C 186 28.85 -11.02 14.78
N GLN C 187 29.35 -10.25 13.81
CA GLN C 187 28.50 -9.55 12.87
C GLN C 187 28.54 -10.25 11.51
N ILE C 188 27.49 -10.00 10.73
CA ILE C 188 27.40 -10.56 9.40
C ILE C 188 28.47 -9.94 8.51
N THR C 189 29.13 -10.76 7.71
CA THR C 189 30.02 -10.26 6.67
C THR C 189 29.44 -10.70 5.33
N PRO C 190 29.65 -9.92 4.25
CA PRO C 190 29.11 -10.33 2.94
C PRO C 190 29.51 -11.73 2.54
N GLU C 191 30.72 -12.16 2.94
CA GLU C 191 31.19 -13.48 2.56
C GLU C 191 30.60 -14.59 3.42
N ALA C 192 30.30 -14.33 4.69
CA ALA C 192 29.60 -15.33 5.49
C ALA C 192 28.22 -15.64 4.91
N LEU C 193 27.56 -14.62 4.34
CA LEU C 193 26.28 -14.86 3.65
C LEU C 193 26.49 -15.79 2.46
N GLU C 194 27.54 -15.57 1.69
CA GLU C 194 27.79 -16.37 0.51
C GLU C 194 28.13 -17.80 0.88
N SER C 195 28.94 -17.97 1.92
CA SER C 195 29.32 -19.28 2.41
C SER C 195 28.11 -20.04 2.97
N ALA C 196 27.23 -19.33 3.67
CA ALA C 196 26.03 -19.97 4.19
C ALA C 196 25.12 -20.46 3.06
N TYR C 197 24.94 -19.63 2.03
CA TYR C 197 24.12 -20.04 0.88
C TYR C 197 24.70 -21.27 0.20
N GLN C 198 26.05 -21.32 0.06
CA GLN C 198 26.70 -22.44 -0.61
C GLN C 198 26.56 -23.73 0.20
N THR C 199 26.72 -23.65 1.52
CA THR C 199 26.51 -24.80 2.39
C THR C 199 25.13 -25.41 2.17
N ALA C 200 24.12 -24.56 1.95
CA ALA C 200 22.77 -25.07 1.75
C ALA C 200 22.67 -25.83 0.43
N ARG C 201 23.16 -25.27 -0.67
CA ARG C 201 22.97 -26.02 -1.91
C ARG C 201 23.95 -27.18 -2.01
N ASP C 202 25.05 -27.17 -1.25
CA ASP C 202 25.85 -28.39 -1.15
C ASP C 202 25.06 -29.52 -0.50
N ALA C 203 24.15 -29.22 0.42
CA ALA C 203 23.27 -30.21 1.00
C ALA C 203 22.00 -30.39 0.19
N ASN C 204 21.94 -29.80 -1.01
CA ASN C 204 20.77 -29.82 -1.87
C ASN C 204 19.53 -29.35 -1.10
N ILE C 205 19.69 -28.24 -0.38
CA ILE C 205 18.61 -27.56 0.31
C ILE C 205 18.45 -26.17 -0.31
N ARG C 206 17.24 -25.87 -0.75
CA ARG C 206 17.01 -24.60 -1.42
C ARG C 206 16.76 -23.49 -0.39
N VAL C 207 17.50 -22.38 -0.54
CA VAL C 207 17.41 -21.22 0.35
C VAL C 207 16.26 -20.33 -0.08
N ARG C 208 15.46 -19.87 0.89
CA ARG C 208 14.35 -18.98 0.59
C ARG C 208 14.47 -17.62 1.24
N GLY C 209 15.38 -17.42 2.20
CA GLY C 209 15.52 -16.11 2.82
C GLY C 209 16.50 -16.12 3.97
N VAL C 210 16.77 -14.92 4.48
CA VAL C 210 17.62 -14.67 5.63
C VAL C 210 16.75 -14.09 6.72
N LEU C 211 16.85 -14.62 7.92
CA LEU C 211 16.14 -14.06 9.05
C LEU C 211 17.17 -13.54 10.03
N ILE C 212 17.13 -12.25 10.31
CA ILE C 212 18.08 -11.62 11.20
C ILE C 212 17.35 -11.11 12.43
N THR C 213 18.11 -10.91 13.49
CA THR C 213 17.62 -10.34 14.73
C THR C 213 18.33 -9.00 14.91
N ASN C 214 17.56 -7.92 14.87
CA ASN C 214 18.12 -6.58 14.75
C ASN C 214 17.40 -5.61 15.68
N PRO C 215 17.98 -5.32 16.86
CA PRO C 215 19.30 -5.76 17.32
C PRO C 215 19.35 -7.22 17.76
N SER C 216 20.57 -7.71 17.93
CA SER C 216 20.79 -9.13 18.09
C SER C 216 20.37 -9.65 19.45
N ASN C 217 19.75 -10.82 19.42
CA ASN C 217 19.65 -11.71 20.56
C ASN C 217 20.47 -12.93 20.13
N PRO C 218 21.49 -13.32 20.89
CA PRO C 218 21.92 -12.94 22.24
C PRO C 218 23.00 -11.89 22.37
N LEU C 219 23.45 -11.27 21.26
CA LEU C 219 24.61 -10.38 21.35
C LEU C 219 24.29 -9.09 22.08
N GLY C 220 23.06 -8.61 22.00
CA GLY C 220 22.70 -7.32 22.54
C GLY C 220 23.36 -6.18 21.78
N ALA C 221 23.40 -6.29 20.44
CA ALA C 221 24.18 -5.38 19.64
C ALA C 221 23.38 -5.00 18.41
N THR C 222 23.37 -3.72 18.08
CA THR C 222 22.79 -3.28 16.84
C THR C 222 23.57 -3.87 15.65
N VAL C 223 22.95 -3.80 14.49
CA VAL C 223 23.60 -4.14 13.22
C VAL C 223 23.88 -2.86 12.45
N GLN C 224 25.06 -2.74 11.89
CA GLN C 224 25.45 -1.54 11.10
C GLN C 224 24.55 -1.44 9.85
N LYS C 225 24.19 -0.21 9.47
CA LYS C 225 23.35 0.06 8.32
C LYS C 225 23.98 -0.50 7.04
N LYS C 226 25.30 -0.40 6.93
CA LYS C 226 26.02 -0.94 5.77
C LYS C 226 25.86 -2.45 5.67
N VAL C 227 25.95 -3.15 6.80
CA VAL C 227 25.70 -4.59 6.80
C VAL C 227 24.30 -4.90 6.27
N LEU C 228 23.30 -4.13 6.69
CA LEU C 228 21.94 -4.41 6.24
C LEU C 228 21.78 -4.13 4.76
N GLU C 229 22.49 -3.11 4.25
CA GLU C 229 22.49 -2.82 2.82
C GLU C 229 23.19 -3.93 2.03
N ASP C 230 24.33 -4.44 2.51
CA ASP C 230 24.94 -5.61 1.87
C ASP C 230 24.01 -6.82 1.95
N LEU C 231 23.32 -6.98 3.08
CA LEU C 231 22.38 -8.09 3.21
C LEU C 231 21.24 -7.97 2.21
N LEU C 232 20.64 -6.77 2.11
CA LEU C 232 19.60 -6.59 1.10
C LEU C 232 20.17 -6.80 -0.30
N ASP C 233 21.40 -6.32 -0.57
CA ASP C 233 22.04 -6.56 -1.86
C ASP C 233 22.13 -8.05 -2.14
N PHE C 234 22.63 -8.81 -1.16
CA PHE C 234 22.70 -10.27 -1.27
C PHE C 234 21.31 -10.88 -1.52
N CYS C 235 20.28 -10.37 -0.83
CA CYS C 235 18.94 -10.93 -1.00
C CYS C 235 18.39 -10.63 -2.40
N VAL C 236 18.73 -9.48 -2.99
CA VAL C 236 18.35 -9.22 -4.38
C VAL C 236 19.03 -10.22 -5.32
N ARG C 237 20.34 -10.46 -5.12
CA ARG C 237 21.08 -11.27 -6.10
C ARG C 237 20.68 -12.74 -6.08
N LYS C 238 20.47 -13.29 -4.89
CA LYS C 238 20.00 -14.68 -4.82
C LYS C 238 18.49 -14.77 -4.95
N ASN C 239 17.80 -13.63 -5.02
CA ASN C 239 16.33 -13.58 -5.10
C ASN C 239 15.66 -14.36 -3.96
N ILE C 240 15.99 -13.95 -2.74
CA ILE C 240 15.44 -14.56 -1.53
C ILE C 240 14.87 -13.42 -0.68
N HIS C 241 14.21 -13.80 0.41
CA HIS C 241 13.55 -12.84 1.30
C HIS C 241 14.50 -12.37 2.40
N LEU C 242 14.15 -11.24 3.01
CA LEU C 242 14.86 -10.75 4.20
C LEU C 242 13.84 -10.47 5.28
N VAL C 243 13.91 -11.26 6.37
CA VAL C 243 13.06 -11.07 7.55
C VAL C 243 13.92 -10.46 8.64
N SER C 244 13.46 -9.37 9.23
CA SER C 244 14.18 -8.72 10.32
C SER C 244 13.31 -8.77 11.57
N ASP C 245 13.74 -9.56 12.55
CA ASP C 245 13.07 -9.64 13.84
C ASP C 245 13.60 -8.49 14.69
N GLU C 246 12.80 -7.44 14.87
CA GLU C 246 13.26 -6.22 15.53
C GLU C 246 12.60 -6.03 16.90
N ILE C 247 12.30 -7.15 17.57
CA ILE C 247 11.58 -7.15 18.83
C ILE C 247 12.30 -6.40 19.94
N TYR C 248 13.63 -6.21 19.83
CA TYR C 248 14.40 -5.44 20.79
C TYR C 248 14.74 -4.05 20.28
N SER C 249 14.06 -3.58 19.23
CA SER C 249 14.39 -2.28 18.65
C SER C 249 14.15 -1.15 19.66
N GLY C 250 13.08 -1.24 20.45
CA GLY C 250 12.87 -0.23 21.46
C GLY C 250 13.80 -0.30 22.64
N SER C 251 14.73 -1.27 22.67
CA SER C 251 15.65 -1.42 23.78
C SER C 251 17.09 -1.16 23.37
N VAL C 252 17.28 -0.52 22.22
CA VAL C 252 18.57 0.01 21.82
C VAL C 252 18.90 1.20 22.71
N PHE C 253 20.12 1.20 23.26
CA PHE C 253 20.48 2.19 24.27
C PHE C 253 20.47 3.62 23.72
N HIS C 254 20.96 3.81 22.50
CA HIS C 254 20.98 5.13 21.88
C HIS C 254 20.29 5.06 20.53
N ALA C 255 19.16 5.79 20.42
CA ALA C 255 18.25 5.65 19.29
C ALA C 255 18.94 5.77 17.94
N SER C 256 19.94 6.64 17.85
CA SER C 256 20.56 6.89 16.54
C SER C 256 21.47 5.74 16.10
N GLU C 257 21.89 4.87 17.01
CA GLU C 257 22.73 3.74 16.61
C GLU C 257 21.91 2.58 16.06
N PHE C 258 20.59 2.64 16.13
CA PHE C 258 19.75 1.60 15.57
C PHE C 258 19.37 1.96 14.14
N THR C 259 19.50 0.98 13.23
CA THR C 259 19.05 1.09 11.85
C THR C 259 18.05 -0.03 11.58
N SER C 260 16.77 0.31 11.50
CA SER C 260 15.74 -0.65 11.12
C SER C 260 15.79 -0.89 9.61
N VAL C 261 15.44 -2.10 9.18
CA VAL C 261 15.37 -2.35 7.73
C VAL C 261 14.33 -1.46 7.06
N ALA C 262 13.40 -0.88 7.84
CA ALA C 262 12.47 0.09 7.28
C ALA C 262 13.19 1.31 6.70
N GLU C 263 14.29 1.72 7.34
CA GLU C 263 15.03 2.88 6.83
C GLU C 263 15.67 2.57 5.49
N ILE C 264 16.21 1.35 5.34
CA ILE C 264 16.83 0.92 4.08
C ILE C 264 15.81 0.84 2.95
N VAL C 265 14.56 0.54 3.27
CA VAL C 265 13.55 0.37 2.22
C VAL C 265 12.87 1.68 1.80
N GLU C 266 12.76 2.67 2.70
CA GLU C 266 12.07 3.91 2.33
C GLU C 266 12.75 4.61 1.16
N ASN C 267 14.08 4.53 1.07
CA ASN C 267 14.82 5.13 -0.03
C ASN C 267 14.98 4.20 -1.22
N ILE C 268 14.20 3.13 -1.30
CA ILE C 268 14.19 2.25 -2.46
C ILE C 268 13.02 2.66 -3.36
N ASP C 269 13.28 2.69 -4.67
CA ASP C 269 12.27 3.06 -5.66
C ASP C 269 11.62 1.84 -6.28
N ASP C 270 12.38 0.75 -6.37
CA ASP C 270 11.96 -0.46 -7.05
C ASP C 270 11.07 -1.27 -6.12
N VAL C 271 9.84 -1.56 -6.56
CA VAL C 271 8.94 -2.36 -5.74
C VAL C 271 9.39 -3.84 -5.69
N SER C 272 10.13 -4.31 -6.70
CA SER C 272 10.62 -5.70 -6.61
C SER C 272 11.60 -5.88 -5.48
N VAL C 273 12.33 -4.83 -5.17
CA VAL C 273 13.39 -4.92 -4.17
C VAL C 273 12.79 -4.87 -2.78
N LYS C 274 11.93 -3.88 -2.53
CA LYS C 274 11.32 -3.81 -1.21
C LYS C 274 10.42 -5.02 -0.94
N GLU C 275 9.82 -5.62 -1.97
CA GLU C 275 8.85 -6.70 -1.78
C GLU C 275 9.41 -7.92 -1.07
N ARG C 276 10.72 -7.99 -0.83
CA ARG C 276 11.29 -9.16 -0.17
C ARG C 276 11.65 -8.86 1.29
N VAL C 277 11.23 -7.71 1.81
CA VAL C 277 11.58 -7.25 3.14
C VAL C 277 10.36 -7.34 4.04
N HIS C 278 10.51 -7.99 5.20
CA HIS C 278 9.42 -8.15 6.15
C HIS C 278 9.96 -7.94 7.56
N ILE C 279 9.19 -7.23 8.38
CA ILE C 279 9.54 -6.91 9.76
C ILE C 279 8.66 -7.68 10.71
N VAL C 280 9.28 -8.25 11.75
CA VAL C 280 8.60 -8.93 12.83
C VAL C 280 8.84 -8.09 14.08
N TYR C 281 7.77 -7.84 14.83
CA TYR C 281 7.90 -7.08 16.06
C TYR C 281 6.93 -7.64 17.09
N SER C 282 7.13 -7.23 18.33
CA SER C 282 6.29 -7.69 19.41
C SER C 282 6.41 -6.70 20.56
N LEU C 283 5.40 -6.66 21.42
CA LEU C 283 5.47 -5.84 22.63
C LEU C 283 5.96 -6.61 23.85
N SER C 284 6.45 -7.84 23.68
CA SER C 284 6.89 -8.65 24.80
C SER C 284 8.13 -8.06 25.49
N LYS C 285 9.07 -7.54 24.72
CA LYS C 285 10.35 -7.14 25.29
C LYS C 285 10.43 -5.65 25.59
N ASP C 286 10.11 -4.81 24.62
CA ASP C 286 10.25 -3.38 24.84
C ASP C 286 9.27 -2.89 25.90
N LEU C 287 8.04 -3.37 25.85
CA LEU C 287 7.04 -2.97 26.82
C LEU C 287 6.93 -3.90 28.02
N GLY C 288 7.61 -5.05 28.01
CA GLY C 288 7.51 -5.99 29.12
C GLY C 288 6.15 -6.62 29.28
N LEU C 289 5.43 -6.86 28.19
CA LEU C 289 4.10 -7.47 28.23
C LEU C 289 4.07 -8.80 27.50
N PRO C 290 4.93 -9.77 27.86
CA PRO C 290 4.94 -11.02 27.08
C PRO C 290 3.65 -11.78 27.19
N GLY C 291 2.99 -11.73 28.34
CA GLY C 291 1.78 -12.49 28.55
C GLY C 291 0.60 -12.07 27.70
N PHE C 292 0.59 -10.83 27.22
CA PHE C 292 -0.54 -10.35 26.42
C PHE C 292 -0.46 -10.80 24.95
N ARG C 293 0.71 -11.30 24.52
CA ARG C 293 0.88 -11.94 23.22
C ARG C 293 0.51 -11.00 22.06
N VAL C 294 1.19 -9.86 21.99
CA VAL C 294 0.93 -8.94 20.91
C VAL C 294 2.15 -8.94 20.01
N GLY C 295 2.01 -9.64 18.88
CA GLY C 295 3.06 -9.64 17.88
C GLY C 295 2.56 -9.00 16.61
N THR C 296 3.45 -8.62 15.73
CA THR C 296 3.00 -8.02 14.48
C THR C 296 3.99 -8.36 13.38
N ILE C 297 3.45 -8.45 12.15
CA ILE C 297 4.23 -8.51 10.93
C ILE C 297 3.95 -7.24 10.14
N TYR C 298 5.01 -6.55 9.72
CA TYR C 298 4.87 -5.47 8.76
C TYR C 298 5.72 -5.88 7.56
N SER C 299 5.05 -6.25 6.49
CA SER C 299 5.70 -6.73 5.28
C SER C 299 5.56 -5.66 4.20
N TYR C 300 6.62 -5.46 3.43
CA TYR C 300 6.55 -4.56 2.28
C TYR C 300 6.06 -5.28 1.04
N ASN C 301 5.60 -6.52 1.18
CA ASN C 301 5.06 -7.33 0.10
C ASN C 301 3.55 -7.46 0.31
N ASP C 302 2.76 -6.90 -0.59
CA ASP C 302 1.33 -6.79 -0.40
C ASP C 302 0.65 -8.15 -0.45
N ASN C 303 1.24 -9.11 -1.13
CA ASN C 303 0.65 -10.44 -1.12
C ASN C 303 0.95 -11.16 0.19
N VAL C 304 2.11 -10.90 0.78
CA VAL C 304 2.43 -11.37 2.12
C VAL C 304 1.50 -10.74 3.14
N VAL C 305 1.24 -9.43 3.01
CA VAL C 305 0.30 -8.80 3.93
C VAL C 305 -1.06 -9.50 3.86
N ARG C 306 -1.57 -9.70 2.65
CA ARG C 306 -2.91 -10.26 2.55
C ARG C 306 -2.93 -11.72 3.01
N THR C 307 -1.86 -12.49 2.71
CA THR C 307 -1.81 -13.88 3.17
C THR C 307 -1.53 -13.99 4.67
N ALA C 308 -0.58 -13.18 5.19
CA ALA C 308 -0.32 -13.22 6.62
C ALA C 308 -1.56 -12.84 7.40
N ARG C 309 -2.36 -11.91 6.87
CA ARG C 309 -3.59 -11.50 7.53
C ARG C 309 -4.60 -12.64 7.58
N ARG C 310 -4.81 -13.32 6.44
CA ARG C 310 -5.67 -14.49 6.44
C ARG C 310 -5.15 -15.56 7.39
N MET C 311 -3.84 -15.77 7.39
CA MET C 311 -3.22 -16.77 8.23
C MET C 311 -3.26 -16.39 9.71
N SER C 312 -3.38 -15.09 10.02
CA SER C 312 -3.43 -14.69 11.43
C SER C 312 -4.70 -15.12 12.13
N SER C 313 -5.70 -15.62 11.39
CA SER C 313 -6.89 -16.21 12.03
C SER C 313 -6.52 -17.30 13.02
N PHE C 314 -5.40 -17.99 12.80
CA PHE C 314 -4.99 -19.07 13.70
C PHE C 314 -4.34 -18.55 14.96
N THR C 315 -4.16 -17.24 15.07
CA THR C 315 -3.32 -16.72 16.14
C THR C 315 -3.64 -15.24 16.36
N LEU C 316 -4.92 -14.93 16.52
CA LEU C 316 -5.33 -13.55 16.69
C LEU C 316 -5.02 -13.06 18.12
N VAL C 317 -4.83 -11.75 18.25
CA VAL C 317 -4.68 -11.08 19.52
C VAL C 317 -6.05 -10.82 20.13
N SER C 318 -6.20 -11.08 21.43
CA SER C 318 -7.45 -10.82 22.13
C SER C 318 -7.88 -9.38 21.92
N SER C 319 -9.13 -9.18 21.53
CA SER C 319 -9.63 -7.83 21.29
C SER C 319 -9.68 -7.03 22.58
N GLN C 320 -9.90 -7.69 23.71
CA GLN C 320 -9.80 -7.01 25.00
C GLN C 320 -8.42 -6.40 25.18
N THR C 321 -7.38 -7.17 24.87
CA THR C 321 -6.01 -6.67 25.00
C THR C 321 -5.72 -5.57 23.99
N GLN C 322 -6.19 -5.72 22.75
CA GLN C 322 -5.99 -4.67 21.75
C GLN C 322 -6.57 -3.35 22.22
N HIS C 323 -7.80 -3.37 22.74
CA HIS C 323 -8.48 -2.14 23.12
C HIS C 323 -7.82 -1.47 24.32
N MET C 324 -7.44 -2.25 25.33
CA MET C 324 -6.77 -1.67 26.49
C MET C 324 -5.49 -0.96 26.09
N LEU C 325 -4.68 -1.60 25.24
CA LEU C 325 -3.38 -1.04 24.91
C LEU C 325 -3.45 0.04 23.85
N ALA C 326 -4.57 0.14 23.12
CA ALA C 326 -4.63 1.05 21.98
C ALA C 326 -4.40 2.50 22.41
N SER C 327 -5.10 2.93 23.47
CA SER C 327 -4.99 4.31 23.93
C SER C 327 -3.58 4.62 24.42
N MET C 328 -3.01 3.70 25.20
CA MET C 328 -1.68 3.93 25.74
C MET C 328 -0.63 4.02 24.65
N LEU C 329 -0.73 3.17 23.63
CA LEU C 329 0.29 3.11 22.57
C LEU C 329 0.10 4.20 21.52
N SER C 330 -1.06 4.83 21.45
CA SER C 330 -1.29 5.94 20.53
C SER C 330 -0.99 7.31 21.11
N ASP C 331 -0.76 7.40 22.42
CA ASP C 331 -0.37 8.66 23.03
C ASP C 331 1.06 8.99 22.62
N GLU C 332 1.21 9.75 21.54
CA GLU C 332 2.52 10.15 21.06
C GLU C 332 3.37 10.77 22.18
N GLU C 333 2.72 11.38 23.17
CA GLU C 333 3.46 11.99 24.27
C GLU C 333 4.03 10.92 25.20
N PHE C 334 3.20 9.97 25.64
CA PHE C 334 3.65 8.98 26.61
C PHE C 334 4.66 8.01 25.99
N THR C 335 4.42 7.58 24.75
CA THR C 335 5.33 6.62 24.13
C THR C 335 6.70 7.26 23.95
N GLU C 336 6.72 8.54 23.55
CA GLU C 336 7.98 9.28 23.41
C GLU C 336 8.75 9.27 24.73
N LYS C 337 8.03 9.40 25.85
CA LYS C 337 8.62 9.37 27.18
C LYS C 337 9.08 7.97 27.57
N TYR C 338 8.22 6.97 27.36
CA TYR C 338 8.53 5.60 27.77
C TYR C 338 9.79 5.07 27.08
N ILE C 339 9.87 5.24 25.76
CA ILE C 339 11.01 4.71 25.02
C ILE C 339 12.30 5.39 25.48
N ARG C 340 12.29 6.72 25.62
CA ARG C 340 13.47 7.43 26.10
C ARG C 340 13.96 6.86 27.43
N ILE C 341 13.05 6.69 28.38
CA ILE C 341 13.43 6.25 29.72
C ILE C 341 13.78 4.76 29.74
N ASN C 342 13.12 3.93 28.92
CA ASN C 342 13.47 2.51 28.89
C ASN C 342 14.88 2.31 28.36
N ARG C 343 15.27 3.12 27.37
CA ARG C 343 16.64 3.08 26.87
C ARG C 343 17.65 3.41 27.96
N GLU C 344 17.34 4.41 28.79
CA GLU C 344 18.32 4.87 29.77
C GLU C 344 18.51 3.87 30.88
N ARG C 345 17.42 3.25 31.33
CA ARG C 345 17.47 2.30 32.44
C ARG C 345 18.18 1.00 32.05
N LEU C 346 17.92 0.51 30.83
CA LEU C 346 18.64 -0.69 30.39
C LEU C 346 20.13 -0.40 30.24
N ARG C 347 20.47 0.82 29.79
CA ARG C 347 21.89 1.20 29.69
C ARG C 347 22.57 1.16 31.06
N ARG C 348 21.94 1.74 32.08
CA ARG C 348 22.52 1.71 33.43
C ARG C 348 22.69 0.29 33.93
N ARG C 349 21.66 -0.55 33.73
CA ARG C 349 21.76 -1.94 34.15
C ARG C 349 22.85 -2.67 33.38
N TYR C 350 22.93 -2.43 32.07
CA TYR C 350 24.03 -2.99 31.30
C TYR C 350 25.37 -2.53 31.85
N ASP C 351 25.49 -1.24 32.14
CA ASP C 351 26.75 -0.74 32.68
C ASP C 351 27.01 -1.34 34.06
N THR C 352 25.97 -1.48 34.89
CA THR C 352 26.14 -2.11 36.19
C THR C 352 26.62 -3.55 36.06
N ILE C 353 26.06 -4.31 35.11
CA ILE C 353 26.41 -5.72 35.04
C ILE C 353 27.82 -5.93 34.46
N VAL C 354 28.18 -5.18 33.41
CA VAL C 354 29.49 -5.39 32.82
C VAL C 354 30.58 -4.91 33.74
N GLU C 355 30.33 -3.80 34.46
CA GLU C 355 31.34 -3.27 35.37
C GLU C 355 31.47 -4.13 36.60
N GLY C 356 30.41 -4.85 36.99
CA GLY C 356 30.57 -5.85 38.03
C GLY C 356 31.37 -7.05 37.56
N LEU C 357 31.11 -7.51 36.33
CA LEU C 357 31.82 -8.66 35.81
C LEU C 357 33.28 -8.34 35.54
N LYS C 358 33.59 -7.07 35.22
CA LYS C 358 34.97 -6.71 34.94
C LYS C 358 35.79 -6.67 36.23
N LYS C 359 35.19 -6.14 37.31
CA LYS C 359 35.81 -6.17 38.64
C LYS C 359 36.06 -7.61 39.04
N ALA C 360 35.22 -8.53 38.55
CA ALA C 360 35.33 -9.95 38.82
C ALA C 360 36.25 -10.68 37.84
N GLY C 361 36.89 -9.95 36.93
CA GLY C 361 37.83 -10.55 36.00
C GLY C 361 37.21 -11.21 34.78
N ILE C 362 36.08 -10.68 34.29
CA ILE C 362 35.36 -11.23 33.14
C ILE C 362 35.01 -10.11 32.17
N GLU C 363 35.24 -10.34 30.90
CA GLU C 363 34.94 -9.37 29.87
C GLU C 363 33.66 -9.72 29.15
N CYS C 364 32.95 -8.70 28.74
CA CYS C 364 31.77 -8.91 27.92
C CYS C 364 31.95 -8.29 26.54
N LEU C 365 31.26 -8.89 25.56
CA LEU C 365 31.14 -8.21 24.27
C LEU C 365 30.62 -6.81 24.51
N LYS C 366 31.13 -5.87 23.73
CA LYS C 366 30.67 -4.48 23.85
C LYS C 366 29.30 -4.42 23.18
N GLY C 367 28.25 -4.28 23.98
CA GLY C 367 26.89 -4.23 23.46
C GLY C 367 26.23 -2.87 23.58
N ASN C 368 25.16 -2.63 22.81
CA ASN C 368 24.46 -1.35 22.88
C ASN C 368 22.94 -1.52 22.76
N ALA C 369 22.40 -2.67 23.17
CA ALA C 369 20.98 -2.94 23.01
C ALA C 369 20.59 -4.19 23.80
N GLY C 370 19.28 -4.31 24.07
CA GLY C 370 18.75 -5.58 24.53
C GLY C 370 18.64 -5.70 26.04
N LEU C 371 18.38 -6.93 26.46
CA LEU C 371 18.09 -7.24 27.86
C LEU C 371 19.13 -8.19 28.45
N PHE C 372 20.27 -8.28 27.80
CA PHE C 372 21.26 -9.31 28.09
C PHE C 372 22.62 -8.82 27.63
N CYS C 373 23.66 -9.36 28.25
CA CYS C 373 25.02 -9.14 27.79
C CYS C 373 25.58 -10.47 27.33
N TRP C 374 26.61 -10.40 26.51
CA TRP C 374 27.24 -11.57 25.90
C TRP C 374 28.60 -11.71 26.57
N MET C 375 28.75 -12.72 27.42
CA MET C 375 29.81 -12.79 28.40
C MET C 375 30.77 -13.89 28.01
N ASN C 376 32.07 -13.56 27.99
CA ASN C 376 33.12 -14.48 27.56
C ASN C 376 33.67 -15.21 28.77
N LEU C 377 33.41 -16.52 28.85
CA LEU C 377 34.02 -17.38 29.86
C LEU C 377 34.95 -18.41 29.23
N GLY C 378 35.39 -18.21 28.00
CA GLY C 378 36.18 -19.24 27.32
C GLY C 378 37.46 -19.59 28.05
N PHE C 379 37.99 -18.67 28.85
CA PHE C 379 39.23 -18.94 29.58
C PHE C 379 39.04 -19.88 30.76
N LEU C 380 37.81 -20.14 31.20
CA LEU C 380 37.54 -21.08 32.28
C LEU C 380 37.23 -22.49 31.82
N LEU C 381 37.42 -22.77 30.53
CA LEU C 381 37.08 -24.11 29.97
C LEU C 381 38.29 -25.04 29.98
N GLU C 382 38.01 -26.34 30.16
CA GLU C 382 39.00 -27.41 30.08
C GLU C 382 39.75 -27.26 28.77
N LYS C 383 39.04 -27.44 27.65
CA LYS C 383 39.62 -27.24 26.30
C LYS C 383 38.51 -26.60 25.47
N LYS C 384 38.83 -25.96 24.32
CA LYS C 384 37.78 -25.25 23.60
C LYS C 384 36.91 -26.34 22.97
N THR C 385 35.95 -26.86 23.76
CA THR C 385 34.96 -27.82 23.28
C THR C 385 33.58 -27.48 23.85
N LYS C 386 32.55 -28.01 23.21
CA LYS C 386 31.19 -27.75 23.70
C LYS C 386 30.96 -28.39 25.07
N ASP C 387 31.42 -29.63 25.26
CA ASP C 387 31.16 -30.32 26.51
C ASP C 387 31.89 -29.68 27.68
N GLY C 388 32.97 -28.94 27.41
CA GLY C 388 33.56 -28.13 28.46
C GLY C 388 32.66 -26.96 28.81
N GLU C 389 32.02 -26.37 27.79
CA GLU C 389 31.09 -25.29 28.05
C GLU C 389 29.89 -25.81 28.84
N LEU C 390 29.39 -26.99 28.48
CA LEU C 390 28.24 -27.57 29.20
C LEU C 390 28.61 -28.02 30.61
N GLN C 391 29.76 -28.67 30.77
CA GLN C 391 30.31 -28.92 32.10
C GLN C 391 30.44 -27.62 32.91
N LEU C 392 31.05 -26.59 32.33
CA LEU C 392 31.21 -25.31 33.05
C LEU C 392 29.86 -24.67 33.35
N TRP C 393 28.98 -24.61 32.35
CA TRP C 393 27.63 -24.12 32.57
C TRP C 393 26.92 -24.95 33.63
N ASP C 394 27.17 -26.26 33.64
CA ASP C 394 26.62 -27.14 34.68
C ASP C 394 27.11 -26.70 36.05
N VAL C 395 28.35 -26.23 36.15
CA VAL C 395 28.89 -25.74 37.42
C VAL C 395 28.21 -24.44 37.84
N ILE C 396 28.02 -23.49 36.90
CA ILE C 396 27.40 -22.23 37.29
C ILE C 396 25.94 -22.43 37.69
N LEU C 397 25.29 -23.45 37.13
CA LEU C 397 23.90 -23.70 37.48
C LEU C 397 23.74 -24.48 38.78
N LYS C 398 24.70 -25.35 39.10
CA LYS C 398 24.61 -26.22 40.26
C LYS C 398 25.33 -25.68 41.49
N GLU C 399 26.56 -25.18 41.35
CA GLU C 399 27.18 -24.61 42.53
C GLU C 399 26.87 -23.14 42.68
N LEU C 400 26.98 -22.33 41.62
CA LEU C 400 26.67 -20.91 41.78
C LEU C 400 25.17 -20.63 41.77
N ASN C 401 24.35 -21.60 41.35
CA ASN C 401 22.91 -21.45 41.31
C ASN C 401 22.49 -20.15 40.61
N LEU C 402 22.98 -20.04 39.37
CA LEU C 402 22.61 -19.00 38.42
C LEU C 402 22.21 -19.69 37.13
N ASN C 403 21.04 -19.35 36.58
CA ASN C 403 20.67 -19.84 35.26
C ASN C 403 21.11 -18.80 34.23
N ILE C 404 22.10 -19.15 33.43
CA ILE C 404 22.49 -18.34 32.29
C ILE C 404 22.54 -19.28 31.11
N SER C 405 22.51 -18.71 29.90
CA SER C 405 22.38 -19.64 28.77
C SER C 405 23.76 -19.89 28.18
N PRO C 406 24.16 -21.14 27.97
CA PRO C 406 25.45 -21.40 27.31
C PRO C 406 25.36 -21.09 25.81
N GLY C 407 26.42 -20.49 25.29
CA GLY C 407 26.42 -20.00 23.92
C GLY C 407 26.20 -21.08 22.88
N SER C 408 26.55 -22.33 23.18
CA SER C 408 26.27 -23.39 22.21
C SER C 408 24.78 -23.67 22.10
N SER C 409 23.98 -23.34 23.11
CA SER C 409 22.54 -23.48 22.90
C SER C 409 22.01 -22.39 21.99
N CYS C 410 22.80 -21.35 21.73
CA CYS C 410 22.54 -20.34 20.72
C CYS C 410 23.31 -20.59 19.43
N HIS C 411 23.97 -21.75 19.30
CA HIS C 411 24.71 -22.13 18.09
C HIS C 411 25.84 -21.15 17.79
N CYS C 412 26.49 -20.62 18.82
CA CYS C 412 27.70 -19.83 18.67
C CYS C 412 28.84 -20.67 18.07
N SER C 413 29.73 -20.02 17.31
CA SER C 413 30.83 -20.76 16.69
C SER C 413 31.96 -21.02 17.66
N GLU C 414 32.00 -20.22 18.71
CA GLU C 414 33.04 -20.30 19.71
C GLU C 414 32.41 -20.76 21.01
N VAL C 415 33.08 -21.67 21.69
CA VAL C 415 32.60 -22.11 22.97
C VAL C 415 33.07 -21.15 24.05
N GLY C 416 32.36 -21.13 25.16
CA GLY C 416 32.72 -20.32 26.31
C GLY C 416 31.97 -19.01 26.44
N TRP C 417 31.14 -18.66 25.46
CA TRP C 417 30.33 -17.47 25.58
C TRP C 417 29.00 -17.82 26.24
N PHE C 418 28.45 -16.87 26.99
CA PHE C 418 27.22 -17.09 27.75
C PHE C 418 26.36 -15.85 27.66
N ARG C 419 25.05 -16.04 27.46
CA ARG C 419 24.11 -14.94 27.54
C ARG C 419 23.62 -14.81 28.97
N VAL C 420 23.65 -13.60 29.48
CA VAL C 420 23.26 -13.32 30.85
C VAL C 420 22.22 -12.21 30.77
N CYS C 421 20.99 -12.51 31.13
CA CYS C 421 19.93 -11.51 31.08
C CYS C 421 19.91 -10.71 32.37
N PHE C 422 19.74 -9.38 32.25
CA PHE C 422 19.89 -8.48 33.37
C PHE C 422 18.68 -7.58 33.66
N ALA C 423 17.59 -7.70 32.90
CA ALA C 423 16.47 -6.77 33.02
C ALA C 423 15.25 -7.39 33.70
N ASN C 424 15.33 -8.64 34.12
CA ASN C 424 14.21 -9.38 34.68
C ASN C 424 14.42 -9.59 36.18
N MET C 425 14.89 -8.56 36.87
CA MET C 425 15.41 -8.74 38.22
C MET C 425 15.59 -7.38 38.89
N SER C 426 15.75 -7.43 40.21
CA SER C 426 16.03 -6.26 41.04
C SER C 426 17.51 -5.88 40.96
N GLU C 427 17.79 -4.60 41.19
CA GLU C 427 19.18 -4.18 41.38
C GLU C 427 19.83 -4.94 42.53
N ASN C 428 19.06 -5.20 43.60
CA ASN C 428 19.59 -6.00 44.69
C ASN C 428 19.79 -7.45 44.27
N THR C 429 18.84 -8.01 43.52
CA THR C 429 19.03 -9.36 42.98
C THR C 429 20.23 -9.41 42.05
N LEU C 430 20.50 -8.32 41.32
CA LEU C 430 21.68 -8.30 40.46
C LEU C 430 22.98 -8.27 41.25
N GLU C 431 23.05 -7.45 42.31
CA GLU C 431 24.27 -7.38 43.11
C GLU C 431 24.61 -8.72 43.74
N ILE C 432 23.63 -9.40 44.34
CA ILE C 432 23.87 -10.70 44.96
C ILE C 432 24.43 -11.69 43.95
N ALA C 433 23.85 -11.74 42.75
CA ALA C 433 24.34 -12.66 41.72
C ALA C 433 25.77 -12.32 41.31
N LEU C 434 26.09 -11.03 41.19
CA LEU C 434 27.46 -10.65 40.88
C LEU C 434 28.41 -11.07 42.00
N LYS C 435 27.97 -10.87 43.26
CA LYS C 435 28.78 -11.28 44.40
C LYS C 435 29.15 -12.76 44.33
N ARG C 436 28.21 -13.61 43.88
CA ARG C 436 28.46 -15.04 43.79
C ARG C 436 29.48 -15.36 42.71
N ILE C 437 29.46 -14.65 41.58
CA ILE C 437 30.43 -14.92 40.53
C ILE C 437 31.81 -14.50 40.99
N HIS C 438 31.87 -13.40 41.71
CA HIS C 438 33.15 -12.92 42.24
C HIS C 438 33.70 -13.92 43.27
N GLU C 439 32.84 -14.51 44.11
CA GLU C 439 33.30 -15.55 45.01
C GLU C 439 33.81 -16.75 44.24
N PHE C 440 33.20 -17.03 43.09
CA PHE C 440 33.65 -18.14 42.26
C PHE C 440 35.02 -17.89 41.63
N MET C 441 35.36 -16.63 41.31
CA MET C 441 36.66 -16.36 40.69
C MET C 441 37.78 -16.44 41.71
N ASP C 442 38.39 -17.62 41.79
CA ASP C 442 39.58 -17.92 42.60
C ASP C 442 40.48 -18.92 41.88
N ASN D 14 13.87 -10.06 -11.32
CA ASN D 14 13.66 -11.23 -10.48
C ASN D 14 12.87 -10.84 -9.22
N ASN D 15 11.57 -11.15 -9.25
CA ASN D 15 10.68 -10.95 -8.13
C ASN D 15 10.69 -12.17 -7.20
N VAL D 16 10.60 -11.90 -5.89
CA VAL D 16 10.52 -13.01 -4.94
C VAL D 16 9.29 -13.85 -5.19
N GLU D 17 9.45 -15.14 -4.96
CA GLU D 17 8.39 -16.13 -4.89
C GLU D 17 8.04 -16.42 -3.43
N LEU D 18 6.78 -16.75 -3.20
CA LEU D 18 6.25 -17.21 -1.92
C LEU D 18 6.06 -18.74 -1.95
N SER D 19 5.78 -19.32 -0.78
CA SER D 19 5.64 -20.78 -0.68
C SER D 19 4.35 -21.26 -1.36
N ARG D 20 4.27 -22.59 -1.58
CA ARG D 20 3.06 -23.15 -2.17
C ARG D 20 1.84 -22.87 -1.29
N VAL D 21 2.01 -23.03 0.03
CA VAL D 21 0.92 -22.73 0.96
C VAL D 21 0.44 -21.29 0.75
N ALA D 22 1.37 -20.35 0.55
CA ALA D 22 1.02 -18.94 0.48
C ALA D 22 0.24 -18.61 -0.78
N VAL D 23 0.51 -19.31 -1.88
CA VAL D 23 -0.20 -19.02 -3.12
C VAL D 23 -1.43 -19.89 -3.28
N SER D 24 -1.63 -20.86 -2.38
CA SER D 24 -2.80 -21.71 -2.43
C SER D 24 -4.10 -20.93 -2.19
N ASP D 25 -5.18 -21.42 -2.78
CA ASP D 25 -6.51 -20.85 -2.54
C ASP D 25 -7.18 -21.43 -1.29
N THR D 26 -6.53 -22.38 -0.62
CA THR D 26 -7.14 -23.07 0.52
C THR D 26 -7.40 -22.14 1.69
N HIS D 27 -6.96 -20.88 1.63
CA HIS D 27 -7.37 -19.90 2.64
C HIS D 27 -8.88 -19.75 2.72
N GLY D 28 -9.60 -20.17 1.69
CA GLY D 28 -11.04 -20.30 1.70
C GLY D 28 -11.84 -19.03 1.50
N GLU D 29 -11.21 -17.95 1.03
CA GLU D 29 -11.93 -16.66 0.84
C GLU D 29 -12.59 -16.58 -0.54
N ASP D 30 -12.49 -17.64 -1.33
CA ASP D 30 -13.16 -17.83 -2.62
C ASP D 30 -14.56 -18.42 -2.47
N SER D 31 -15.16 -18.32 -1.30
CA SER D 31 -16.39 -19.03 -0.96
C SER D 31 -17.50 -18.05 -0.61
N PRO D 32 -18.76 -18.46 -0.80
CA PRO D 32 -19.86 -17.53 -0.53
C PRO D 32 -19.95 -17.09 0.92
N TYR D 33 -19.48 -17.94 1.85
CA TYR D 33 -19.50 -17.57 3.26
C TYR D 33 -18.72 -16.27 3.51
N PHE D 34 -17.66 -16.00 2.74
CA PHE D 34 -16.89 -14.77 2.89
C PHE D 34 -17.35 -13.65 1.95
N ALA D 35 -17.86 -14.00 0.76
CA ALA D 35 -18.34 -12.98 -0.16
C ALA D 35 -19.62 -12.33 0.34
N GLY D 36 -20.53 -13.12 0.91
CA GLY D 36 -21.74 -12.56 1.47
C GLY D 36 -21.48 -11.68 2.68
N TRP D 37 -20.46 -12.02 3.48
CA TRP D 37 -20.15 -11.23 4.67
C TRP D 37 -19.82 -9.78 4.32
N LYS D 38 -18.81 -9.55 3.49
CA LYS D 38 -18.47 -8.15 3.27
C LYS D 38 -19.42 -7.49 2.29
N ALA D 39 -20.17 -8.29 1.52
CA ALA D 39 -21.37 -7.75 0.89
C ALA D 39 -22.28 -7.12 1.93
N TYR D 40 -22.29 -7.65 3.16
CA TYR D 40 -23.04 -7.03 4.23
C TYR D 40 -22.39 -5.72 4.67
N ASP D 41 -21.07 -5.70 4.85
CA ASP D 41 -20.44 -4.48 5.34
C ASP D 41 -20.29 -3.38 4.29
N GLU D 42 -20.48 -3.69 3.01
CA GLU D 42 -20.49 -2.61 2.01
C GLU D 42 -21.80 -1.83 2.05
N ASN D 43 -22.92 -2.49 2.36
CA ASN D 43 -24.22 -1.85 2.49
C ASN D 43 -24.91 -2.40 3.74
N PRO D 44 -24.39 -2.05 4.92
CA PRO D 44 -24.92 -2.64 6.16
C PRO D 44 -26.29 -2.09 6.54
N TYR D 45 -27.15 -3.01 6.99
CA TYR D 45 -28.45 -2.60 7.48
C TYR D 45 -28.28 -1.64 8.66
N ASP D 46 -29.22 -0.69 8.81
CA ASP D 46 -29.18 0.14 10.00
C ASP D 46 -30.56 0.67 10.36
N GLU D 47 -30.88 0.42 11.62
CA GLU D 47 -31.99 0.99 12.36
C GLU D 47 -32.18 2.47 12.11
N SER D 48 -31.12 3.24 12.32
CA SER D 48 -31.25 4.70 12.27
C SER D 48 -31.36 5.21 10.83
N HIS D 49 -30.44 4.77 9.95
CA HIS D 49 -30.28 5.45 8.66
C HIS D 49 -30.06 4.51 7.48
N ASN D 50 -30.52 3.24 7.52
CA ASN D 50 -30.39 2.36 6.36
C ASN D 50 -31.24 1.10 6.45
N PRO D 51 -32.58 1.20 6.55
CA PRO D 51 -33.41 0.00 6.75
C PRO D 51 -33.52 -0.92 5.55
N SER D 52 -32.99 -0.52 4.39
CA SER D 52 -32.93 -1.38 3.23
C SER D 52 -31.64 -2.17 3.15
N GLY D 53 -30.69 -1.91 4.05
CA GLY D 53 -29.38 -2.51 3.96
C GLY D 53 -29.39 -4.01 4.22
N VAL D 54 -28.24 -4.61 3.96
CA VAL D 54 -28.10 -6.05 4.09
C VAL D 54 -28.11 -6.41 5.57
N ILE D 55 -28.99 -7.33 5.94
CA ILE D 55 -29.06 -7.84 7.31
C ILE D 55 -28.21 -9.10 7.41
N GLN D 56 -27.39 -9.17 8.46
CA GLN D 56 -26.39 -10.23 8.57
C GLN D 56 -26.98 -11.45 9.27
N MET D 57 -27.11 -12.55 8.52
CA MET D 57 -27.56 -13.85 9.01
C MET D 57 -26.64 -14.98 8.55
N GLY D 58 -25.43 -14.65 8.10
CA GLY D 58 -24.53 -15.70 7.66
C GLY D 58 -23.36 -16.00 8.59
N LEU D 59 -23.34 -15.38 9.76
CA LEU D 59 -22.27 -15.57 10.74
C LEU D 59 -22.86 -16.12 12.02
N ALA D 60 -22.29 -17.23 12.49
CA ALA D 60 -22.79 -17.92 13.68
C ALA D 60 -22.24 -17.25 14.94
N GLU D 61 -22.89 -16.16 15.34
CA GLU D 61 -22.54 -15.47 16.57
C GLU D 61 -23.74 -15.34 17.50
N ASN D 62 -23.43 -15.30 18.79
CA ASN D 62 -24.43 -15.33 19.84
C ASN D 62 -24.36 -14.02 20.62
N GLN D 63 -25.37 -13.18 20.42
CA GLN D 63 -25.54 -11.97 21.19
C GLN D 63 -26.70 -12.04 22.17
N VAL D 64 -27.52 -13.10 22.11
CA VAL D 64 -28.79 -13.11 22.84
C VAL D 64 -28.61 -13.17 24.34
N SER D 65 -27.44 -13.54 24.84
CA SER D 65 -27.23 -13.65 26.27
C SER D 65 -26.20 -12.68 26.81
N PHE D 66 -25.77 -11.72 26.00
CA PHE D 66 -24.64 -10.89 26.41
C PHE D 66 -24.99 -10.01 27.60
N ASP D 67 -26.27 -9.63 27.74
CA ASP D 67 -26.68 -8.80 28.87
C ASP D 67 -26.37 -9.48 30.21
N LEU D 68 -26.38 -10.81 30.26
CA LEU D 68 -26.06 -11.49 31.50
C LEU D 68 -24.59 -11.34 31.89
N LEU D 69 -23.70 -11.16 30.91
CA LEU D 69 -22.29 -11.01 31.23
C LEU D 69 -22.00 -9.61 31.73
N GLU D 70 -22.62 -8.61 31.09
CA GLU D 70 -22.49 -7.21 31.50
C GLU D 70 -23.05 -6.97 32.90
N THR D 71 -24.27 -7.44 33.17
CA THR D 71 -24.85 -7.35 34.50
C THR D 71 -24.04 -8.09 35.56
N TYR D 72 -23.06 -8.89 35.17
CA TYR D 72 -22.27 -9.63 36.15
C TYR D 72 -20.95 -8.95 36.48
N LEU D 73 -20.28 -8.35 35.50
CA LEU D 73 -18.94 -7.84 35.73
C LEU D 73 -18.92 -6.47 36.41
N GLU D 74 -20.06 -5.85 36.68
CA GLU D 74 -20.03 -4.62 37.45
C GLU D 74 -19.86 -4.87 38.95
N LYS D 75 -20.12 -6.10 39.41
CA LYS D 75 -19.74 -6.49 40.76
C LYS D 75 -18.32 -7.06 40.76
N PHE D 91 -1.76 -7.21 38.26
CA PHE D 91 -1.62 -6.78 36.87
C PHE D 91 -0.21 -6.95 36.32
N ARG D 92 0.81 -6.65 37.14
CA ARG D 92 2.17 -6.88 36.69
C ARG D 92 2.46 -8.36 36.50
N GLU D 93 1.93 -9.20 37.39
CA GLU D 93 2.15 -10.63 37.26
C GLU D 93 1.47 -11.19 36.01
N ASN D 94 0.33 -10.60 35.62
CA ASN D 94 -0.36 -11.05 34.41
C ASN D 94 0.42 -10.66 33.17
N ALA D 95 0.89 -9.41 33.12
CA ALA D 95 1.66 -8.97 31.98
C ALA D 95 2.89 -9.84 31.79
N LEU D 96 3.45 -10.35 32.88
CA LEU D 96 4.67 -11.12 32.88
C LEU D 96 4.45 -12.61 32.63
N PHE D 97 3.21 -13.08 32.67
CA PHE D 97 2.90 -14.51 32.58
C PHE D 97 2.71 -14.94 31.14
N GLN D 98 3.62 -15.78 30.65
CA GLN D 98 3.45 -16.19 29.24
C GLN D 98 3.65 -17.71 29.10
N ASP D 99 3.58 -18.44 30.20
CA ASP D 99 3.79 -19.89 30.17
C ASP D 99 2.82 -20.55 29.20
N TYR D 100 3.32 -21.48 28.38
CA TYR D 100 2.38 -22.03 27.41
C TYR D 100 1.40 -23.02 28.02
N HIS D 101 1.53 -23.36 29.31
CA HIS D 101 0.51 -24.14 29.97
C HIS D 101 -0.73 -23.32 30.28
N GLY D 102 -0.63 -21.99 30.25
CA GLY D 102 -1.74 -21.14 30.63
C GLY D 102 -1.93 -21.05 32.14
N LEU D 103 -2.69 -20.03 32.54
CA LEU D 103 -3.03 -19.81 33.94
C LEU D 103 -3.72 -21.03 34.51
N LYS D 104 -3.24 -21.50 35.66
CA LYS D 104 -3.85 -22.66 36.25
C LYS D 104 -5.26 -22.36 36.74
N THR D 105 -5.48 -21.15 37.25
CA THR D 105 -6.84 -20.77 37.62
C THR D 105 -7.77 -20.78 36.40
N PHE D 106 -7.26 -20.38 35.24
CA PHE D 106 -8.15 -20.31 34.08
C PHE D 106 -8.42 -21.68 33.50
N ARG D 107 -7.44 -22.59 33.51
CA ARG D 107 -7.75 -23.95 33.08
C ARG D 107 -8.74 -24.62 34.01
N GLN D 108 -8.70 -24.29 35.30
CA GLN D 108 -9.71 -24.80 36.23
C GLN D 108 -11.09 -24.24 35.91
N ALA D 109 -11.16 -22.94 35.61
CA ALA D 109 -12.44 -22.33 35.25
C ALA D 109 -13.02 -22.93 33.99
N MET D 110 -12.17 -23.18 32.99
CA MET D 110 -12.65 -23.75 31.73
C MET D 110 -13.19 -25.17 31.95
N ALA D 111 -12.45 -25.98 32.72
CA ALA D 111 -12.89 -27.33 33.01
C ALA D 111 -14.18 -27.32 33.81
N SER D 112 -14.31 -26.41 34.75
CA SER D 112 -15.53 -26.34 35.53
C SER D 112 -16.69 -25.88 34.65
N PHE D 113 -16.45 -24.91 33.76
CA PHE D 113 -17.50 -24.48 32.84
C PHE D 113 -17.93 -25.62 31.91
N MET D 114 -16.98 -26.43 31.43
CA MET D 114 -17.34 -27.54 30.54
C MET D 114 -18.12 -28.64 31.28
N GLU D 115 -17.85 -28.88 32.56
CA GLU D 115 -18.67 -29.82 33.34
C GLU D 115 -20.08 -29.29 33.53
N GLN D 116 -20.19 -27.99 33.79
CA GLN D 116 -21.47 -27.34 34.00
C GLN D 116 -22.33 -27.46 32.74
N ILE D 117 -21.71 -27.31 31.56
CA ILE D 117 -22.43 -27.47 30.30
C ILE D 117 -22.97 -28.88 30.17
N ARG D 118 -22.23 -29.87 30.66
CA ARG D 118 -22.63 -31.27 30.53
C ARG D 118 -23.46 -31.78 31.69
N GLY D 119 -23.82 -30.91 32.64
CA GLY D 119 -24.67 -31.28 33.75
C GLY D 119 -24.08 -32.37 34.61
N GLY D 120 -22.80 -32.29 34.90
CA GLY D 120 -22.18 -33.31 35.71
C GLY D 120 -22.07 -34.66 35.05
N LYS D 121 -22.42 -34.78 33.76
CA LYS D 121 -22.26 -36.06 33.07
C LYS D 121 -20.81 -36.42 32.77
N ALA D 122 -19.85 -35.56 33.10
CA ALA D 122 -18.44 -35.87 32.90
C ALA D 122 -17.61 -34.98 33.79
N ARG D 123 -16.38 -35.41 34.06
CA ARG D 123 -15.40 -34.64 34.81
C ARG D 123 -14.23 -34.29 33.91
N PHE D 124 -13.78 -33.04 34.01
CA PHE D 124 -12.69 -32.50 33.20
C PHE D 124 -11.53 -32.13 34.10
N ASP D 125 -10.38 -32.74 33.81
CA ASP D 125 -9.13 -32.50 34.52
C ASP D 125 -8.43 -31.28 33.92
N PRO D 126 -8.13 -30.25 34.73
CA PRO D 126 -7.44 -29.07 34.18
C PRO D 126 -6.09 -29.39 33.56
N ASP D 127 -5.49 -30.53 33.92
CA ASP D 127 -4.22 -30.90 33.31
C ASP D 127 -4.38 -31.36 31.88
N ARG D 128 -5.58 -31.65 31.43
CA ARG D 128 -5.82 -32.00 30.04
C ARG D 128 -6.33 -30.83 29.21
N ILE D 129 -6.58 -29.68 29.83
CA ILE D 129 -6.99 -28.48 29.11
C ILE D 129 -5.79 -27.86 28.41
N VAL D 130 -5.89 -27.63 27.09
CA VAL D 130 -4.88 -26.84 26.38
C VAL D 130 -5.57 -25.62 25.77
N LEU D 131 -5.06 -24.43 26.07
CA LEU D 131 -5.68 -23.18 25.60
C LEU D 131 -5.06 -22.77 24.27
N THR D 132 -5.91 -22.24 23.39
CA THR D 132 -5.50 -21.71 22.08
C THR D 132 -6.28 -20.45 21.77
N ALA D 133 -5.81 -19.70 20.78
CA ALA D 133 -6.53 -18.51 20.32
C ALA D 133 -7.72 -18.95 19.48
N GLY D 134 -8.79 -19.35 20.16
CA GLY D 134 -9.99 -19.80 19.50
C GLY D 134 -9.90 -21.25 19.03
N ALA D 135 -11.07 -21.79 18.68
CA ALA D 135 -11.14 -23.15 18.15
C ALA D 135 -10.58 -23.23 16.73
N THR D 136 -10.51 -22.10 16.00
CA THR D 136 -9.80 -22.08 14.73
C THR D 136 -8.38 -22.62 14.91
N ALA D 137 -7.66 -22.10 15.91
CA ALA D 137 -6.32 -22.61 16.20
C ALA D 137 -6.37 -24.05 16.70
N ALA D 138 -7.37 -24.38 17.51
CA ALA D 138 -7.42 -25.69 18.15
C ALA D 138 -7.57 -26.82 17.13
N ASN D 139 -8.44 -26.62 16.14
CA ASN D 139 -8.64 -27.68 15.16
C ASN D 139 -7.41 -27.86 14.29
N GLU D 140 -6.78 -26.75 13.88
CA GLU D 140 -5.55 -26.84 13.12
C GLU D 140 -4.45 -27.48 13.96
N LEU D 141 -4.32 -27.04 15.20
CA LEU D 141 -3.28 -27.60 16.07
C LEU D 141 -3.42 -29.11 16.22
N LEU D 142 -4.64 -29.58 16.54
CA LEU D 142 -4.86 -31.03 16.65
C LEU D 142 -4.51 -31.75 15.37
N THR D 143 -4.91 -31.21 14.23
CA THR D 143 -4.59 -31.84 12.96
C THR D 143 -3.09 -32.00 12.76
N PHE D 144 -2.30 -30.98 13.11
CA PHE D 144 -0.86 -31.15 13.10
C PHE D 144 -0.43 -32.33 13.98
N ILE D 145 -1.14 -32.57 15.08
CA ILE D 145 -0.70 -33.59 16.02
C ILE D 145 -1.18 -34.99 15.61
N LEU D 146 -2.30 -35.08 14.91
CA LEU D 146 -2.90 -36.39 14.68
C LEU D 146 -2.64 -36.96 13.28
N ALA D 147 -2.23 -36.13 12.33
CA ALA D 147 -2.12 -36.58 10.94
C ALA D 147 -0.92 -35.93 10.26
N ASP D 148 -0.16 -36.71 9.49
CA ASP D 148 0.95 -36.17 8.71
C ASP D 148 0.43 -35.47 7.46
N PRO D 149 1.26 -34.66 6.79
CA PRO D 149 0.86 -34.14 5.47
C PRO D 149 0.48 -35.29 4.55
N ASN D 150 -0.58 -35.06 3.77
CA ASN D 150 -1.13 -36.02 2.81
C ASN D 150 -1.90 -37.17 3.47
N ASP D 151 -1.94 -37.27 4.80
CA ASP D 151 -2.92 -38.13 5.43
C ASP D 151 -4.30 -37.48 5.28
N ALA D 152 -5.34 -38.11 5.86
CA ALA D 152 -6.69 -37.61 5.70
C ALA D 152 -7.45 -37.68 7.02
N LEU D 153 -8.42 -36.77 7.18
CA LEU D 153 -9.43 -36.87 8.22
C LEU D 153 -10.80 -37.02 7.60
N LEU D 154 -11.61 -37.89 8.20
CA LEU D 154 -13.00 -38.04 7.80
C LEU D 154 -13.84 -36.99 8.50
N VAL D 155 -14.68 -36.29 7.73
CA VAL D 155 -15.53 -35.23 8.27
C VAL D 155 -16.93 -35.45 7.75
N PRO D 156 -17.94 -35.62 8.63
CA PRO D 156 -19.32 -35.78 8.14
C PRO D 156 -19.83 -34.50 7.52
N THR D 157 -20.54 -34.65 6.39
CA THR D 157 -21.17 -33.52 5.68
C THR D 157 -22.60 -33.37 6.16
N PRO D 158 -23.20 -32.17 6.12
CA PRO D 158 -22.48 -30.93 5.82
C PRO D 158 -21.61 -30.44 6.98
N TYR D 159 -20.67 -29.55 6.72
CA TYR D 159 -19.80 -29.13 7.82
C TYR D 159 -19.40 -27.68 7.65
N TYR D 160 -18.86 -27.12 8.74
CA TYR D 160 -18.45 -25.74 8.83
C TYR D 160 -17.46 -25.41 7.71
N PRO D 161 -17.78 -24.47 6.82
CA PRO D 161 -16.88 -24.14 5.70
C PRO D 161 -15.45 -23.81 6.12
N GLY D 162 -15.26 -23.20 7.29
CA GLY D 162 -13.93 -22.89 7.76
C GLY D 162 -13.05 -24.11 7.94
N PHE D 163 -13.62 -25.30 8.10
CA PHE D 163 -12.79 -26.50 8.20
C PHE D 163 -11.94 -26.69 6.93
N ASP D 164 -12.45 -26.30 5.78
CA ASP D 164 -11.68 -26.46 4.54
C ASP D 164 -10.37 -25.67 4.60
N ARG D 165 -10.34 -24.57 5.36
CA ARG D 165 -9.10 -23.89 5.68
C ARG D 165 -8.42 -24.46 6.93
N ASP D 166 -9.15 -24.56 8.05
CA ASP D 166 -8.51 -24.86 9.34
C ASP D 166 -7.78 -26.21 9.31
N LEU D 167 -8.36 -27.22 8.69
CA LEU D 167 -7.79 -28.55 8.69
C LEU D 167 -6.77 -28.77 7.56
N ARG D 168 -6.73 -27.91 6.55
CA ARG D 168 -5.99 -28.22 5.32
C ARG D 168 -4.89 -27.24 4.95
N TRP D 169 -5.05 -25.94 5.20
CA TRP D 169 -4.22 -24.93 4.55
C TRP D 169 -2.74 -25.11 4.89
N ARG D 170 -2.40 -25.12 6.18
CA ARG D 170 -1.01 -25.16 6.61
C ARG D 170 -0.55 -26.56 7.02
N THR D 171 -1.45 -27.53 7.11
CA THR D 171 -1.12 -28.85 7.60
C THR D 171 -0.75 -29.83 6.50
N GLY D 172 -1.16 -29.57 5.26
CA GLY D 172 -1.06 -30.57 4.22
C GLY D 172 -1.97 -31.76 4.39
N VAL D 173 -2.89 -31.73 5.32
CA VAL D 173 -3.77 -32.87 5.55
C VAL D 173 -5.04 -32.70 4.73
N LYS D 174 -5.57 -33.81 4.23
CA LYS D 174 -6.76 -33.80 3.40
C LYS D 174 -8.03 -34.09 4.21
N ILE D 175 -9.17 -33.66 3.65
CA ILE D 175 -10.49 -33.97 4.19
C ILE D 175 -11.14 -34.98 3.25
N VAL D 176 -11.57 -36.10 3.81
CA VAL D 176 -12.40 -37.08 3.09
C VAL D 176 -13.81 -36.99 3.66
N PRO D 177 -14.82 -36.68 2.86
CA PRO D 177 -16.16 -36.48 3.41
C PRO D 177 -16.86 -37.78 3.78
N ILE D 178 -17.58 -37.75 4.89
CA ILE D 178 -18.53 -38.79 5.22
C ILE D 178 -19.89 -38.28 4.78
N HIS D 179 -20.43 -38.85 3.72
CA HIS D 179 -21.66 -38.33 3.15
C HIS D 179 -22.87 -38.67 4.02
N CYS D 180 -23.72 -37.68 4.23
CA CYS D 180 -24.97 -37.83 4.96
C CYS D 180 -26.04 -37.09 4.17
N ASP D 181 -27.25 -37.61 4.21
CA ASP D 181 -28.37 -37.01 3.48
C ASP D 181 -29.60 -36.98 4.39
N SER D 182 -30.70 -36.45 3.85
CA SER D 182 -31.91 -36.20 4.62
C SER D 182 -32.66 -37.47 5.06
N SER D 183 -32.38 -38.63 4.46
CA SER D 183 -33.13 -39.84 4.80
C SER D 183 -33.07 -40.15 6.30
N ASN D 184 -31.96 -39.79 6.96
CA ASN D 184 -31.82 -39.96 8.40
C ASN D 184 -31.50 -38.64 9.10
N HIS D 185 -31.91 -37.52 8.50
CA HIS D 185 -31.64 -36.18 9.04
C HIS D 185 -30.14 -35.88 9.11
N PHE D 186 -29.42 -36.28 8.05
CA PHE D 186 -28.01 -35.88 7.84
C PHE D 186 -27.13 -36.39 8.96
N GLN D 187 -27.35 -37.63 9.37
CA GLN D 187 -26.60 -38.26 10.46
C GLN D 187 -25.65 -39.33 9.92
N ILE D 188 -24.61 -39.60 10.69
CA ILE D 188 -23.63 -40.62 10.33
C ILE D 188 -24.26 -41.99 10.31
N THR D 189 -23.92 -42.80 9.30
CA THR D 189 -24.30 -44.20 9.22
C THR D 189 -23.08 -45.11 9.19
N PRO D 190 -23.19 -46.32 9.76
CA PRO D 190 -22.06 -47.26 9.69
C PRO D 190 -21.59 -47.56 8.27
N GLU D 191 -22.45 -47.33 7.27
CA GLU D 191 -22.13 -47.57 5.87
C GLU D 191 -21.44 -46.37 5.22
N ALA D 192 -21.89 -45.16 5.52
CA ALA D 192 -21.20 -43.97 5.01
C ALA D 192 -19.79 -43.85 5.59
N LEU D 193 -19.60 -44.26 6.85
CA LEU D 193 -18.25 -44.28 7.41
C LEU D 193 -17.37 -45.27 6.68
N GLU D 194 -17.88 -46.48 6.40
CA GLU D 194 -17.07 -47.46 5.69
C GLU D 194 -16.85 -47.04 4.24
N SER D 195 -17.89 -46.48 3.63
CA SER D 195 -17.74 -46.03 2.25
C SER D 195 -16.67 -44.94 2.14
N ALA D 196 -16.64 -44.01 3.10
CA ALA D 196 -15.63 -42.96 3.08
C ALA D 196 -14.23 -43.51 3.30
N TYR D 197 -14.09 -44.45 4.23
CA TYR D 197 -12.80 -45.05 4.48
C TYR D 197 -12.28 -45.76 3.23
N GLN D 198 -13.16 -46.36 2.45
CA GLN D 198 -12.74 -47.03 1.23
C GLN D 198 -12.30 -46.04 0.17
N THR D 199 -12.89 -44.85 0.15
CA THR D 199 -12.43 -43.82 -0.77
C THR D 199 -10.96 -43.47 -0.53
N ALA D 200 -10.58 -43.35 0.75
CA ALA D 200 -9.21 -43.01 1.06
C ALA D 200 -8.26 -44.15 0.70
N ARG D 201 -8.70 -45.39 0.84
CA ARG D 201 -7.85 -46.51 0.43
C ARG D 201 -7.74 -46.54 -1.10
N ASP D 202 -8.82 -46.20 -1.81
CA ASP D 202 -8.74 -46.22 -3.27
C ASP D 202 -7.75 -45.18 -3.78
N ALA D 203 -7.61 -44.06 -3.09
CA ALA D 203 -6.60 -43.07 -3.40
C ALA D 203 -5.30 -43.30 -2.64
N ASN D 204 -5.17 -44.44 -1.96
CA ASN D 204 -4.03 -44.75 -1.09
C ASN D 204 -3.74 -43.57 -0.16
N ILE D 205 -4.80 -43.10 0.49
CA ILE D 205 -4.70 -42.04 1.50
C ILE D 205 -4.96 -42.69 2.85
N ARG D 206 -4.03 -42.49 3.76
CA ARG D 206 -4.16 -43.10 5.08
C ARG D 206 -5.06 -42.22 5.95
N VAL D 207 -6.07 -42.84 6.55
CA VAL D 207 -7.00 -42.14 7.44
C VAL D 207 -6.39 -42.09 8.83
N ARG D 208 -6.48 -40.94 9.48
CA ARG D 208 -5.93 -40.80 10.83
C ARG D 208 -6.99 -40.50 11.88
N GLY D 209 -8.23 -40.19 11.48
CA GLY D 209 -9.27 -39.95 12.45
C GLY D 209 -10.52 -39.45 11.80
N VAL D 210 -11.55 -39.28 12.63
CA VAL D 210 -12.82 -38.69 12.25
C VAL D 210 -13.01 -37.42 13.06
N LEU D 211 -13.36 -36.32 12.41
CA LEU D 211 -13.68 -35.11 13.14
C LEU D 211 -15.15 -34.83 12.99
N ILE D 212 -15.85 -34.78 14.11
CA ILE D 212 -17.28 -34.54 14.14
C ILE D 212 -17.54 -33.22 14.85
N THR D 213 -18.72 -32.69 14.59
CA THR D 213 -19.22 -31.48 15.23
C THR D 213 -20.47 -31.85 16.01
N ASN D 214 -20.43 -31.64 17.30
CA ASN D 214 -21.40 -32.20 18.20
C ASN D 214 -21.75 -31.15 19.24
N PRO D 215 -22.87 -30.43 19.06
CA PRO D 215 -23.85 -30.57 17.99
C PRO D 215 -23.38 -29.97 16.66
N SER D 216 -24.09 -30.35 15.60
CA SER D 216 -23.59 -30.12 14.25
C SER D 216 -23.66 -28.65 13.89
N ASN D 217 -22.64 -28.17 13.20
CA ASN D 217 -22.71 -26.95 12.40
C ASN D 217 -22.59 -27.46 10.98
N PRO D 218 -23.58 -27.17 10.11
CA PRO D 218 -24.73 -26.26 10.13
C PRO D 218 -26.09 -26.88 10.53
N LEU D 219 -26.17 -28.16 10.94
CA LEU D 219 -27.49 -28.75 11.14
C LEU D 219 -28.20 -28.17 12.35
N GLY D 220 -27.43 -27.80 13.38
CA GLY D 220 -28.01 -27.36 14.63
C GLY D 220 -28.72 -28.51 15.33
N ALA D 221 -28.09 -29.68 15.34
CA ALA D 221 -28.69 -30.91 15.81
C ALA D 221 -27.65 -31.70 16.59
N THR D 222 -28.05 -32.20 17.75
CA THR D 222 -27.22 -33.11 18.51
C THR D 222 -26.97 -34.39 17.73
N VAL D 223 -26.00 -35.17 18.20
CA VAL D 223 -25.77 -36.52 17.69
C VAL D 223 -26.25 -37.52 18.74
N GLN D 224 -26.95 -38.56 18.31
CA GLN D 224 -27.46 -39.55 19.26
C GLN D 224 -26.32 -40.29 19.92
N LYS D 225 -26.53 -40.65 21.19
CA LYS D 225 -25.49 -41.30 21.96
C LYS D 225 -25.08 -42.63 21.33
N LYS D 226 -26.02 -43.27 20.61
CA LYS D 226 -25.72 -44.55 19.98
C LYS D 226 -24.85 -44.38 18.74
N VAL D 227 -25.08 -43.32 17.97
CA VAL D 227 -24.21 -43.03 16.84
C VAL D 227 -22.78 -42.79 17.30
N LEU D 228 -22.62 -42.06 18.41
CA LEU D 228 -21.28 -41.76 18.91
C LEU D 228 -20.58 -43.01 19.45
N GLU D 229 -21.34 -43.91 20.07
CA GLU D 229 -20.75 -45.15 20.54
C GLU D 229 -20.30 -46.02 19.38
N ASP D 230 -21.12 -46.11 18.34
CA ASP D 230 -20.72 -46.83 17.13
C ASP D 230 -19.52 -46.18 16.48
N LEU D 231 -19.47 -44.84 16.49
CA LEU D 231 -18.34 -44.13 15.90
C LEU D 231 -17.06 -44.44 16.66
N LEU D 232 -17.11 -44.35 18.00
CA LEU D 232 -15.91 -44.66 18.78
C LEU D 232 -15.47 -46.09 18.54
N ASP D 233 -16.41 -47.02 18.45
CA ASP D 233 -16.08 -48.39 18.07
C ASP D 233 -15.43 -48.43 16.69
N PHE D 234 -15.98 -47.68 15.74
CA PHE D 234 -15.37 -47.61 14.42
C PHE D 234 -13.94 -47.10 14.50
N CYS D 235 -13.70 -46.06 15.29
CA CYS D 235 -12.35 -45.51 15.36
C CYS D 235 -11.39 -46.50 15.98
N VAL D 236 -11.89 -47.24 16.98
CA VAL D 236 -11.12 -48.33 17.56
C VAL D 236 -10.85 -49.39 16.48
N ARG D 237 -11.85 -49.72 15.68
CA ARG D 237 -11.67 -50.80 14.67
C ARG D 237 -10.63 -50.39 13.63
N LYS D 238 -10.66 -49.15 13.19
CA LYS D 238 -9.67 -48.65 12.25
C LYS D 238 -8.38 -48.16 12.89
N ASN D 239 -8.28 -48.14 14.23
CA ASN D 239 -7.12 -47.60 14.95
C ASN D 239 -6.85 -46.15 14.53
N ILE D 240 -7.89 -45.32 14.65
CA ILE D 240 -7.82 -43.91 14.27
C ILE D 240 -8.35 -43.06 15.42
N HIS D 241 -8.26 -41.74 15.25
CA HIS D 241 -8.66 -40.80 16.28
C HIS D 241 -10.11 -40.38 16.12
N LEU D 242 -10.67 -39.86 17.20
CA LEU D 242 -12.01 -39.29 17.16
C LEU D 242 -11.93 -37.90 17.78
N VAL D 243 -12.15 -36.88 16.96
CA VAL D 243 -12.17 -35.48 17.38
C VAL D 243 -13.62 -35.04 17.38
N SER D 244 -14.07 -34.43 18.48
CA SER D 244 -15.42 -33.90 18.59
C SER D 244 -15.34 -32.40 18.85
N ASP D 245 -15.75 -31.61 17.86
CA ASP D 245 -15.86 -30.17 17.99
C ASP D 245 -17.18 -29.86 18.68
N GLU D 246 -17.11 -29.49 19.96
CA GLU D 246 -18.30 -29.30 20.79
C GLU D 246 -18.49 -27.84 21.14
N ILE D 247 -18.13 -26.95 20.20
CA ILE D 247 -18.19 -25.52 20.44
C ILE D 247 -19.62 -25.00 20.65
N TYR D 248 -20.65 -25.71 20.20
CA TYR D 248 -22.02 -25.29 20.46
C TYR D 248 -22.69 -26.08 21.58
N SER D 249 -21.91 -26.83 22.38
CA SER D 249 -22.48 -27.71 23.39
C SER D 249 -23.28 -26.92 24.41
N GLY D 250 -22.83 -25.73 24.79
CA GLY D 250 -23.58 -24.86 25.69
C GLY D 250 -24.81 -24.21 25.07
N SER D 251 -25.10 -24.49 23.80
CA SER D 251 -26.23 -23.93 23.09
C SER D 251 -27.22 -25.01 22.64
N VAL D 252 -27.08 -26.23 23.15
CA VAL D 252 -28.11 -27.25 22.96
C VAL D 252 -29.35 -26.80 23.71
N PHE D 253 -30.52 -26.88 23.06
CA PHE D 253 -31.73 -26.27 23.61
C PHE D 253 -32.14 -26.94 24.92
N HIS D 254 -32.04 -28.26 25.00
CA HIS D 254 -32.34 -29.00 26.22
C HIS D 254 -31.11 -29.81 26.62
N ALA D 255 -30.58 -29.52 27.82
CA ALA D 255 -29.33 -30.10 28.26
C ALA D 255 -29.29 -31.61 28.15
N SER D 256 -30.43 -32.27 28.38
CA SER D 256 -30.45 -33.74 28.44
C SER D 256 -30.36 -34.40 27.08
N GLU D 257 -30.58 -33.64 26.00
CA GLU D 257 -30.45 -34.20 24.67
C GLU D 257 -29.01 -34.21 24.15
N PHE D 258 -28.09 -33.57 24.85
CA PHE D 258 -26.70 -33.53 24.42
C PHE D 258 -25.91 -34.69 25.02
N THR D 259 -25.16 -35.39 24.18
CA THR D 259 -24.21 -36.41 24.61
C THR D 259 -22.82 -35.99 24.14
N SER D 260 -21.98 -35.54 25.07
CA SER D 260 -20.58 -35.24 24.81
C SER D 260 -19.81 -36.54 24.68
N VAL D 261 -18.74 -36.53 23.85
CA VAL D 261 -17.88 -37.73 23.82
C VAL D 261 -17.20 -37.93 25.17
N ALA D 262 -17.17 -36.90 26.02
CA ALA D 262 -16.64 -37.08 27.37
C ALA D 262 -17.45 -38.11 28.15
N GLU D 263 -18.76 -38.14 27.94
CA GLU D 263 -19.61 -39.11 28.64
C GLU D 263 -19.34 -40.53 28.15
N ILE D 264 -19.12 -40.70 26.84
CA ILE D 264 -18.93 -42.03 26.27
C ILE D 264 -17.65 -42.70 26.74
N VAL D 265 -16.58 -41.94 26.98
CA VAL D 265 -15.33 -42.55 27.46
C VAL D 265 -15.26 -42.63 28.97
N GLU D 266 -16.24 -42.07 29.69
CA GLU D 266 -16.19 -42.00 31.15
C GLU D 266 -15.95 -43.39 31.78
N ASN D 267 -16.60 -44.43 31.25
CA ASN D 267 -16.56 -45.75 31.86
C ASN D 267 -15.70 -46.74 31.09
N ILE D 268 -14.77 -46.26 30.27
CA ILE D 268 -13.91 -47.15 29.50
C ILE D 268 -12.76 -47.58 30.40
N ASP D 269 -12.44 -48.86 30.35
CA ASP D 269 -11.38 -49.44 31.15
C ASP D 269 -10.09 -49.57 30.35
N ASP D 270 -10.21 -49.71 29.04
CA ASP D 270 -9.07 -49.84 28.15
C ASP D 270 -8.55 -48.45 27.85
N VAL D 271 -7.41 -48.11 28.45
CA VAL D 271 -6.89 -46.75 28.30
C VAL D 271 -6.55 -46.49 26.82
N SER D 272 -6.23 -47.55 26.06
CA SER D 272 -6.01 -47.46 24.61
C SER D 272 -7.27 -47.04 23.83
N VAL D 273 -8.47 -47.28 24.37
CA VAL D 273 -9.68 -46.80 23.71
C VAL D 273 -9.88 -45.32 23.97
N LYS D 274 -9.75 -44.88 25.22
CA LYS D 274 -9.89 -43.46 25.57
C LYS D 274 -8.92 -42.60 24.77
N GLU D 275 -7.71 -43.12 24.53
CA GLU D 275 -6.59 -42.35 23.98
C GLU D 275 -6.86 -41.73 22.63
N ARG D 276 -7.94 -42.10 21.96
CA ARG D 276 -8.13 -41.60 20.61
C ARG D 276 -9.19 -40.52 20.55
N VAL D 277 -9.66 -40.04 21.70
CA VAL D 277 -10.75 -39.07 21.78
C VAL D 277 -10.22 -37.72 22.22
N HIS D 278 -10.59 -36.68 21.48
CA HIS D 278 -10.19 -35.30 21.72
C HIS D 278 -11.37 -34.37 21.51
N ILE D 279 -11.53 -33.40 22.41
CA ILE D 279 -12.63 -32.45 22.35
C ILE D 279 -12.10 -31.06 22.07
N VAL D 280 -12.77 -30.33 21.19
CA VAL D 280 -12.43 -28.93 20.90
C VAL D 280 -13.56 -28.06 21.42
N TYR D 281 -13.20 -26.96 22.08
CA TYR D 281 -14.21 -26.05 22.60
C TYR D 281 -13.69 -24.63 22.49
N SER D 282 -14.59 -23.66 22.68
CA SER D 282 -14.23 -22.26 22.59
C SER D 282 -15.27 -21.46 23.34
N LEU D 283 -14.90 -20.26 23.79
CA LEU D 283 -15.89 -19.39 24.41
C LEU D 283 -16.53 -18.43 23.44
N SER D 284 -16.31 -18.64 22.14
CA SER D 284 -16.78 -17.67 21.15
C SER D 284 -18.28 -17.72 21.02
N LYS D 285 -18.88 -18.92 21.07
CA LYS D 285 -20.29 -19.12 20.75
C LYS D 285 -21.17 -19.16 21.99
N ASP D 286 -20.83 -20.00 22.96
CA ASP D 286 -21.68 -20.12 24.14
C ASP D 286 -21.66 -18.83 24.96
N LEU D 287 -20.50 -18.21 25.14
CA LEU D 287 -20.41 -16.96 25.90
C LEU D 287 -20.52 -15.72 25.04
N GLY D 288 -20.49 -15.85 23.72
CA GLY D 288 -20.52 -14.66 22.89
C GLY D 288 -19.30 -13.78 23.04
N LEU D 289 -18.12 -14.38 23.29
CA LEU D 289 -16.88 -13.62 23.42
C LEU D 289 -15.88 -14.00 22.33
N PRO D 290 -16.26 -13.94 21.04
CA PRO D 290 -15.34 -14.43 20.01
C PRO D 290 -14.06 -13.62 19.90
N GLY D 291 -14.13 -12.30 20.12
CA GLY D 291 -12.97 -11.44 20.00
C GLY D 291 -11.87 -11.73 21.00
N PHE D 292 -12.22 -12.41 22.11
CA PHE D 292 -11.22 -12.72 23.13
C PHE D 292 -10.39 -13.93 22.76
N ARG D 293 -10.84 -14.73 21.79
CA ARG D 293 -10.03 -15.80 21.22
C ARG D 293 -9.62 -16.82 22.28
N VAL D 294 -10.62 -17.46 22.89
CA VAL D 294 -10.40 -18.49 23.89
C VAL D 294 -10.86 -19.82 23.30
N GLY D 295 -9.91 -20.64 22.87
CA GLY D 295 -10.22 -21.98 22.40
C GLY D 295 -9.56 -22.95 23.33
N THR D 296 -9.98 -24.22 23.34
CA THR D 296 -9.31 -25.22 24.14
C THR D 296 -9.38 -26.58 23.45
N ILE D 297 -8.35 -27.40 23.70
CA ILE D 297 -8.36 -28.82 23.38
C ILE D 297 -8.41 -29.58 24.70
N TYR D 298 -9.32 -30.54 24.81
CA TYR D 298 -9.35 -31.49 25.92
C TYR D 298 -9.15 -32.87 25.32
N SER D 299 -8.00 -33.47 25.59
CA SER D 299 -7.63 -34.78 25.04
C SER D 299 -7.42 -35.81 26.14
N TYR D 300 -7.87 -37.06 25.88
CA TYR D 300 -7.59 -38.18 26.77
C TYR D 300 -6.25 -38.84 26.44
N ASN D 301 -5.50 -38.28 25.50
CA ASN D 301 -4.24 -38.84 25.04
C ASN D 301 -3.13 -37.98 25.63
N ASP D 302 -2.32 -38.57 26.51
CA ASP D 302 -1.41 -37.79 27.34
C ASP D 302 -0.37 -37.06 26.49
N ASN D 303 0.06 -37.68 25.39
CA ASN D 303 1.09 -37.06 24.54
C ASN D 303 0.50 -36.02 23.59
N VAL D 304 -0.78 -36.15 23.25
CA VAL D 304 -1.46 -35.04 22.58
C VAL D 304 -1.49 -33.83 23.50
N VAL D 305 -1.84 -34.03 24.78
CA VAL D 305 -1.82 -32.91 25.72
C VAL D 305 -0.43 -32.30 25.79
N ARG D 306 0.60 -33.15 25.93
CA ARG D 306 1.96 -32.62 26.09
C ARG D 306 2.38 -31.86 24.84
N THR D 307 2.09 -32.42 23.67
CA THR D 307 2.47 -31.76 22.43
C THR D 307 1.65 -30.49 22.18
N ALA D 308 0.34 -30.55 22.45
CA ALA D 308 -0.52 -29.37 22.24
C ALA D 308 -0.08 -28.22 23.13
N ARG D 309 0.39 -28.53 24.33
CA ARG D 309 0.80 -27.46 25.23
C ARG D 309 2.00 -26.73 24.64
N ARG D 310 3.02 -27.48 24.21
CA ARG D 310 4.19 -26.89 23.57
C ARG D 310 3.80 -26.17 22.27
N MET D 311 2.93 -26.80 21.48
CA MET D 311 2.54 -26.21 20.21
C MET D 311 1.68 -24.97 20.41
N SER D 312 0.98 -24.86 21.54
CA SER D 312 0.15 -23.68 21.71
C SER D 312 0.98 -22.40 21.86
N SER D 313 2.31 -22.51 22.01
CA SER D 313 3.18 -21.33 22.00
C SER D 313 2.92 -20.46 20.78
N PHE D 314 2.47 -21.05 19.68
CA PHE D 314 2.20 -20.28 18.47
C PHE D 314 0.88 -19.53 18.50
N THR D 315 0.05 -19.76 19.52
CA THR D 315 -1.33 -19.30 19.49
C THR D 315 -1.89 -19.22 20.91
N LEU D 316 -1.16 -18.55 21.79
CA LEU D 316 -1.54 -18.47 23.20
C LEU D 316 -2.66 -17.46 23.43
N VAL D 317 -3.44 -17.71 24.49
CA VAL D 317 -4.48 -16.77 24.92
C VAL D 317 -3.83 -15.68 25.77
N SER D 318 -4.24 -14.44 25.54
CA SER D 318 -3.75 -13.33 26.34
C SER D 318 -3.98 -13.59 27.83
N SER D 319 -2.93 -13.41 28.63
CA SER D 319 -3.07 -13.70 30.06
C SER D 319 -4.07 -12.75 30.71
N GLN D 320 -4.17 -11.52 30.20
CA GLN D 320 -5.22 -10.61 30.68
C GLN D 320 -6.61 -11.21 30.50
N THR D 321 -6.86 -11.80 29.33
CA THR D 321 -8.16 -12.39 29.08
C THR D 321 -8.38 -13.59 30.00
N GLN D 322 -7.36 -14.45 30.14
CA GLN D 322 -7.45 -15.58 31.07
C GLN D 322 -7.77 -15.13 32.48
N HIS D 323 -7.07 -14.09 32.94
CA HIS D 323 -7.26 -13.64 34.31
C HIS D 323 -8.65 -13.07 34.53
N MET D 324 -9.12 -12.21 33.63
CA MET D 324 -10.44 -11.63 33.80
C MET D 324 -11.53 -12.71 33.78
N LEU D 325 -11.40 -13.68 32.89
CA LEU D 325 -12.48 -14.65 32.72
C LEU D 325 -12.45 -15.75 33.77
N ALA D 326 -11.32 -15.96 34.45
CA ALA D 326 -11.16 -17.10 35.35
C ALA D 326 -12.16 -17.05 36.50
N SER D 327 -12.31 -15.89 37.14
CA SER D 327 -13.25 -15.78 38.25
C SER D 327 -14.68 -16.01 37.79
N MET D 328 -15.05 -15.39 36.68
CA MET D 328 -16.42 -15.49 36.16
C MET D 328 -16.78 -16.93 35.80
N LEU D 329 -15.84 -17.68 35.20
CA LEU D 329 -16.13 -19.04 34.75
C LEU D 329 -16.05 -20.08 35.88
N SER D 330 -15.42 -19.74 37.00
CA SER D 330 -15.43 -20.60 38.17
C SER D 330 -16.61 -20.32 39.08
N ASP D 331 -17.33 -19.23 38.85
CA ASP D 331 -18.52 -18.93 39.64
C ASP D 331 -19.65 -19.86 39.23
N GLU D 332 -19.75 -20.99 39.94
CA GLU D 332 -20.73 -22.02 39.67
C GLU D 332 -22.15 -21.45 39.64
N GLU D 333 -22.47 -20.60 40.63
CA GLU D 333 -23.72 -19.84 40.64
C GLU D 333 -23.98 -19.16 39.29
N PHE D 334 -23.03 -18.36 38.82
CA PHE D 334 -23.29 -17.59 37.61
C PHE D 334 -23.33 -18.49 36.37
N THR D 335 -22.39 -19.43 36.23
CA THR D 335 -22.39 -20.26 35.03
C THR D 335 -23.63 -21.15 34.96
N GLU D 336 -24.08 -21.70 36.09
CA GLU D 336 -25.32 -22.48 36.03
C GLU D 336 -26.46 -21.63 35.49
N LYS D 337 -26.56 -20.37 35.93
CA LYS D 337 -27.67 -19.52 35.51
C LYS D 337 -27.51 -19.05 34.07
N TYR D 338 -26.30 -18.65 33.70
CA TYR D 338 -26.06 -18.21 32.33
C TYR D 338 -26.38 -19.33 31.34
N ILE D 339 -25.89 -20.54 31.61
CA ILE D 339 -26.09 -21.64 30.66
C ILE D 339 -27.57 -21.97 30.54
N ARG D 340 -28.26 -22.09 31.68
CA ARG D 340 -29.70 -22.33 31.66
C ARG D 340 -30.41 -21.25 30.85
N ILE D 341 -30.10 -19.98 31.11
CA ILE D 341 -30.84 -18.93 30.43
C ILE D 341 -30.45 -18.88 28.96
N ASN D 342 -29.18 -19.13 28.65
CA ASN D 342 -28.72 -19.09 27.27
C ASN D 342 -29.41 -20.17 26.44
N ARG D 343 -29.61 -21.36 27.02
CA ARG D 343 -30.38 -22.40 26.33
C ARG D 343 -31.80 -21.94 26.03
N GLU D 344 -32.42 -21.23 26.99
CA GLU D 344 -33.82 -20.86 26.81
C GLU D 344 -33.98 -19.73 25.81
N ARG D 345 -33.06 -18.75 25.78
CA ARG D 345 -33.20 -17.68 24.81
C ARG D 345 -32.95 -18.18 23.38
N LEU D 346 -31.96 -19.05 23.20
CA LEU D 346 -31.73 -19.59 21.87
C LEU D 346 -32.88 -20.47 21.44
N ARG D 347 -33.50 -21.19 22.38
CA ARG D 347 -34.66 -22.01 22.07
C ARG D 347 -35.80 -21.17 21.53
N ARG D 348 -36.02 -20.00 22.13
CA ARG D 348 -37.17 -19.21 21.74
C ARG D 348 -36.97 -18.56 20.38
N ARG D 349 -35.77 -18.03 20.11
CA ARG D 349 -35.51 -17.43 18.80
C ARG D 349 -35.49 -18.48 17.72
N TYR D 350 -34.92 -19.66 17.99
CA TYR D 350 -35.05 -20.75 17.02
C TYR D 350 -36.51 -20.98 16.73
N ASP D 351 -37.33 -20.99 17.78
CA ASP D 351 -38.76 -21.18 17.58
C ASP D 351 -39.35 -20.00 16.83
N THR D 352 -38.93 -18.77 17.17
CA THR D 352 -39.40 -17.58 16.44
C THR D 352 -39.08 -17.65 14.95
N ILE D 353 -37.88 -18.11 14.58
CA ILE D 353 -37.49 -18.09 13.16
C ILE D 353 -38.16 -19.22 12.38
N VAL D 354 -38.21 -20.42 12.95
CA VAL D 354 -38.71 -21.58 12.22
C VAL D 354 -40.20 -21.43 11.94
N GLU D 355 -40.87 -20.83 12.93
CA GLU D 355 -42.30 -20.54 12.82
C GLU D 355 -42.45 -19.29 11.97
N GLY D 356 -41.55 -18.32 12.11
CA GLY D 356 -41.65 -17.22 11.17
C GLY D 356 -41.55 -17.69 9.73
N LEU D 357 -40.62 -18.62 9.45
CA LEU D 357 -40.35 -19.00 8.05
C LEU D 357 -41.44 -19.85 7.39
N LYS D 358 -42.05 -20.68 8.24
CA LYS D 358 -43.15 -21.59 7.96
C LYS D 358 -44.35 -20.79 7.51
N LYS D 359 -44.63 -19.67 8.15
CA LYS D 359 -45.73 -18.82 7.70
C LYS D 359 -45.56 -18.52 6.23
N ALA D 360 -44.31 -18.38 5.78
CA ALA D 360 -43.96 -18.14 4.40
C ALA D 360 -43.80 -19.42 3.58
N GLY D 361 -44.07 -20.59 4.15
CA GLY D 361 -44.01 -21.82 3.39
C GLY D 361 -42.64 -22.47 3.25
N ILE D 362 -41.82 -22.40 4.29
CA ILE D 362 -40.46 -22.95 4.25
C ILE D 362 -40.30 -23.94 5.40
N GLU D 363 -39.92 -25.17 5.11
CA GLU D 363 -39.73 -26.10 6.19
C GLU D 363 -38.26 -26.19 6.54
N CYS D 364 -37.99 -26.40 7.80
CA CYS D 364 -36.64 -26.55 8.37
C CYS D 364 -36.45 -27.96 8.93
N LEU D 365 -35.20 -28.41 8.92
CA LEU D 365 -34.86 -29.60 9.68
C LEU D 365 -35.22 -29.37 11.14
N LYS D 366 -35.75 -30.41 11.80
CA LYS D 366 -36.05 -30.24 13.22
C LYS D 366 -34.73 -30.24 13.95
N GLY D 367 -34.29 -29.06 14.37
CA GLY D 367 -33.02 -28.92 15.05
C GLY D 367 -33.22 -28.63 16.52
N ASN D 368 -32.19 -28.89 17.33
CA ASN D 368 -32.34 -28.72 18.77
C ASN D 368 -31.09 -28.14 19.41
N ALA D 369 -30.34 -27.32 18.67
CA ALA D 369 -29.08 -26.79 19.18
C ALA D 369 -28.55 -25.71 18.26
N GLY D 370 -27.70 -24.86 18.78
CA GLY D 370 -26.90 -23.97 17.96
C GLY D 370 -27.51 -22.58 17.81
N LEU D 371 -26.94 -21.84 16.86
CA LEU D 371 -27.26 -20.44 16.65
C LEU D 371 -27.87 -20.19 15.28
N PHE D 372 -28.36 -21.23 14.63
CA PHE D 372 -28.74 -21.17 13.23
C PHE D 372 -29.74 -22.28 12.96
N CYS D 373 -30.55 -22.08 11.92
CA CYS D 373 -31.41 -23.14 11.44
C CYS D 373 -30.96 -23.60 10.06
N TRP D 374 -31.36 -24.80 9.70
CA TRP D 374 -31.01 -25.45 8.45
C TRP D 374 -32.25 -25.50 7.59
N MET D 375 -32.27 -24.70 6.54
CA MET D 375 -33.49 -24.33 5.84
C MET D 375 -33.51 -24.95 4.45
N ASN D 376 -34.62 -25.63 4.13
CA ASN D 376 -34.75 -26.33 2.85
C ASN D 376 -35.48 -25.43 1.85
N LEU D 377 -34.75 -24.97 0.82
CA LEU D 377 -35.34 -24.23 -0.28
C LEU D 377 -35.26 -25.00 -1.61
N GLY D 378 -35.08 -26.33 -1.54
CA GLY D 378 -34.95 -27.14 -2.74
C GLY D 378 -36.12 -27.07 -3.69
N PHE D 379 -37.31 -26.69 -3.19
CA PHE D 379 -38.49 -26.56 -4.03
C PHE D 379 -38.46 -25.34 -4.94
N LEU D 380 -37.55 -24.39 -4.68
CA LEU D 380 -37.37 -23.22 -5.52
C LEU D 380 -36.31 -23.40 -6.60
N LEU D 381 -35.80 -24.61 -6.76
CA LEU D 381 -34.68 -24.81 -7.69
C LEU D 381 -35.16 -25.27 -9.07
N GLU D 382 -34.41 -24.87 -10.11
CA GLU D 382 -34.67 -25.25 -11.51
C GLU D 382 -34.67 -26.77 -11.58
N LYS D 383 -33.54 -27.35 -11.23
CA LYS D 383 -33.40 -28.82 -11.15
C LYS D 383 -32.93 -29.14 -9.74
N LYS D 384 -31.73 -29.73 -9.66
CA LYS D 384 -31.17 -30.19 -8.37
C LYS D 384 -29.65 -30.14 -8.52
N THR D 385 -29.18 -29.18 -9.29
CA THR D 385 -27.72 -29.04 -9.44
C THR D 385 -27.24 -27.97 -8.47
N LYS D 386 -25.95 -27.93 -8.30
CA LYS D 386 -25.32 -27.08 -7.29
C LYS D 386 -25.21 -25.62 -7.70
N ASP D 387 -25.11 -25.30 -9.01
CA ASP D 387 -25.45 -23.96 -9.50
C ASP D 387 -26.90 -23.54 -9.42
N GLY D 388 -27.83 -24.47 -9.29
CA GLY D 388 -29.16 -24.01 -9.02
C GLY D 388 -29.21 -23.34 -7.67
N GLU D 389 -28.48 -23.90 -6.70
CA GLU D 389 -28.46 -23.36 -5.34
C GLU D 389 -27.72 -22.03 -5.26
N LEU D 390 -26.52 -21.92 -5.85
CA LEU D 390 -25.77 -20.67 -5.75
C LEU D 390 -26.44 -19.55 -6.53
N GLN D 391 -27.05 -19.88 -7.68
CA GLN D 391 -27.98 -18.92 -8.29
C GLN D 391 -28.99 -18.40 -7.29
N LEU D 392 -29.67 -19.31 -6.61
CA LEU D 392 -30.69 -18.91 -5.63
C LEU D 392 -30.05 -18.13 -4.50
N TRP D 393 -28.92 -18.62 -3.97
CA TRP D 393 -28.20 -17.91 -2.92
C TRP D 393 -27.86 -16.51 -3.40
N ASP D 394 -27.49 -16.39 -4.66
CA ASP D 394 -27.23 -15.10 -5.28
C ASP D 394 -28.50 -14.27 -5.35
N VAL D 395 -29.65 -14.92 -5.58
CA VAL D 395 -30.90 -14.18 -5.62
C VAL D 395 -31.24 -13.63 -4.24
N ILE D 396 -31.08 -14.43 -3.19
CA ILE D 396 -31.52 -13.98 -1.88
C ILE D 396 -30.63 -12.85 -1.37
N LEU D 397 -29.38 -12.80 -1.80
CA LEU D 397 -28.49 -11.75 -1.31
C LEU D 397 -28.74 -10.41 -1.97
N LYS D 398 -29.26 -10.40 -3.20
CA LYS D 398 -29.47 -9.10 -3.86
C LYS D 398 -30.90 -8.59 -3.69
N GLU D 399 -31.91 -9.42 -3.87
CA GLU D 399 -33.28 -8.96 -3.70
C GLU D 399 -33.61 -8.79 -2.22
N LEU D 400 -33.38 -9.83 -1.41
CA LEU D 400 -33.73 -9.78 0.00
C LEU D 400 -32.70 -9.07 0.86
N ASN D 401 -31.51 -8.79 0.33
CA ASN D 401 -30.43 -8.15 1.10
C ASN D 401 -30.23 -8.87 2.43
N LEU D 402 -30.11 -10.20 2.34
CA LEU D 402 -29.85 -11.06 3.47
C LEU D 402 -28.66 -11.95 3.16
N ASN D 403 -27.66 -11.92 4.02
CA ASN D 403 -26.53 -12.82 3.87
C ASN D 403 -26.84 -14.09 4.66
N ILE D 404 -27.03 -15.20 3.95
CA ILE D 404 -27.16 -16.52 4.52
C ILE D 404 -26.19 -17.43 3.77
N SER D 405 -25.93 -18.60 4.34
CA SER D 405 -24.90 -19.48 3.78
C SER D 405 -25.53 -20.54 2.91
N PRO D 406 -25.07 -20.74 1.67
CA PRO D 406 -25.62 -21.83 0.86
C PRO D 406 -25.10 -23.17 1.35
N GLY D 407 -26.02 -24.15 1.42
CA GLY D 407 -25.66 -25.45 1.94
C GLY D 407 -24.60 -26.16 1.14
N SER D 408 -24.47 -25.84 -0.15
CA SER D 408 -23.41 -26.42 -0.95
C SER D 408 -22.03 -25.91 -0.55
N SER D 409 -21.94 -24.73 0.07
CA SER D 409 -20.66 -24.33 0.63
C SER D 409 -20.33 -25.10 1.89
N CYS D 410 -21.31 -25.82 2.46
CA CYS D 410 -21.07 -26.74 3.56
C CYS D 410 -20.89 -28.17 3.08
N HIS D 411 -20.73 -28.37 1.77
CA HIS D 411 -20.54 -29.69 1.17
C HIS D 411 -21.74 -30.60 1.41
N CYS D 412 -22.94 -30.02 1.48
CA CYS D 412 -24.13 -30.84 1.61
C CYS D 412 -24.32 -31.72 0.38
N SER D 413 -24.78 -32.95 0.60
CA SER D 413 -24.98 -33.84 -0.53
C SER D 413 -26.30 -33.56 -1.24
N GLU D 414 -27.17 -32.75 -0.64
CA GLU D 414 -28.38 -32.28 -1.29
C GLU D 414 -28.27 -30.77 -1.43
N VAL D 415 -28.52 -30.26 -2.62
CA VAL D 415 -28.46 -28.83 -2.81
C VAL D 415 -29.81 -28.22 -2.47
N GLY D 416 -29.80 -26.92 -2.22
CA GLY D 416 -31.01 -26.19 -1.86
C GLY D 416 -31.17 -25.93 -0.39
N TRP D 417 -30.32 -26.50 0.45
CA TRP D 417 -30.38 -26.23 1.88
C TRP D 417 -29.57 -24.97 2.20
N PHE D 418 -30.02 -24.25 3.21
CA PHE D 418 -29.39 -22.99 3.62
C PHE D 418 -29.33 -22.90 5.13
N ARG D 419 -28.17 -22.46 5.62
CA ARG D 419 -28.00 -22.14 7.04
C ARG D 419 -28.31 -20.67 7.24
N VAL D 420 -29.15 -20.39 8.24
CA VAL D 420 -29.61 -19.04 8.54
C VAL D 420 -29.34 -18.80 10.02
N CYS D 421 -28.43 -17.86 10.32
CA CYS D 421 -28.08 -17.58 11.72
C CYS D 421 -29.02 -16.55 12.32
N PHE D 422 -29.50 -16.84 13.53
CA PHE D 422 -30.57 -16.04 14.14
C PHE D 422 -30.19 -15.40 15.47
N ALA D 423 -28.95 -15.59 15.95
CA ALA D 423 -28.58 -15.13 17.28
C ALA D 423 -27.68 -13.91 17.27
N ASN D 424 -27.37 -13.38 16.09
CA ASN D 424 -26.42 -12.28 15.89
C ASN D 424 -27.14 -11.00 15.48
N MET D 425 -28.27 -10.71 16.12
CA MET D 425 -29.21 -9.68 15.70
C MET D 425 -30.21 -9.43 16.82
N SER D 426 -30.87 -8.27 16.76
CA SER D 426 -31.98 -8.03 17.68
C SER D 426 -33.21 -8.78 17.17
N GLU D 427 -34.26 -8.81 17.99
CA GLU D 427 -35.46 -9.53 17.57
C GLU D 427 -36.30 -8.71 16.60
N ASN D 428 -36.21 -7.37 16.65
CA ASN D 428 -36.88 -6.59 15.62
C ASN D 428 -36.20 -6.79 14.26
N THR D 429 -34.87 -6.79 14.25
CA THR D 429 -34.16 -7.04 13.00
C THR D 429 -34.53 -8.41 12.45
N LEU D 430 -34.75 -9.39 13.33
CA LEU D 430 -35.19 -10.70 12.86
C LEU D 430 -36.58 -10.60 12.23
N GLU D 431 -37.47 -9.81 12.84
CA GLU D 431 -38.78 -9.62 12.25
C GLU D 431 -38.67 -8.96 10.87
N ILE D 432 -37.86 -7.91 10.77
CA ILE D 432 -37.66 -7.25 9.47
C ILE D 432 -37.15 -8.23 8.44
N ALA D 433 -36.16 -9.04 8.80
CA ALA D 433 -35.61 -10.00 7.85
C ALA D 433 -36.65 -11.03 7.44
N LEU D 434 -37.46 -11.51 8.40
CA LEU D 434 -38.52 -12.46 8.09
C LEU D 434 -39.57 -11.86 7.17
N LYS D 435 -39.92 -10.59 7.39
CA LYS D 435 -40.85 -9.89 6.50
C LYS D 435 -40.36 -9.91 5.07
N ARG D 436 -39.07 -9.62 4.87
CA ARG D 436 -38.47 -9.66 3.54
C ARG D 436 -38.61 -11.06 2.94
N ILE D 437 -38.46 -12.09 3.77
CA ILE D 437 -38.55 -13.46 3.29
C ILE D 437 -39.98 -13.82 2.91
N HIS D 438 -40.96 -13.36 3.69
CA HIS D 438 -42.35 -13.74 3.40
C HIS D 438 -42.83 -13.15 2.08
N GLU D 439 -42.49 -11.89 1.79
CA GLU D 439 -42.87 -11.28 0.51
C GLU D 439 -42.21 -11.98 -0.67
N PHE D 440 -40.99 -12.47 -0.49
CA PHE D 440 -40.30 -13.16 -1.57
C PHE D 440 -41.01 -14.46 -1.96
N MET D 441 -41.61 -15.16 -0.98
CA MET D 441 -42.43 -16.35 -1.23
C MET D 441 -43.83 -16.03 -1.72
N ASP D 442 -44.09 -14.80 -2.13
CA ASP D 442 -45.38 -14.43 -2.71
C ASP D 442 -45.24 -14.26 -4.23
N1 PPG E . 15.24 25.59 -16.27
C2 PPG E . 16.46 25.65 -15.71
C2A PPG E . 17.55 26.49 -16.39
C3 PPG E . 16.72 24.98 -14.52
O3 PPG E . 18.02 25.11 -13.99
C4 PPG E . 15.71 24.25 -13.95
C4A PPG E . 15.83 23.45 -12.64
C5 PPG E . 14.50 24.19 -14.56
C6 PPG E . 14.25 24.88 -15.72
C5A PPG E . 13.37 23.40 -13.93
OP4 PPG E . 12.71 24.33 -13.16
P PPG E . 11.16 24.08 -12.80
OP1 PPG E . 10.45 25.34 -13.06
OP2 PPG E . 10.64 22.96 -13.66
OP3 PPG E . 10.97 23.84 -11.35
N4A PPG E . 17.19 23.15 -12.29
CAI PPG E . 17.48 22.37 -11.36
CBC PPG E . 18.97 22.14 -11.09
O2B PPG E . 19.35 21.48 -10.09
O3B PPG E . 19.80 22.62 -11.89
CBI PPG E . 16.42 21.62 -10.54
CGI PPG E . 16.40 20.29 -10.48
OET PPG E . 15.42 19.60 -9.73
CEI PPG E . 15.04 18.30 -10.14
CFI PPG E . 14.75 18.21 -11.65
NI PPG E . 15.99 17.98 -12.40
S SO4 F . 4.21 42.21 -30.72
O1 SO4 F . 5.11 42.26 -29.60
O2 SO4 F . 3.59 40.91 -30.77
O3 SO4 F . 3.21 43.23 -30.55
O4 SO4 F . 4.91 42.43 -31.92
N1 PPG G . -10.31 10.78 -19.81
C2 PPG G . -11.61 10.79 -20.11
C2A PPG G . -12.31 9.50 -20.47
C3 PPG G . -12.31 11.98 -20.06
O3 PPG G . -13.67 11.87 -20.36
C4 PPG G . -11.66 13.14 -19.72
C4A PPG G . -12.33 14.52 -19.63
C5 PPG G . -10.33 13.09 -19.44
C6 PPG G . -9.66 11.90 -19.50
C5A PPG G . -9.51 14.32 -19.06
OP4 PPG G . -9.87 14.68 -17.77
P PPG G . -8.79 15.43 -16.76
OP1 PPG G . -8.39 14.43 -15.72
OP2 PPG G . -7.53 15.88 -17.52
OP3 PPG G . -9.46 16.60 -16.07
N4A PPG G . -13.67 14.54 -20.19
CAI PPG G . -14.04 15.56 -20.84
CBC PPG G . -15.43 15.57 -21.45
O2B PPG G . -16.12 16.63 -21.49
O3B PPG G . -15.87 14.51 -21.93
CBI PPG G . -13.13 16.76 -21.07
CGI PPG G . -13.48 18.02 -20.86
OET PPG G . -12.59 19.08 -21.15
CEI PPG G . -11.57 19.32 -20.22
CFI PPG G . -10.30 18.53 -20.54
NI PPG G . -9.42 18.53 -19.37
N1 PPG H . 12.03 -13.23 18.62
C2 PPG H . 13.14 -13.09 19.39
C2A PPG H . 14.47 -12.65 18.78
C3 PPG H . 13.11 -13.38 20.74
O3 PPG H . 14.32 -13.18 21.44
C4 PPG H . 11.93 -13.80 21.30
C4A PPG H . 11.77 -14.13 22.79
C5 PPG H . 10.83 -13.94 20.52
C6 PPG H . 10.87 -13.66 19.18
C5A PPG H . 9.50 -14.41 21.13
OP4 PPG H . 8.87 -13.30 21.73
P PPG H . 7.23 -13.33 21.88
OP1 PPG H . 6.69 -12.15 21.09
OP2 PPG H . 6.71 -14.60 21.28
OP3 PPG H . 6.84 -13.15 23.33
N4A PPG H . 13.04 -14.40 23.41
CAI PPG H . 13.13 -14.94 24.52
CBC PPG H . 14.52 -15.20 25.10
O2B PPG H . 14.71 -15.48 26.31
O3B PPG H . 15.49 -15.13 24.31
CBI PPG H . 11.89 -15.35 25.31
CGI PPG H . 11.90 -16.51 25.93
OET PPG H . 10.83 -17.02 26.68
CEI PPG H . 9.61 -16.44 26.36
CFI PPG H . 8.90 -17.22 25.25
NI PPG H . 7.95 -18.15 25.84
N1 PPG I . -15.40 -24.76 15.05
C2 PPG I . -16.65 -24.63 14.57
C2A PPG I . -17.53 -25.87 14.42
C3 PPG I . -17.16 -23.40 14.24
O3 PPG I . -18.49 -23.44 13.78
C4 PPG I . -16.38 -22.28 14.38
C4A PPG I . -16.83 -20.86 14.04
C5 PPG I . -15.09 -22.42 14.85
C6 PPG I . -14.61 -23.67 15.19
C5A PPG I . -14.15 -21.23 15.04
OP4 PPG I . -14.64 -20.47 16.11
P PPG I . -13.61 -19.65 17.09
OP1 PPG I . -13.54 -20.30 18.45
OP2 PPG I . -12.21 -19.60 16.52
OP3 PPG I . -14.13 -18.24 17.24
N4A PPG I . -17.97 -20.79 13.18
CAI PPG I . -18.19 -19.78 12.46
CBC PPG I . -19.42 -19.79 11.58
O2B PPG I . -20.03 -18.73 11.29
O3B PPG I . -19.84 -20.89 11.13
CBI PPG I . -17.23 -18.58 12.38
CGI PPG I . -17.72 -17.35 12.33
OET PPG I . -16.98 -16.15 12.20
CEI PPG I . -15.74 -16.06 12.82
CFI PPG I . -14.62 -16.61 11.93
NI PPG I . -14.09 -17.78 12.60
#